data_3DHU
#
_entry.id   3DHU
#
_cell.length_a   202.279
_cell.length_b   63.773
_cell.length_c   155.677
_cell.angle_alpha   90.000
_cell.angle_beta   102.930
_cell.angle_gamma   90.000
#
_symmetry.space_group_name_H-M   'C 1 2 1'
#
loop_
_entity.id
_entity.type
_entity.pdbx_description
1 polymer Alpha-amylase
2 water water
#
_entity_poly.entity_id   1
_entity_poly.type   'polypeptide(L)'
_entity_poly.pdbx_seq_one_letter_code
;MSLRDTQTQLRNEMIYSVFVRNYSEAGNFAGVTADLQRIKDLGTDILWLLPINPIGEVNRKGTLGSPYAIKDYRGINPEY
GTLADFKALTDRAHELGMKVMLDIVYNHTSPDSVLATEHPEWFYHDADGQLTNKVGDWSDVKDLDYGHHELWQYQIDTLL
YWSQFVDGYRCDVAPLVPLDFWLEARKQVNAKYPETLWLAESAGSGFIEELRSQGYTGLSDSELYQAFDMTYDYDVFGDF
KDYWQGRSTVERYVDLLQRQDATFPGNYVKMRFLENHDNARMMSLMHSKAEAVNNLTWIFMQRGIPLIYNGQEFLAEHQP
SLFDRDTMVADRHGDVTPLIQKLVTIKQLPLLRAADYQLAVVEEGIVKITYRAAGEALTAWIPLKGQVTAVATKLAAGSY
QNLLTDGPTEVVDGKLTVDGQPVLIKYVTNTAVTKVADQSNEGHHHHHH
;
_entity_poly.pdbx_strand_id   A,B,C,D
#
# COMPACT_ATOMS: atom_id res chain seq x y z
N GLN A 7 10.62 20.77 33.11
CA GLN A 7 11.50 19.64 32.63
C GLN A 7 10.72 18.50 31.96
N THR A 8 9.55 18.16 32.50
CA THR A 8 8.75 17.09 31.90
C THR A 8 8.14 17.49 30.54
N GLN A 9 8.12 18.80 30.23
CA GLN A 9 7.72 19.25 28.89
C GLN A 9 8.56 18.62 27.78
N LEU A 10 9.80 18.25 28.11
CA LEU A 10 10.68 17.66 27.11
C LEU A 10 10.15 16.30 26.68
N ARG A 11 9.29 15.71 27.51
CA ARG A 11 8.67 14.40 27.23
C ARG A 11 7.61 14.51 26.14
N ASN A 12 7.26 15.74 25.72
CA ASN A 12 6.35 15.93 24.58
C ASN A 12 7.10 16.31 23.34
N GLU A 13 8.43 16.20 23.38
CA GLU A 13 9.28 16.74 22.34
C GLU A 13 10.07 15.68 21.56
N MET A 14 10.83 16.14 20.57
CA MET A 14 11.71 15.28 19.77
C MET A 14 13.00 16.02 19.39
N ILE A 15 14.13 15.34 19.41
CA ILE A 15 15.40 15.92 18.96
C ILE A 15 15.80 15.34 17.61
N TYR A 16 16.32 16.19 16.72
CA TYR A 16 16.89 15.77 15.43
C TYR A 16 18.36 16.18 15.38
N SER A 17 19.22 15.24 15.04
CA SER A 17 20.65 15.42 15.19
C SER A 17 21.24 15.51 13.79
N VAL A 18 22.03 16.56 13.55
CA VAL A 18 22.57 16.81 12.21
C VAL A 18 24.09 16.79 12.21
N PHE A 19 24.67 16.05 11.27
CA PHE A 19 26.14 15.98 11.06
C PHE A 19 26.38 16.83 9.80
N VAL A 20 26.63 18.14 9.99
CA VAL A 20 26.68 19.13 8.90
C VAL A 20 27.55 18.68 7.74
N ARG A 21 28.79 18.25 8.04
CA ARG A 21 29.71 17.74 7.01
C ARG A 21 29.04 16.82 5.98
N ASN A 22 28.19 15.94 6.49
CA ASN A 22 27.65 14.84 5.73
C ASN A 22 26.17 14.94 5.33
N TYR A 23 25.47 15.95 5.88
CA TYR A 23 24.03 16.15 5.69
C TYR A 23 23.66 16.43 4.22
N SER A 24 24.51 17.21 3.55
CA SER A 24 24.31 17.60 2.16
C SER A 24 25.59 17.32 1.39
N GLU A 25 25.48 17.40 0.06
CA GLU A 25 26.64 17.27 -0.84
C GLU A 25 27.70 18.28 -0.49
N ALA A 26 27.27 19.54 -0.34
CA ALA A 26 28.16 20.65 -0.04
C ALA A 26 28.71 20.57 1.39
N GLY A 27 27.91 20.05 2.31
CA GLY A 27 28.43 19.80 3.69
C GLY A 27 28.78 21.03 4.53
N ASN A 28 28.03 22.10 4.31
CA ASN A 28 28.20 23.36 5.03
C ASN A 28 26.89 23.69 5.76
N PHE A 29 26.88 24.79 6.51
CA PHE A 29 25.66 25.27 7.17
C PHE A 29 24.52 25.52 6.18
N ALA A 30 24.88 26.12 5.03
CA ALA A 30 23.89 26.51 4.03
C ALA A 30 23.06 25.32 3.58
N GLY A 31 23.73 24.16 3.45
CA GLY A 31 23.10 22.90 3.09
C GLY A 31 22.04 22.51 4.10
N VAL A 32 22.26 22.85 5.36
CA VAL A 32 21.29 22.57 6.42
C VAL A 32 20.20 23.63 6.44
N THR A 33 20.62 24.89 6.45
CA THR A 33 19.70 26.06 6.42
C THR A 33 18.68 25.98 5.30
N ALA A 34 19.11 25.51 4.13
CA ALA A 34 18.24 25.45 2.97
C ALA A 34 17.10 24.49 3.22
N ASP A 35 17.27 23.60 4.19
CA ASP A 35 16.36 22.45 4.37
C ASP A 35 15.71 22.45 5.75
N LEU A 36 15.76 23.59 6.43
CA LEU A 36 15.20 23.66 7.77
C LEU A 36 13.68 23.47 7.81
N GLN A 37 12.97 23.80 6.73
CA GLN A 37 11.52 23.60 6.70
C GLN A 37 11.13 22.12 6.82
N ARG A 38 11.90 21.26 6.15
CA ARG A 38 11.68 19.82 6.21
C ARG A 38 11.94 19.28 7.62
N ILE A 39 13.06 19.67 8.21
CA ILE A 39 13.38 19.35 9.60
C ILE A 39 12.28 19.80 10.58
N LYS A 40 11.85 21.06 10.44
CA LYS A 40 10.70 21.55 11.19
C LYS A 40 9.45 20.66 10.97
N ASP A 41 9.11 20.42 9.71
CA ASP A 41 7.90 19.68 9.34
C ASP A 41 7.89 18.22 9.80
N LEU A 42 9.10 17.66 9.96
CA LEU A 42 9.25 16.34 10.56
C LEU A 42 8.70 16.25 12.00
N GLY A 43 8.71 17.40 12.68
CA GLY A 43 8.25 17.53 14.07
C GLY A 43 9.35 17.91 15.04
N THR A 44 10.49 18.30 14.52
CA THR A 44 11.67 18.63 15.37
C THR A 44 11.42 19.79 16.32
N ASP A 45 11.67 19.57 17.60
CA ASP A 45 11.63 20.66 18.58
C ASP A 45 13.06 21.19 18.78
N ILE A 46 14.04 20.31 18.83
CA ILE A 46 15.41 20.72 19.13
C ILE A 46 16.30 20.19 18.02
N LEU A 47 16.97 21.11 17.35
CA LEU A 47 17.95 20.77 16.34
C LEU A 47 19.34 20.78 16.97
N TRP A 48 19.89 19.58 17.18
CA TRP A 48 21.21 19.40 17.77
C TRP A 48 22.25 19.21 16.67
N LEU A 49 23.22 20.10 16.60
CA LEU A 49 24.29 20.00 15.61
C LEU A 49 25.50 19.33 16.21
N LEU A 50 26.10 18.41 15.47
CA LEU A 50 27.40 17.89 15.85
C LEU A 50 28.40 19.08 15.91
N PRO A 51 29.60 18.87 16.49
CA PRO A 51 30.49 20.05 16.67
C PRO A 51 30.78 20.82 15.40
N ILE A 52 30.84 22.14 15.53
CA ILE A 52 30.95 23.09 14.40
C ILE A 52 32.23 23.94 14.42
N ASN A 53 33.19 23.54 15.24
CA ASN A 53 34.43 24.30 15.42
C ASN A 53 35.57 23.72 14.60
N PRO A 54 36.65 24.50 14.39
CA PRO A 54 37.83 24.01 13.68
C PRO A 54 38.43 22.75 14.31
N ILE A 55 38.90 21.85 13.46
CA ILE A 55 39.36 20.54 13.88
C ILE A 55 40.86 20.45 13.86
N GLY A 56 41.41 19.80 14.90
CA GLY A 56 42.85 19.62 15.01
C GLY A 56 43.51 19.11 13.75
N GLU A 57 44.70 19.63 13.49
CA GLU A 57 45.59 19.17 12.42
C GLU A 57 46.61 18.15 12.96
N VAL A 58 47.18 18.43 14.13
CA VAL A 58 48.11 17.48 14.75
C VAL A 58 47.38 16.24 15.26
N ASN A 59 47.94 15.06 14.98
CA ASN A 59 47.37 13.75 15.35
C ASN A 59 45.94 13.54 14.86
N ARG A 60 45.58 14.25 13.79
CA ARG A 60 44.30 14.09 13.14
C ARG A 60 44.03 12.64 12.74
N LYS A 61 42.78 12.23 12.91
CA LYS A 61 42.36 10.91 12.47
C LYS A 61 41.66 11.06 11.14
N GLY A 62 42.13 10.32 10.12
CA GLY A 62 41.57 10.40 8.77
C GLY A 62 41.80 11.72 8.06
N THR A 63 40.98 12.00 7.05
CA THR A 63 41.27 13.14 6.18
C THR A 63 40.79 14.48 6.73
N LEU A 64 39.54 14.54 7.19
CA LEU A 64 39.00 15.80 7.77
C LEU A 64 39.08 15.83 9.28
N GLY A 65 39.27 14.67 9.89
CA GLY A 65 39.34 14.61 11.32
C GLY A 65 37.94 14.57 11.92
N SER A 66 37.90 14.16 13.19
CA SER A 66 36.67 14.06 13.91
C SER A 66 36.26 15.43 14.42
N PRO A 67 34.97 15.76 14.27
CA PRO A 67 34.50 17.05 14.81
C PRO A 67 34.69 17.17 16.32
N TYR A 68 34.94 16.05 16.96
CA TYR A 68 35.20 15.95 18.40
C TYR A 68 36.64 16.25 18.81
N ALA A 69 37.52 16.41 17.82
CA ALA A 69 38.90 16.89 18.07
C ALA A 69 39.02 18.38 17.73
N ILE A 70 38.69 19.23 18.72
CA ILE A 70 38.49 20.67 18.50
C ILE A 70 39.74 21.52 18.75
N LYS A 71 40.13 22.29 17.72
CA LYS A 71 41.28 23.21 17.79
C LYS A 71 40.94 24.56 18.44
N ASP A 72 39.68 24.98 18.32
CA ASP A 72 39.25 26.26 18.87
C ASP A 72 37.76 26.23 19.19
N TYR A 73 37.44 26.27 20.47
CA TYR A 73 36.07 26.24 20.96
C TYR A 73 35.28 27.46 20.53
N ARG A 74 35.98 28.54 20.21
CA ARG A 74 35.30 29.80 19.91
C ARG A 74 35.19 30.11 18.40
N GLY A 75 35.74 29.22 17.58
CA GLY A 75 35.77 29.42 16.12
C GLY A 75 34.71 28.62 15.36
N ILE A 76 34.60 28.88 14.06
CA ILE A 76 33.71 28.14 13.16
C ILE A 76 34.60 27.29 12.25
N ASN A 77 34.20 26.02 12.07
CA ASN A 77 34.90 25.13 11.16
C ASN A 77 34.74 25.69 9.75
N PRO A 78 35.85 26.06 9.10
CA PRO A 78 35.71 26.63 7.75
C PRO A 78 35.00 25.67 6.76
N GLU A 79 35.05 24.36 7.04
CA GLU A 79 34.31 23.34 6.29
C GLU A 79 32.85 23.69 6.15
N TYR A 80 32.31 24.30 7.19
CA TYR A 80 30.90 24.63 7.27
C TYR A 80 30.60 26.05 6.77
N GLY A 81 31.66 26.83 6.59
CA GLY A 81 31.52 28.21 6.16
C GLY A 81 31.96 29.21 7.21
N THR A 82 31.14 30.21 7.48
CA THR A 82 31.57 31.37 8.32
C THR A 82 30.59 31.61 9.48
N LEU A 83 30.94 32.54 10.37
CA LEU A 83 30.06 32.90 11.47
C LEU A 83 28.73 33.37 10.92
N ALA A 84 28.76 34.23 9.88
CA ALA A 84 27.51 34.72 9.29
C ALA A 84 26.66 33.55 8.81
N ASP A 85 27.29 32.52 8.25
CA ASP A 85 26.54 31.32 7.80
C ASP A 85 25.89 30.59 8.96
N PHE A 86 26.62 30.43 10.06
CA PHE A 86 26.03 29.87 11.28
C PHE A 86 24.86 30.68 11.76
N LYS A 87 25.06 32.00 11.87
CA LYS A 87 23.98 32.88 12.31
C LYS A 87 22.74 32.79 11.39
N ALA A 88 22.94 32.59 10.09
CA ALA A 88 21.80 32.43 9.17
C ALA A 88 21.01 31.15 9.51
N LEU A 89 21.73 30.10 9.88
CA LEU A 89 21.10 28.84 10.25
C LEU A 89 20.25 28.98 11.50
N THR A 90 20.84 29.53 12.57
CA THR A 90 20.15 29.70 13.85
C THR A 90 18.97 30.67 13.73
N ASP A 91 19.16 31.76 12.99
CA ASP A 91 18.09 32.70 12.76
C ASP A 91 16.90 32.04 12.06
N ARG A 92 17.20 31.22 11.06
CA ARG A 92 16.14 30.52 10.34
C ARG A 92 15.45 29.49 11.24
N ALA A 93 16.25 28.69 11.96
CA ALA A 93 15.69 27.72 12.92
C ALA A 93 14.72 28.41 13.92
N HIS A 94 15.14 29.55 14.47
CA HIS A 94 14.31 30.32 15.39
C HIS A 94 13.06 30.86 14.70
N GLU A 95 13.20 31.34 13.47
CA GLU A 95 12.04 31.81 12.73
C GLU A 95 10.98 30.70 12.62
N LEU A 96 11.45 29.46 12.45
CA LEU A 96 10.57 28.30 12.34
C LEU A 96 10.16 27.70 13.69
N GLY A 97 10.63 28.28 14.78
CA GLY A 97 10.22 27.84 16.12
C GLY A 97 11.00 26.69 16.72
N MET A 98 12.19 26.43 16.20
CA MET A 98 12.99 25.32 16.74
C MET A 98 14.01 25.93 17.67
N LYS A 99 14.48 25.14 18.64
CA LYS A 99 15.70 25.49 19.36
C LYS A 99 16.88 24.77 18.72
N VAL A 100 18.03 25.42 18.77
CA VAL A 100 19.28 24.90 18.30
C VAL A 100 20.12 24.50 19.52
N MET A 101 20.69 23.30 19.47
CA MET A 101 21.57 22.77 20.49
C MET A 101 22.93 22.51 19.84
N LEU A 102 24.00 22.94 20.49
CA LEU A 102 25.35 22.67 20.01
C LEU A 102 26.00 21.59 20.83
N ASP A 103 26.95 20.91 20.21
CA ASP A 103 27.69 19.85 20.85
C ASP A 103 28.89 20.48 21.57
N ILE A 104 29.00 20.19 22.87
CA ILE A 104 30.08 20.67 23.73
C ILE A 104 31.06 19.54 24.05
N VAL A 105 32.34 19.75 23.74
CA VAL A 105 33.31 18.69 23.83
C VAL A 105 34.39 19.10 24.85
N TYR A 106 34.07 18.93 26.14
CA TYR A 106 34.87 19.59 27.19
C TYR A 106 35.81 18.69 27.98
N ASN A 107 35.86 17.42 27.63
CA ASN A 107 36.86 16.53 28.24
C ASN A 107 38.29 16.80 27.74
N HIS A 108 38.40 17.32 26.51
CA HIS A 108 39.67 17.32 25.80
C HIS A 108 39.62 18.24 24.60
N THR A 109 40.80 18.62 24.10
CA THR A 109 40.95 19.40 22.89
C THR A 109 41.92 18.64 21.99
N SER A 110 42.04 19.02 20.72
CA SER A 110 43.18 18.57 19.90
C SER A 110 44.52 19.05 20.54
N PRO A 111 45.66 18.38 20.21
CA PRO A 111 46.94 18.77 20.78
C PRO A 111 47.40 20.17 20.35
N ASP A 112 46.85 20.67 19.22
CA ASP A 112 47.26 21.95 18.65
C ASP A 112 46.27 23.09 18.92
N SER A 113 45.40 22.88 19.89
CA SER A 113 44.31 23.81 20.15
C SER A 113 44.79 25.12 20.75
N VAL A 114 43.94 26.12 20.69
CA VAL A 114 44.20 27.42 21.30
C VAL A 114 44.58 27.26 22.78
N LEU A 115 43.74 26.57 23.54
CA LEU A 115 44.04 26.28 24.94
C LEU A 115 45.35 25.53 25.16
N ALA A 116 45.68 24.57 24.30
CA ALA A 116 46.91 23.80 24.47
C ALA A 116 48.17 24.64 24.15
N THR A 117 48.02 25.68 23.34
CA THR A 117 49.17 26.52 22.99
C THR A 117 49.29 27.67 24.00
N GLU A 118 48.15 28.18 24.45
CA GLU A 118 48.10 29.34 25.32
C GLU A 118 47.97 29.02 26.81
N HIS A 119 47.37 27.88 27.14
CA HIS A 119 47.23 27.46 28.54
C HIS A 119 47.58 25.98 28.73
N PRO A 120 48.82 25.60 28.35
CA PRO A 120 49.23 24.19 28.46
C PRO A 120 49.15 23.70 29.91
N GLU A 121 49.13 24.62 30.87
CA GLU A 121 49.06 24.28 32.29
C GLU A 121 47.66 23.74 32.67
N TRP A 122 46.65 24.11 31.91
CA TRP A 122 45.29 23.56 32.14
C TRP A 122 45.11 22.08 31.71
N PHE A 123 46.16 21.45 31.22
CA PHE A 123 46.09 20.09 30.75
C PHE A 123 46.78 19.11 31.65
N TYR A 124 46.34 17.85 31.61
CA TYR A 124 47.05 16.74 32.22
C TYR A 124 48.37 16.51 31.48
N HIS A 125 49.43 16.21 32.22
CA HIS A 125 50.74 15.94 31.66
C HIS A 125 51.27 14.72 32.35
N ASP A 126 51.77 13.78 31.56
CA ASP A 126 52.39 12.58 32.12
C ASP A 126 53.85 12.81 32.51
N ALA A 127 54.61 11.72 32.59
CA ALA A 127 55.99 11.74 33.11
C ALA A 127 56.93 12.62 32.29
N ASP A 128 56.90 12.44 30.96
CA ASP A 128 57.70 13.28 30.04
C ASP A 128 57.22 14.72 29.94
N GLY A 129 56.12 15.04 30.61
CA GLY A 129 55.53 16.37 30.48
C GLY A 129 54.78 16.49 29.17
N GLN A 130 54.51 15.36 28.53
CA GLN A 130 53.62 15.31 27.36
C GLN A 130 52.14 15.48 27.76
N LEU A 131 51.35 16.03 26.83
CA LEU A 131 49.91 16.04 26.99
C LEU A 131 49.48 14.58 26.89
N THR A 132 48.29 14.26 27.44
CA THR A 132 47.89 12.84 27.50
C THR A 132 46.38 12.60 27.32
N ASN A 133 46.03 11.37 26.97
CA ASN A 133 44.63 10.95 26.82
C ASN A 133 44.38 9.65 27.60
N LYS A 134 43.46 9.71 28.55
CA LYS A 134 43.00 8.57 29.37
C LYS A 134 42.42 7.39 28.57
N VAL A 135 41.81 7.69 27.43
CA VAL A 135 41.25 6.66 26.55
C VAL A 135 42.25 6.36 25.43
N GLY A 136 42.64 5.09 25.30
CA GLY A 136 43.62 4.67 24.29
C GLY A 136 43.28 5.12 22.87
N ASP A 137 42.09 4.75 22.42
CA ASP A 137 41.61 5.07 21.07
C ASP A 137 41.66 6.56 20.66
N TRP A 138 41.52 7.45 21.64
CA TRP A 138 41.46 8.90 21.40
C TRP A 138 42.81 9.61 21.12
N SER A 139 43.62 9.03 20.24
CA SER A 139 44.95 9.60 19.91
C SER A 139 44.91 11.06 19.37
N ASP A 140 43.75 11.50 18.87
CA ASP A 140 43.59 12.86 18.28
C ASP A 140 43.30 13.98 19.30
N VAL A 141 43.17 13.62 20.57
CA VAL A 141 42.81 14.65 21.57
C VAL A 141 43.58 14.49 22.89
N LYS A 142 43.63 15.55 23.70
CA LYS A 142 44.36 15.52 24.98
C LYS A 142 43.47 16.09 26.07
N ASP A 143 43.53 15.47 27.25
CA ASP A 143 42.62 15.77 28.36
C ASP A 143 42.88 17.08 29.09
N LEU A 144 41.82 17.82 29.37
CA LEU A 144 41.89 19.01 30.21
C LEU A 144 41.79 18.63 31.69
N ASP A 145 42.44 19.41 32.55
CA ASP A 145 42.41 19.16 33.99
C ASP A 145 41.58 20.19 34.70
N TYR A 146 40.37 19.77 35.08
CA TYR A 146 39.40 20.61 35.74
C TYR A 146 39.77 20.82 37.20
N GLY A 147 40.85 20.15 37.63
CA GLY A 147 41.57 20.55 38.83
C GLY A 147 42.01 22.02 38.83
N HIS A 148 42.30 22.59 37.65
CA HIS A 148 42.66 24.02 37.53
C HIS A 148 41.43 24.84 37.35
N HIS A 149 40.98 25.45 38.43
CA HIS A 149 39.76 26.20 38.47
C HIS A 149 39.68 27.44 37.53
N GLU A 150 40.83 27.90 37.03
CA GLU A 150 40.84 29.02 36.07
C GLU A 150 40.34 28.56 34.69
N LEU A 151 40.63 27.31 34.33
CA LEU A 151 40.03 26.66 33.13
C LEU A 151 38.52 26.86 33.08
N TRP A 152 37.86 26.63 34.20
CA TRP A 152 36.40 26.79 34.29
C TRP A 152 35.87 28.05 33.61
N GLN A 153 36.42 29.20 33.97
CA GLN A 153 35.81 30.47 33.53
C GLN A 153 35.89 30.70 32.03
N TYR A 154 36.97 30.20 31.45
CA TYR A 154 37.15 30.16 30.01
C TYR A 154 36.11 29.25 29.35
N GLN A 155 36.02 28.03 29.85
CA GLN A 155 34.96 27.11 29.41
C GLN A 155 33.60 27.73 29.43
N ILE A 156 33.28 28.46 30.49
CA ILE A 156 31.93 28.97 30.69
C ILE A 156 31.68 30.23 29.86
N ASP A 157 32.72 31.04 29.71
CA ASP A 157 32.65 32.21 28.84
C ASP A 157 32.40 31.81 27.39
N THR A 158 32.98 30.69 26.96
CA THR A 158 32.68 30.13 25.63
C THR A 158 31.17 29.88 25.47
N LEU A 159 30.55 29.32 26.51
CA LEU A 159 29.13 29.05 26.52
C LEU A 159 28.29 30.31 26.45
N LEU A 160 28.65 31.31 27.24
CA LEU A 160 27.83 32.51 27.25
C LEU A 160 27.87 33.17 25.86
N TYR A 161 29.03 33.05 25.20
CA TYR A 161 29.21 33.50 23.81
C TYR A 161 28.29 32.80 22.84
N TRP A 162 28.30 31.46 22.83
CA TRP A 162 27.45 30.73 21.90
C TRP A 162 25.99 30.88 22.27
N SER A 163 25.72 31.07 23.55
CA SER A 163 24.34 31.27 24.02
C SER A 163 23.64 32.50 23.43
N GLN A 164 24.41 33.35 22.77
CA GLN A 164 23.88 34.48 22.00
C GLN A 164 23.08 33.97 20.82
N PHE A 165 23.47 32.79 20.34
CA PHE A 165 22.99 32.18 19.08
C PHE A 165 22.11 30.94 19.29
N VAL A 166 22.42 30.15 20.33
CA VAL A 166 21.78 28.86 20.51
C VAL A 166 20.99 28.75 21.81
N ASP A 167 20.30 27.63 21.98
CA ASP A 167 19.29 27.49 23.01
C ASP A 167 19.63 26.39 24.00
N GLY A 168 20.75 25.69 23.80
CA GLY A 168 21.15 24.60 24.68
C GLY A 168 22.35 23.81 24.19
N TYR A 169 22.81 22.87 25.01
CA TYR A 169 24.06 22.16 24.75
C TYR A 169 23.90 20.67 24.96
N ARG A 170 24.50 19.89 24.03
CA ARG A 170 24.76 18.48 24.22
C ARG A 170 26.20 18.34 24.60
N CYS A 171 26.47 17.76 25.76
CA CYS A 171 27.82 17.67 26.32
C CYS A 171 28.42 16.28 26.15
N ASP A 172 29.39 16.22 25.25
CA ASP A 172 30.12 15.03 24.88
C ASP A 172 30.83 14.44 26.10
N VAL A 173 30.78 13.11 26.22
CA VAL A 173 31.32 12.35 27.36
C VAL A 173 31.30 13.17 28.68
N ALA A 174 30.12 13.69 29.01
CA ALA A 174 29.97 14.56 30.20
C ALA A 174 30.40 13.93 31.53
N PRO A 175 30.27 12.57 31.69
CA PRO A 175 30.67 11.93 32.95
C PRO A 175 32.15 12.02 33.28
N LEU A 176 32.95 12.39 32.30
CA LEU A 176 34.42 12.49 32.47
C LEU A 176 34.85 13.84 33.03
N VAL A 177 33.94 14.79 33.02
CA VAL A 177 34.17 16.15 33.50
C VAL A 177 33.47 16.31 34.85
N PRO A 178 34.18 16.87 35.87
CA PRO A 178 33.67 16.96 37.24
C PRO A 178 32.30 17.60 37.39
N LEU A 179 31.47 17.03 38.26
CA LEU A 179 30.13 17.56 38.49
C LEU A 179 30.17 19.02 38.93
N ASP A 180 31.14 19.39 39.78
CA ASP A 180 31.18 20.76 40.26
C ASP A 180 31.40 21.76 39.12
N PHE A 181 32.15 21.37 38.10
CA PHE A 181 32.26 22.23 36.94
C PHE A 181 30.90 22.41 36.26
N TRP A 182 30.23 21.30 35.96
CA TRP A 182 28.92 21.37 35.29
C TRP A 182 27.90 22.23 36.05
N LEU A 183 27.92 22.12 37.38
CA LEU A 183 26.96 22.87 38.22
C LEU A 183 27.15 24.39 38.10
N GLU A 184 28.40 24.81 38.03
CA GLU A 184 28.78 26.21 37.92
C GLU A 184 28.50 26.70 36.50
N ALA A 185 28.86 25.88 35.53
CA ALA A 185 28.60 26.14 34.12
C ALA A 185 27.14 26.43 33.93
N ARG A 186 26.30 25.52 34.40
CA ARG A 186 24.86 25.73 34.31
C ARG A 186 24.37 26.96 35.10
N LYS A 187 24.87 27.14 36.31
CA LYS A 187 24.51 28.30 37.12
C LYS A 187 24.75 29.63 36.36
N GLN A 188 25.94 29.80 35.80
CA GLN A 188 26.26 31.04 35.12
C GLN A 188 25.50 31.19 33.81
N VAL A 189 25.38 30.10 33.05
CA VAL A 189 24.72 30.16 31.76
C VAL A 189 23.22 30.44 31.87
N ASN A 190 22.51 29.70 32.73
CA ASN A 190 21.08 29.92 32.93
C ASN A 190 20.73 31.20 33.71
N ALA A 191 21.72 31.81 34.36
CA ALA A 191 21.52 33.11 35.00
C ALA A 191 21.28 34.22 33.97
N LYS A 192 22.00 34.13 32.84
CA LYS A 192 21.87 35.08 31.75
C LYS A 192 20.85 34.59 30.74
N TYR A 193 20.84 33.26 30.53
CA TYR A 193 19.96 32.60 29.56
C TYR A 193 19.14 31.49 30.25
N PRO A 194 18.06 31.87 30.98
CA PRO A 194 17.34 30.90 31.83
C PRO A 194 16.62 29.73 31.13
N GLU A 195 16.34 29.85 29.84
CA GLU A 195 15.62 28.81 29.17
C GLU A 195 16.55 27.67 28.70
N THR A 196 17.87 27.83 28.88
CA THR A 196 18.89 26.93 28.31
C THR A 196 18.70 25.45 28.63
N LEU A 197 18.80 24.62 27.58
CA LEU A 197 18.66 23.16 27.72
C LEU A 197 19.99 22.43 27.75
N TRP A 198 20.05 21.39 28.55
CA TRP A 198 21.27 20.69 28.85
C TRP A 198 21.04 19.16 28.70
N LEU A 199 21.73 18.58 27.73
CA LEU A 199 21.70 17.16 27.48
C LEU A 199 23.10 16.63 27.72
N ALA A 200 23.22 15.61 28.56
CA ALA A 200 24.53 14.99 28.80
C ALA A 200 24.64 13.70 27.98
N GLU A 201 25.79 13.46 27.32
CA GLU A 201 26.09 12.10 26.83
C GLU A 201 26.64 11.27 27.98
N SER A 202 25.72 10.64 28.70
CA SER A 202 26.03 9.79 29.84
C SER A 202 26.66 8.47 29.35
N ALA A 203 27.24 7.69 30.26
CA ALA A 203 27.99 6.48 29.89
C ALA A 203 27.26 5.20 30.24
N GLY A 204 27.78 4.09 29.74
CA GLY A 204 27.35 2.80 30.23
C GLY A 204 28.09 2.51 31.52
N SER A 205 27.62 1.53 32.27
CA SER A 205 28.25 1.15 33.54
C SER A 205 29.65 0.60 33.31
N GLY A 206 29.84 -0.06 32.19
CA GLY A 206 31.12 -0.61 31.85
C GLY A 206 32.23 0.44 31.82
N PHE A 207 31.96 1.55 31.15
CA PHE A 207 32.93 2.66 30.94
C PHE A 207 33.12 3.50 32.22
N ILE A 208 32.02 3.74 32.94
CA ILE A 208 32.06 4.38 34.24
C ILE A 208 33.00 3.57 35.15
N GLU A 209 32.82 2.26 35.22
CA GLU A 209 33.65 1.40 36.10
C GLU A 209 35.14 1.45 35.73
N GLU A 210 35.44 1.39 34.43
CA GLU A 210 36.82 1.44 33.93
C GLU A 210 37.47 2.75 34.31
N LEU A 211 36.72 3.83 34.15
CA LEU A 211 37.22 5.15 34.50
C LEU A 211 37.48 5.27 36.00
N ARG A 212 36.48 4.88 36.80
CA ARG A 212 36.60 4.96 38.25
C ARG A 212 37.73 4.09 38.78
N SER A 213 37.87 2.91 38.23
CA SER A 213 38.87 1.97 38.71
C SER A 213 40.31 2.49 38.48
N GLN A 214 40.47 3.42 37.54
CA GLN A 214 41.81 4.00 37.27
C GLN A 214 41.97 5.36 37.94
N GLY A 215 41.02 5.72 38.80
CA GLY A 215 41.08 6.97 39.54
C GLY A 215 40.55 8.17 38.79
N TYR A 216 40.11 7.97 37.55
CA TYR A 216 39.50 9.02 36.75
C TYR A 216 38.05 9.35 37.19
N THR A 217 37.60 10.57 36.88
CA THR A 217 36.22 11.00 37.11
C THR A 217 35.30 10.22 36.18
N GLY A 218 34.18 9.74 36.70
CA GLY A 218 33.21 8.93 35.94
C GLY A 218 31.84 9.06 36.58
N LEU A 219 31.11 10.10 36.19
CA LEU A 219 29.89 10.44 36.90
C LEU A 219 28.77 9.49 36.56
N SER A 220 27.95 9.17 37.57
CA SER A 220 26.74 8.38 37.34
C SER A 220 25.73 9.26 36.62
N ASP A 221 24.67 8.65 36.12
CA ASP A 221 23.68 9.35 35.31
C ASP A 221 22.93 10.26 36.25
N SER A 222 22.68 9.78 37.47
CA SER A 222 21.94 10.58 38.47
C SER A 222 22.75 11.80 38.90
N GLU A 223 24.08 11.67 39.03
CA GLU A 223 24.93 12.86 39.25
C GLU A 223 24.75 13.86 38.12
N LEU A 224 24.84 13.40 36.89
CA LEU A 224 24.58 14.28 35.74
C LEU A 224 23.24 15.00 35.84
N TYR A 225 22.19 14.31 36.30
CA TYR A 225 20.88 14.98 36.45
C TYR A 225 20.84 16.19 37.39
N GLN A 226 21.80 16.29 38.32
CA GLN A 226 21.89 17.50 39.15
C GLN A 226 22.15 18.76 38.28
N ALA A 227 22.79 18.56 37.11
CA ALA A 227 23.22 19.68 36.21
C ALA A 227 22.56 19.63 34.84
N PHE A 228 21.99 18.49 34.49
CA PHE A 228 21.43 18.30 33.15
C PHE A 228 19.95 17.99 33.20
N ASP A 229 19.23 18.44 32.18
CA ASP A 229 17.82 18.16 32.00
C ASP A 229 17.60 16.73 31.46
N MET A 230 18.50 16.29 30.57
CA MET A 230 18.38 14.99 29.90
C MET A 230 19.68 14.20 29.94
N THR A 231 19.59 12.87 29.88
CA THR A 231 20.76 12.02 29.64
C THR A 231 20.41 11.03 28.54
N TYR A 232 21.41 10.33 28.06
CA TYR A 232 21.23 9.32 27.03
C TYR A 232 20.81 8.00 27.65
N ASP A 233 20.04 7.18 26.91
CA ASP A 233 19.74 5.80 27.31
C ASP A 233 20.96 4.84 27.21
N TYR A 234 22.17 5.28 27.49
CA TYR A 234 23.31 4.37 27.41
C TYR A 234 23.34 3.37 28.58
N ASP A 235 22.50 3.58 29.62
CA ASP A 235 22.44 2.61 30.70
C ASP A 235 21.72 1.31 30.29
N VAL A 236 20.95 1.35 29.19
CA VAL A 236 20.05 0.28 28.81
C VAL A 236 20.04 0.03 27.30
N PHE A 237 20.65 0.91 26.53
CA PHE A 237 20.74 0.72 25.07
C PHE A 237 21.34 -0.63 24.69
N GLY A 238 22.40 -1.04 25.40
CA GLY A 238 22.98 -2.37 25.26
C GLY A 238 21.96 -3.48 25.48
N ASP A 239 21.07 -3.25 26.44
CA ASP A 239 20.07 -4.23 26.80
C ASP A 239 18.99 -4.29 25.72
N PHE A 240 18.65 -3.15 25.13
CA PHE A 240 17.78 -3.14 23.96
C PHE A 240 18.37 -3.97 22.84
N LYS A 241 19.62 -3.69 22.46
CA LYS A 241 20.27 -4.43 21.38
C LYS A 241 20.29 -5.94 21.64
N ASP A 242 20.65 -6.35 22.85
CA ASP A 242 20.68 -7.75 23.20
C ASP A 242 19.29 -8.40 23.04
N TYR A 243 18.26 -7.68 23.47
CA TYR A 243 16.90 -8.15 23.30
C TYR A 243 16.62 -8.25 21.82
N TRP A 244 16.89 -7.16 21.11
CA TRP A 244 16.61 -7.12 19.70
C TRP A 244 17.32 -8.24 18.94
N GLN A 245 18.55 -8.55 19.34
CA GLN A 245 19.34 -9.55 18.63
C GLN A 245 19.18 -10.96 19.21
N GLY A 246 18.22 -11.15 20.12
CA GLY A 246 17.83 -12.50 20.56
C GLY A 246 18.72 -13.12 21.63
N ARG A 247 19.58 -12.29 22.21
CA ARG A 247 20.49 -12.71 23.31
C ARG A 247 20.00 -12.34 24.73
N SER A 248 18.82 -11.71 24.78
CA SER A 248 18.09 -11.40 25.99
C SER A 248 16.59 -11.59 25.70
N THR A 249 15.77 -11.82 26.72
CA THR A 249 14.32 -11.90 26.54
C THR A 249 13.65 -10.54 26.81
N VAL A 250 12.39 -10.42 26.42
CA VAL A 250 11.65 -9.18 26.64
C VAL A 250 11.48 -8.93 28.14
N GLU A 251 11.30 -10.02 28.91
CA GLU A 251 11.08 -9.93 30.35
C GLU A 251 12.28 -9.32 31.07
N ARG A 252 13.50 -9.76 30.69
CA ARG A 252 14.73 -9.17 31.23
C ARG A 252 14.93 -7.68 30.85
N TYR A 253 14.68 -7.34 29.59
CA TYR A 253 14.76 -5.96 29.14
C TYR A 253 13.76 -5.06 29.87
N VAL A 254 12.48 -5.43 29.89
CA VAL A 254 11.47 -4.62 30.57
C VAL A 254 11.76 -4.54 32.06
N ASP A 255 12.24 -5.62 32.67
CA ASP A 255 12.64 -5.54 34.08
C ASP A 255 13.72 -4.45 34.33
N LEU A 256 14.66 -4.31 33.39
CA LEU A 256 15.71 -3.29 33.51
C LEU A 256 15.19 -1.87 33.35
N LEU A 257 14.21 -1.66 32.46
CA LEU A 257 13.56 -0.35 32.31
C LEU A 257 12.67 -0.02 33.48
N GLN A 258 12.08 -1.03 34.11
CA GLN A 258 11.30 -0.80 35.34
C GLN A 258 12.28 -0.32 36.42
N ARG A 259 13.38 -1.05 36.59
CA ARG A 259 14.42 -0.57 37.50
C ARG A 259 14.88 0.85 37.14
N GLN A 260 15.10 1.11 35.84
CA GLN A 260 15.59 2.42 35.36
C GLN A 260 14.65 3.55 35.78
N ASP A 261 13.36 3.27 35.77
CA ASP A 261 12.38 4.34 35.95
C ASP A 261 12.36 4.89 37.40
N ALA A 262 12.84 4.09 38.34
CA ALA A 262 12.88 4.47 39.76
C ALA A 262 14.30 4.78 40.21
N THR A 263 15.22 4.85 39.25
CA THR A 263 16.62 5.14 39.50
C THR A 263 16.90 6.64 39.57
N PHE A 264 16.08 7.41 38.86
CA PHE A 264 16.31 8.83 38.66
C PHE A 264 15.19 9.58 39.35
N PRO A 265 15.29 10.94 39.43
CA PRO A 265 14.23 11.77 40.04
C PRO A 265 12.96 11.70 39.21
N GLY A 266 11.82 11.97 39.85
CA GLY A 266 10.54 11.81 39.18
C GLY A 266 10.42 12.62 37.89
N ASN A 267 11.15 13.73 37.81
CA ASN A 267 11.08 14.59 36.63
C ASN A 267 12.09 14.24 35.52
N TYR A 268 12.79 13.12 35.63
CA TYR A 268 13.91 12.83 34.73
C TYR A 268 13.46 12.74 33.28
N VAL A 269 14.36 13.04 32.34
CA VAL A 269 14.11 12.84 30.91
C VAL A 269 15.29 12.06 30.33
N LYS A 270 15.03 10.82 29.91
CA LYS A 270 15.98 10.07 29.06
C LYS A 270 15.74 10.32 27.58
N MET A 271 16.83 10.49 26.83
CA MET A 271 16.75 10.52 25.35
C MET A 271 16.82 9.06 24.92
N ARG A 272 15.76 8.63 24.21
CA ARG A 272 15.56 7.26 23.76
C ARG A 272 15.93 7.27 22.31
N PHE A 273 16.66 6.24 21.87
CA PHE A 273 17.21 6.26 20.51
C PHE A 273 17.38 4.84 19.96
N LEU A 274 17.32 4.70 18.64
CA LEU A 274 17.68 3.43 17.96
C LEU A 274 19.05 3.51 17.28
N GLU A 275 19.55 4.72 17.11
CA GLU A 275 20.83 4.91 16.47
C GLU A 275 21.26 6.33 16.83
N ASN A 276 22.53 6.64 16.56
CA ASN A 276 23.03 8.02 16.60
C ASN A 276 24.36 8.06 15.84
N HIS A 277 25.08 9.17 15.89
CA HIS A 277 26.32 9.31 15.14
C HIS A 277 27.37 8.26 15.47
N ASP A 278 27.35 7.80 16.72
CA ASP A 278 28.34 6.91 17.26
C ASP A 278 27.92 5.44 17.08
N ASN A 279 26.74 5.20 16.52
CA ASN A 279 26.19 3.85 16.44
C ASN A 279 25.70 3.42 15.05
N ALA A 280 25.59 2.11 14.84
CA ALA A 280 25.03 1.54 13.61
C ALA A 280 23.62 2.09 13.42
N ARG A 281 23.18 2.21 12.17
CA ARG A 281 21.84 2.68 11.83
C ARG A 281 20.73 1.75 12.32
N MET A 282 19.56 2.32 12.61
CA MET A 282 18.33 1.55 12.86
C MET A 282 18.13 0.49 11.76
N MET A 283 18.29 0.92 10.51
CA MET A 283 18.06 0.03 9.36
C MET A 283 19.28 -0.84 9.04
N SER A 284 20.16 -1.02 10.02
CA SER A 284 21.10 -2.09 10.00
C SER A 284 20.70 -3.09 11.09
N LEU A 285 20.02 -2.63 12.13
CA LEU A 285 19.49 -3.51 13.17
C LEU A 285 18.32 -4.30 12.63
N MET A 286 17.53 -3.63 11.80
CA MET A 286 16.31 -4.21 11.25
C MET A 286 16.21 -3.79 9.78
N HIS A 287 15.26 -4.37 9.05
CA HIS A 287 15.38 -4.38 7.61
C HIS A 287 14.09 -4.21 6.87
N SER A 288 13.04 -3.81 7.59
CA SER A 288 11.76 -3.60 6.99
C SER A 288 11.09 -2.43 7.64
N LYS A 289 10.15 -1.85 6.88
CA LYS A 289 9.40 -0.71 7.36
C LYS A 289 8.49 -1.13 8.52
N ALA A 290 7.94 -2.35 8.47
CA ALA A 290 7.15 -2.90 9.58
C ALA A 290 7.89 -2.82 10.91
N GLU A 291 9.15 -3.27 10.91
CA GLU A 291 10.05 -3.20 12.06
C GLU A 291 10.33 -1.76 12.49
N ALA A 292 10.61 -0.89 11.53
CA ALA A 292 10.83 0.51 11.86
C ALA A 292 9.59 1.14 12.56
N VAL A 293 8.38 0.78 12.14
CA VAL A 293 7.19 1.37 12.74
C VAL A 293 7.13 0.98 14.22
N ASN A 294 7.27 -0.31 14.50
CA ASN A 294 7.25 -0.81 15.87
C ASN A 294 8.31 -0.16 16.75
N ASN A 295 9.53 -0.09 16.22
CA ASN A 295 10.65 0.41 17.03
C ASN A 295 10.71 1.92 17.18
N LEU A 296 10.25 2.67 16.17
CA LEU A 296 10.10 4.11 16.33
C LEU A 296 8.96 4.43 17.28
N THR A 297 7.90 3.62 17.23
CA THR A 297 6.81 3.80 18.18
C THR A 297 7.30 3.58 19.61
N TRP A 298 8.20 2.63 19.77
CA TRP A 298 8.77 2.30 21.07
C TRP A 298 9.64 3.44 21.62
N ILE A 299 10.53 4.01 20.81
CA ILE A 299 11.29 5.17 21.36
C ILE A 299 10.49 6.45 21.63
N PHE A 300 9.37 6.62 20.93
CA PHE A 300 8.43 7.75 21.15
C PHE A 300 7.49 7.53 22.34
N MET A 301 7.10 6.29 22.57
CA MET A 301 6.09 6.02 23.59
C MET A 301 6.66 5.77 24.99
N GLN A 302 7.94 5.39 25.08
CA GLN A 302 8.62 5.31 26.37
C GLN A 302 8.68 6.67 27.00
N ARG A 303 8.79 6.70 28.32
CA ARG A 303 8.94 7.96 29.03
C ARG A 303 10.28 8.61 28.73
N GLY A 304 10.21 9.79 28.10
CA GLY A 304 11.43 10.52 27.75
C GLY A 304 11.27 11.27 26.45
N ILE A 305 12.39 11.54 25.79
CA ILE A 305 12.42 12.33 24.55
C ILE A 305 13.20 11.56 23.46
N PRO A 306 12.55 11.25 22.31
CA PRO A 306 13.20 10.53 21.20
C PRO A 306 14.21 11.31 20.37
N LEU A 307 15.25 10.60 19.93
CA LEU A 307 16.23 11.15 19.01
C LEU A 307 16.01 10.55 17.64
N ILE A 308 16.01 11.42 16.62
CA ILE A 308 16.08 10.99 15.24
C ILE A 308 17.42 11.51 14.71
N TYR A 309 18.26 10.61 14.23
CA TYR A 309 19.56 10.99 13.66
C TYR A 309 19.37 11.29 12.15
N ASN A 310 19.92 12.38 11.64
CA ASN A 310 19.71 12.69 10.22
C ASN A 310 19.83 11.48 9.29
N GLY A 311 18.81 11.28 8.47
CA GLY A 311 18.83 10.15 7.54
C GLY A 311 18.03 8.93 8.01
N GLN A 312 17.78 8.85 9.32
CA GLN A 312 17.03 7.74 9.86
C GLN A 312 15.59 7.76 9.31
N GLU A 313 15.11 8.96 9.01
CA GLU A 313 13.73 9.13 8.50
C GLU A 313 13.62 8.64 7.05
N PHE A 314 14.77 8.40 6.40
CA PHE A 314 14.80 7.89 5.04
C PHE A 314 15.41 6.51 5.04
N LEU A 315 15.49 5.88 6.22
CA LEU A 315 15.92 4.49 6.33
C LEU A 315 17.37 4.30 5.86
N ALA A 316 18.23 5.23 6.22
CA ALA A 316 19.65 5.09 5.95
C ALA A 316 20.23 3.82 6.58
N GLU A 317 21.17 3.20 5.88
CA GLU A 317 21.74 1.94 6.35
C GLU A 317 23.19 2.07 6.81
N HIS A 318 23.85 3.12 6.35
CA HIS A 318 25.27 3.30 6.60
C HIS A 318 25.56 4.31 7.71
N GLN A 319 26.42 3.90 8.63
CA GLN A 319 26.85 4.77 9.73
C GLN A 319 27.94 5.70 9.20
N PRO A 320 27.63 7.01 9.05
CA PRO A 320 28.65 7.91 8.49
C PRO A 320 29.95 7.87 9.28
N SER A 321 31.07 7.86 8.58
CA SER A 321 32.38 8.00 9.25
C SER A 321 32.46 9.34 10.02
N LEU A 322 33.20 9.37 11.13
CA LEU A 322 33.46 10.66 11.80
C LEU A 322 34.67 11.40 11.23
N PHE A 323 35.46 10.67 10.42
CA PHE A 323 36.84 11.08 10.09
C PHE A 323 37.07 11.50 8.64
N ASP A 324 36.32 10.87 7.74
CA ASP A 324 36.42 11.15 6.29
C ASP A 324 35.06 11.50 5.76
N ARG A 325 35.04 12.29 4.70
CA ARG A 325 33.79 12.66 4.07
C ARG A 325 32.97 11.41 3.83
N ASP A 326 31.71 11.43 4.22
CA ASP A 326 30.86 10.26 4.06
C ASP A 326 29.40 10.70 3.83
N THR A 327 29.23 11.49 2.77
CA THR A 327 27.99 12.15 2.44
C THR A 327 26.83 11.16 2.44
N MET A 328 25.74 11.51 3.09
CA MET A 328 24.66 10.58 3.36
C MET A 328 23.44 10.76 2.43
N VAL A 329 23.59 11.58 1.39
CA VAL A 329 22.47 11.93 0.52
C VAL A 329 21.82 10.75 -0.24
N ALA A 330 22.66 9.88 -0.80
CA ALA A 330 22.22 8.70 -1.56
C ALA A 330 21.89 7.53 -0.64
N ASP A 331 22.13 7.68 0.65
CA ASP A 331 21.81 6.61 1.61
C ASP A 331 20.36 6.73 2.09
N ARG A 332 19.44 6.69 1.14
CA ARG A 332 18.00 6.76 1.41
C ARG A 332 17.32 5.57 0.75
N HIS A 333 16.47 4.89 1.49
CA HIS A 333 15.94 3.58 1.09
C HIS A 333 14.46 3.47 1.37
N GLY A 334 13.86 4.60 1.67
CA GLY A 334 12.44 4.64 1.96
C GLY A 334 12.18 5.94 2.65
N ASP A 335 10.99 6.06 3.23
CA ASP A 335 10.60 7.27 3.88
C ASP A 335 9.57 6.94 4.94
N VAL A 336 9.95 7.17 6.20
CA VAL A 336 8.99 7.06 7.28
C VAL A 336 8.66 8.42 7.87
N THR A 337 8.86 9.50 7.09
CA THR A 337 8.45 10.84 7.54
C THR A 337 6.99 10.85 8.07
N PRO A 338 6.01 10.37 7.27
CA PRO A 338 4.62 10.44 7.73
C PRO A 338 4.44 9.74 9.08
N LEU A 339 5.13 8.62 9.27
CA LEU A 339 5.07 7.90 10.55
C LEU A 339 5.59 8.73 11.69
N ILE A 340 6.76 9.33 11.49
CA ILE A 340 7.38 10.17 12.53
C ILE A 340 6.51 11.35 12.90
N GLN A 341 5.99 12.05 11.87
CA GLN A 341 5.04 13.18 12.05
C GLN A 341 3.83 12.79 12.86
N LYS A 342 3.31 11.61 12.57
CA LYS A 342 2.13 11.07 13.27
C LYS A 342 2.48 10.69 14.71
N LEU A 343 3.65 10.12 14.92
CA LEU A 343 4.09 9.87 16.30
C LEU A 343 4.28 11.18 17.05
N VAL A 344 4.80 12.19 16.35
CA VAL A 344 4.98 13.53 16.94
C VAL A 344 3.62 14.09 17.42
N THR A 345 2.55 13.88 16.65
CA THR A 345 1.26 14.43 17.08
C THR A 345 0.73 13.76 18.35
N ILE A 346 0.98 12.46 18.46
CA ILE A 346 0.62 11.68 19.66
C ILE A 346 1.52 12.08 20.83
N LYS A 347 2.83 12.19 20.58
CA LYS A 347 3.81 12.56 21.60
C LYS A 347 3.53 13.91 22.31
N GLN A 348 2.82 14.78 21.62
CA GLN A 348 2.42 16.10 22.10
C GLN A 348 1.34 16.06 23.17
N LEU A 349 0.61 14.95 23.25
CA LEU A 349 -0.51 14.81 24.21
C LEU A 349 -0.01 14.92 25.65
N PRO A 350 -0.77 15.63 26.52
CA PRO A 350 -0.39 15.81 27.93
C PRO A 350 -0.14 14.50 28.69
N LEU A 351 -0.83 13.45 28.30
CA LEU A 351 -0.67 12.15 28.97
C LEU A 351 0.79 11.67 28.94
N LEU A 352 1.54 12.09 27.91
CA LEU A 352 2.98 11.74 27.77
C LEU A 352 3.88 12.28 28.89
N ARG A 353 3.44 13.35 29.54
CA ARG A 353 4.09 13.91 30.75
C ARG A 353 3.62 13.26 32.06
N ALA A 354 2.69 12.30 32.00
CA ALA A 354 2.04 11.77 33.21
C ALA A 354 3.04 11.09 34.13
N ALA A 355 2.85 11.25 35.43
CA ALA A 355 3.76 10.65 36.40
C ALA A 355 3.55 9.14 36.44
N ASP A 356 2.30 8.71 36.28
CA ASP A 356 1.98 7.28 36.30
C ASP A 356 2.29 6.67 34.93
N TYR A 357 3.45 6.05 34.84
CA TYR A 357 3.87 5.35 33.63
C TYR A 357 4.21 3.95 34.02
N GLN A 358 3.66 2.99 33.29
CA GLN A 358 3.85 1.56 33.59
C GLN A 358 4.21 0.84 32.32
N LEU A 359 5.11 -0.12 32.48
CA LEU A 359 5.49 -1.02 31.43
C LEU A 359 5.11 -2.41 31.85
N ALA A 360 4.58 -3.21 30.93
CA ALA A 360 4.32 -4.62 31.19
C ALA A 360 4.60 -5.49 29.97
N VAL A 361 4.93 -6.76 30.21
CA VAL A 361 5.10 -7.73 29.12
C VAL A 361 3.81 -8.53 29.10
N VAL A 362 3.15 -8.53 27.95
CA VAL A 362 1.85 -9.19 27.81
C VAL A 362 1.95 -10.33 26.78
N GLU A 363 0.84 -10.61 26.11
CA GLU A 363 0.70 -11.79 25.25
C GLU A 363 1.83 -11.83 24.23
N GLU A 364 2.38 -13.02 24.02
CA GLU A 364 3.44 -13.27 23.04
C GLU A 364 4.67 -12.33 23.20
N GLY A 365 4.86 -11.77 24.39
CA GLY A 365 5.99 -10.88 24.64
C GLY A 365 5.83 -9.49 24.04
N ILE A 366 4.59 -9.13 23.68
CA ILE A 366 4.26 -7.74 23.40
C ILE A 366 4.54 -6.86 24.63
N VAL A 367 5.00 -5.64 24.39
CA VAL A 367 5.23 -4.67 25.49
C VAL A 367 4.00 -3.76 25.54
N LYS A 368 3.44 -3.63 26.73
CA LYS A 368 2.33 -2.74 26.95
C LYS A 368 2.78 -1.53 27.78
N ILE A 369 2.64 -0.34 27.21
CA ILE A 369 2.92 0.91 27.91
C ILE A 369 1.61 1.59 28.32
N THR A 370 1.56 2.10 29.56
CA THR A 370 0.40 2.90 30.00
C THR A 370 0.81 4.15 30.72
N TYR A 371 0.25 5.27 30.28
CA TYR A 371 0.33 6.51 31.03
C TYR A 371 -1.06 6.78 31.60
N ARG A 372 -1.16 7.16 32.86
CA ARG A 372 -2.46 7.54 33.46
C ARG A 372 -2.38 8.91 34.13
N ALA A 373 -3.35 9.79 33.86
CA ALA A 373 -3.46 11.06 34.62
C ALA A 373 -4.84 11.69 34.50
N ALA A 374 -5.34 12.21 35.63
CA ALA A 374 -6.54 13.06 35.63
C ALA A 374 -7.70 12.41 34.90
N GLY A 375 -7.95 11.16 35.28
CA GLY A 375 -9.09 10.41 34.76
C GLY A 375 -9.05 10.01 33.30
N GLU A 376 -7.88 10.13 32.70
CA GLU A 376 -7.64 9.62 31.33
C GLU A 376 -6.41 8.72 31.32
N ALA A 377 -6.32 7.85 30.30
CA ALA A 377 -5.18 6.95 30.10
C ALA A 377 -4.86 6.79 28.60
N LEU A 378 -3.59 6.53 28.32
CA LEU A 378 -3.15 6.10 27.01
C LEU A 378 -2.42 4.77 27.18
N THR A 379 -2.84 3.77 26.40
CA THR A 379 -2.14 2.48 26.35
C THR A 379 -1.60 2.24 24.94
N ALA A 380 -0.33 1.84 24.86
CA ALA A 380 0.25 1.40 23.61
C ALA A 380 0.65 -0.07 23.72
N TRP A 381 0.08 -0.91 22.88
CA TRP A 381 0.56 -2.26 22.68
C TRP A 381 1.56 -2.27 21.55
N ILE A 382 2.82 -2.55 21.87
CA ILE A 382 3.90 -2.47 20.89
C ILE A 382 4.52 -3.85 20.71
N PRO A 383 4.26 -4.48 19.54
CA PRO A 383 4.75 -5.82 19.22
C PRO A 383 6.09 -5.72 18.53
N LEU A 384 7.15 -5.59 19.35
CA LEU A 384 8.48 -5.22 18.82
C LEU A 384 8.93 -6.20 17.77
N LYS A 385 8.42 -7.43 17.91
CA LYS A 385 8.81 -8.57 17.08
C LYS A 385 7.77 -8.93 16.03
N GLY A 386 6.77 -8.08 15.82
CA GLY A 386 5.76 -8.33 14.80
C GLY A 386 4.73 -9.37 15.21
N GLN A 387 4.54 -9.54 16.52
CA GLN A 387 3.63 -10.56 17.07
C GLN A 387 2.20 -10.26 16.64
N VAL A 388 1.48 -11.31 16.24
CA VAL A 388 0.08 -11.20 15.82
C VAL A 388 -0.69 -12.08 16.76
N THR A 389 -1.56 -11.45 17.55
CA THR A 389 -2.27 -12.14 18.61
C THR A 389 -3.35 -11.22 19.16
N ALA A 390 -4.35 -11.81 19.79
CA ALA A 390 -5.27 -11.03 20.62
C ALA A 390 -4.57 -10.74 21.93
N VAL A 391 -4.85 -9.56 22.47
CA VAL A 391 -4.33 -9.13 23.76
C VAL A 391 -5.50 -8.76 24.66
N ALA A 392 -5.34 -9.00 25.96
CA ALA A 392 -6.41 -8.74 26.91
C ALA A 392 -6.44 -7.26 27.26
N THR A 393 -7.66 -6.78 27.50
CA THR A 393 -7.91 -5.38 27.88
C THR A 393 -9.15 -5.36 28.75
N LYS A 394 -9.26 -4.36 29.62
CA LYS A 394 -10.42 -4.18 30.50
C LYS A 394 -11.37 -3.18 29.90
N LEU A 395 -11.09 -2.74 28.68
CA LEU A 395 -11.98 -1.84 27.95
C LEU A 395 -13.30 -2.55 27.63
N ALA A 396 -14.41 -1.81 27.72
CA ALA A 396 -15.72 -2.31 27.28
C ALA A 396 -15.70 -2.57 25.79
N ALA A 397 -16.53 -3.51 25.34
CA ALA A 397 -16.56 -3.87 23.93
C ALA A 397 -16.88 -2.66 23.09
N GLY A 398 -16.40 -2.67 21.87
CA GLY A 398 -16.74 -1.62 20.94
C GLY A 398 -15.52 -1.17 20.17
N SER A 399 -15.72 -0.12 19.41
CA SER A 399 -14.72 0.33 18.48
C SER A 399 -13.96 1.51 19.05
N TYR A 400 -12.64 1.40 19.07
CA TYR A 400 -11.80 2.48 19.54
C TYR A 400 -10.89 2.94 18.41
N GLN A 401 -10.39 4.17 18.52
CA GLN A 401 -9.51 4.72 17.49
C GLN A 401 -8.07 4.34 17.88
N ASN A 402 -7.41 3.57 17.01
CA ASN A 402 -5.98 3.40 17.11
C ASN A 402 -5.35 4.71 16.67
N LEU A 403 -4.84 5.44 17.65
CA LEU A 403 -4.18 6.73 17.41
C LEU A 403 -3.08 6.67 16.34
N LEU A 404 -2.45 5.51 16.18
CA LEU A 404 -1.35 5.39 15.20
C LEU A 404 -1.87 5.44 13.76
N THR A 405 -2.99 4.77 13.52
CA THR A 405 -3.51 4.63 12.16
C THR A 405 -4.74 5.51 11.94
N ASP A 406 -5.35 5.98 13.02
CA ASP A 406 -6.65 6.62 12.95
C ASP A 406 -7.69 5.65 12.40
N GLY A 407 -7.46 4.36 12.58
CA GLY A 407 -8.37 3.32 12.12
C GLY A 407 -9.09 2.73 13.30
N PRO A 408 -10.31 2.18 13.09
CA PRO A 408 -11.01 1.54 14.21
C PRO A 408 -10.34 0.25 14.64
N THR A 409 -10.46 -0.04 15.93
CA THR A 409 -9.86 -1.21 16.58
C THR A 409 -10.97 -1.81 17.45
N GLU A 410 -11.35 -3.05 17.16
CA GLU A 410 -12.47 -3.64 17.86
C GLU A 410 -12.08 -4.34 19.17
N VAL A 411 -12.70 -3.93 20.28
CA VAL A 411 -12.60 -4.69 21.52
C VAL A 411 -13.80 -5.64 21.66
N VAL A 412 -13.51 -6.94 21.77
CA VAL A 412 -14.52 -8.00 21.77
C VAL A 412 -14.17 -8.93 22.93
N ASP A 413 -15.11 -9.14 23.83
CA ASP A 413 -14.90 -10.05 24.96
C ASP A 413 -13.55 -9.86 25.67
N GLY A 414 -13.24 -8.60 25.99
CA GLY A 414 -12.07 -8.23 26.78
C GLY A 414 -10.75 -8.51 26.07
N LYS A 415 -10.80 -8.45 24.74
CA LYS A 415 -9.68 -8.75 23.88
C LYS A 415 -9.72 -7.89 22.64
N LEU A 416 -8.51 -7.49 22.23
CA LEU A 416 -8.29 -6.68 21.07
C LEU A 416 -7.16 -7.36 20.24
N THR A 417 -7.21 -7.20 18.92
CA THR A 417 -6.24 -7.79 18.01
C THR A 417 -5.04 -6.85 17.78
N VAL A 418 -3.85 -7.34 18.08
CA VAL A 418 -2.63 -6.67 17.67
C VAL A 418 -2.10 -7.43 16.47
N ASP A 419 -2.07 -6.78 15.30
CA ASP A 419 -1.71 -7.44 14.03
C ASP A 419 -0.24 -7.16 13.63
N GLY A 420 0.68 -7.30 14.58
CA GLY A 420 2.12 -7.06 14.31
C GLY A 420 2.56 -5.62 14.18
N GLN A 421 1.67 -4.68 14.51
CA GLN A 421 1.93 -3.24 14.50
C GLN A 421 1.27 -2.64 15.73
N PRO A 422 1.74 -1.46 16.19
CA PRO A 422 1.26 -0.93 17.49
C PRO A 422 -0.22 -0.55 17.53
N VAL A 423 -0.82 -0.70 18.70
CA VAL A 423 -2.19 -0.25 18.92
C VAL A 423 -2.11 0.74 20.05
N LEU A 424 -2.48 1.99 19.75
CA LEU A 424 -2.47 3.07 20.72
C LEU A 424 -3.90 3.55 20.98
N ILE A 425 -4.37 3.39 22.21
CA ILE A 425 -5.74 3.84 22.55
C ILE A 425 -5.76 4.78 23.76
N LYS A 426 -6.33 5.97 23.55
CA LYS A 426 -6.57 6.92 24.64
C LYS A 426 -8.02 6.76 25.12
N TYR A 427 -8.22 6.72 26.42
CA TYR A 427 -9.55 6.41 26.99
C TYR A 427 -9.70 7.02 28.38
N VAL A 428 -10.95 7.05 28.85
CA VAL A 428 -11.31 7.67 30.11
C VAL A 428 -10.97 6.76 31.29
N GLN B 7 0.94 40.48 -2.40
CA GLN B 7 -0.32 39.78 -2.74
C GLN B 7 -0.07 38.37 -3.28
N THR B 8 1.03 38.20 -4.02
CA THR B 8 1.27 36.90 -4.63
C THR B 8 1.82 35.88 -3.63
N GLN B 9 2.11 36.34 -2.41
CA GLN B 9 2.50 35.44 -1.32
C GLN B 9 1.36 34.46 -1.01
N LEU B 10 0.13 34.90 -1.25
CA LEU B 10 -1.04 34.07 -1.06
C LEU B 10 -1.00 32.85 -1.97
N ARG B 11 -0.24 32.95 -3.07
CA ARG B 11 -0.09 31.85 -3.99
C ARG B 11 0.77 30.72 -3.39
N ASN B 12 1.36 30.94 -2.23
CA ASN B 12 2.11 29.91 -1.48
C ASN B 12 1.30 29.34 -0.33
N GLU B 13 0.02 29.67 -0.27
CA GLU B 13 -0.74 29.40 0.95
C GLU B 13 -1.93 28.50 0.72
N MET B 14 -2.62 28.17 1.80
CA MET B 14 -3.87 27.43 1.75
C MET B 14 -4.84 27.95 2.80
N ILE B 15 -6.11 27.95 2.44
CA ILE B 15 -7.24 28.30 3.32
C ILE B 15 -7.97 27.04 3.78
N TYR B 16 -8.27 26.97 5.08
CA TYR B 16 -9.15 25.94 5.64
C TYR B 16 -10.43 26.57 6.14
N SER B 17 -11.57 26.01 5.74
CA SER B 17 -12.87 26.59 6.01
C SER B 17 -13.60 25.74 7.02
N VAL B 18 -14.06 26.37 8.10
CA VAL B 18 -14.68 25.66 9.21
C VAL B 18 -16.13 26.08 9.43
N PHE B 19 -17.05 25.10 9.35
CA PHE B 19 -18.46 25.30 9.73
C PHE B 19 -18.64 24.88 11.20
N VAL B 20 -18.58 25.85 12.12
CA VAL B 20 -18.44 25.54 13.55
C VAL B 20 -19.58 24.67 14.04
N ARG B 21 -20.80 24.94 13.56
CA ARG B 21 -21.96 24.19 14.03
C ARG B 21 -21.72 22.69 13.90
N ASN B 22 -21.11 22.34 12.78
CA ASN B 22 -21.07 20.96 12.32
C ASN B 22 -19.71 20.30 12.44
N TYR B 23 -18.68 21.11 12.75
CA TYR B 23 -17.29 20.64 12.82
C TYR B 23 -17.07 19.58 13.91
N SER B 24 -17.77 19.76 15.03
CA SER B 24 -17.66 18.89 16.20
C SER B 24 -19.06 18.56 16.67
N GLU B 25 -19.18 17.52 17.48
CA GLU B 25 -20.47 17.11 18.06
C GLU B 25 -21.10 18.25 18.88
N ALA B 26 -20.29 18.90 19.70
CA ALA B 26 -20.73 20.01 20.55
C ALA B 26 -21.12 21.19 19.68
N GLY B 27 -20.36 21.40 18.59
CA GLY B 27 -20.75 22.36 17.56
C GLY B 27 -20.57 23.78 18.06
N ASN B 28 -19.51 23.99 18.83
CA ASN B 28 -19.20 25.29 19.43
C ASN B 28 -17.79 25.70 19.10
N PHE B 29 -17.41 26.91 19.45
CA PHE B 29 -16.02 27.37 19.28
C PHE B 29 -15.01 26.42 19.92
N ALA B 30 -15.32 25.90 21.12
CA ALA B 30 -14.35 25.08 21.85
C ALA B 30 -13.99 23.80 21.09
N GLY B 31 -14.98 23.23 20.38
CA GLY B 31 -14.78 22.05 19.54
C GLY B 31 -13.74 22.30 18.46
N VAL B 32 -13.63 23.54 18.00
CA VAL B 32 -12.62 23.93 17.00
C VAL B 32 -11.31 24.23 17.69
N THR B 33 -11.35 25.10 18.71
CA THR B 33 -10.17 25.47 19.50
C THR B 33 -9.37 24.23 19.92
N ALA B 34 -10.08 23.21 20.41
CA ALA B 34 -9.47 21.97 20.86
C ALA B 34 -8.65 21.30 19.77
N ASP B 35 -8.97 21.60 18.49
CA ASP B 35 -8.39 20.83 17.37
C ASP B 35 -7.53 21.71 16.46
N LEU B 36 -7.20 22.91 16.93
CA LEU B 36 -6.40 23.84 16.13
C LEU B 36 -5.02 23.34 15.74
N GLN B 37 -4.41 22.50 16.58
CA GLN B 37 -3.11 21.87 16.22
C GLN B 37 -3.21 21.04 14.95
N ARG B 38 -4.28 20.26 14.84
CA ARG B 38 -4.51 19.48 13.65
C ARG B 38 -4.70 20.35 12.41
N ILE B 39 -5.48 21.41 12.57
CA ILE B 39 -5.69 22.36 11.47
C ILE B 39 -4.38 23.01 11.02
N LYS B 40 -3.54 23.38 11.99
CA LYS B 40 -2.26 23.99 11.70
C LYS B 40 -1.37 22.98 10.96
N ASP B 41 -1.32 21.75 11.49
CA ASP B 41 -0.49 20.67 10.94
C ASP B 41 -0.86 20.23 9.52
N LEU B 42 -2.13 20.38 9.17
CA LEU B 42 -2.57 20.15 7.80
C LEU B 42 -1.91 21.12 6.79
N GLY B 43 -1.46 22.29 7.28
CA GLY B 43 -0.76 23.28 6.45
C GLY B 43 -1.52 24.57 6.30
N THR B 44 -2.53 24.74 7.14
CA THR B 44 -3.44 25.88 7.06
C THR B 44 -2.75 27.18 7.36
N ASP B 45 -2.89 28.15 6.45
CA ASP B 45 -2.37 29.50 6.67
C ASP B 45 -3.50 30.39 7.20
N ILE B 46 -4.67 30.25 6.60
CA ILE B 46 -5.84 31.07 6.90
C ILE B 46 -6.98 30.17 7.27
N LEU B 47 -7.48 30.38 8.48
CA LEU B 47 -8.63 29.65 8.99
C LEU B 47 -9.79 30.57 8.82
N TRP B 48 -10.69 30.18 7.93
CA TRP B 48 -11.87 30.96 7.62
C TRP B 48 -13.08 30.30 8.27
N LEU B 49 -13.73 31.03 9.16
CA LEU B 49 -14.93 30.53 9.82
C LEU B 49 -16.17 30.95 9.06
N LEU B 50 -17.12 30.05 8.81
CA LEU B 50 -18.47 30.47 8.37
C LEU B 50 -19.07 31.46 9.41
N PRO B 51 -20.15 32.17 9.08
CA PRO B 51 -20.62 33.22 10.03
C PRO B 51 -20.83 32.75 11.49
N ILE B 52 -20.48 33.60 12.45
CA ILE B 52 -20.47 33.28 13.88
C ILE B 52 -21.41 34.14 14.72
N ASN B 53 -22.36 34.80 14.06
CA ASN B 53 -23.25 35.79 14.70
C ASN B 53 -24.65 35.20 14.97
N PRO B 54 -25.44 35.84 15.87
CA PRO B 54 -26.80 35.34 16.13
C PRO B 54 -27.64 35.29 14.86
N ILE B 55 -28.49 34.26 14.76
CA ILE B 55 -29.28 33.99 13.57
C ILE B 55 -30.74 34.37 13.71
N GLY B 56 -31.29 34.96 12.65
CA GLY B 56 -32.71 35.29 12.57
C GLY B 56 -33.65 34.19 13.00
N GLU B 57 -34.76 34.61 13.61
CA GLU B 57 -35.84 33.73 14.05
C GLU B 57 -37.03 33.91 13.12
N VAL B 58 -37.33 35.16 12.76
CA VAL B 58 -38.37 35.44 11.77
C VAL B 58 -38.00 34.91 10.36
N ASN B 59 -38.93 34.15 9.77
CA ASN B 59 -38.75 33.55 8.45
C ASN B 59 -37.51 32.65 8.34
N ARG B 60 -37.01 32.19 9.49
CA ARG B 60 -35.87 31.27 9.56
C ARG B 60 -36.11 30.06 8.69
N LYS B 61 -35.06 29.57 8.02
CA LYS B 61 -35.11 28.31 7.29
C LYS B 61 -34.59 27.16 8.17
N GLY B 62 -35.30 26.03 8.12
CA GLY B 62 -35.03 24.87 8.97
C GLY B 62 -35.08 25.18 10.46
N THR B 63 -34.36 24.38 11.23
CA THR B 63 -34.44 24.44 12.69
C THR B 63 -33.51 25.46 13.31
N LEU B 64 -32.26 25.46 12.88
CA LEU B 64 -31.27 26.39 13.43
C LEU B 64 -31.08 27.64 12.58
N GLY B 65 -31.53 27.63 11.34
CA GLY B 65 -31.30 28.78 10.49
C GLY B 65 -29.93 28.75 9.84
N SER B 66 -29.85 29.37 8.68
CA SER B 66 -28.59 29.52 8.00
C SER B 66 -27.74 30.60 8.72
N PRO B 67 -26.44 30.34 8.85
CA PRO B 67 -25.51 31.32 9.45
C PRO B 67 -25.52 32.65 8.69
N TYR B 68 -25.98 32.62 7.44
CA TYR B 68 -26.02 33.80 6.55
C TYR B 68 -27.27 34.65 6.74
N ALA B 69 -28.13 34.24 7.67
CA ALA B 69 -29.30 35.07 8.02
C ALA B 69 -29.09 35.67 9.39
N ILE B 70 -28.39 36.80 9.40
CA ILE B 70 -27.82 37.36 10.61
C ILE B 70 -28.72 38.39 11.29
N LYS B 71 -29.03 38.09 12.56
CA LYS B 71 -29.81 38.98 13.41
C LYS B 71 -28.98 40.15 14.00
N ASP B 72 -27.67 39.97 14.18
CA ASP B 72 -26.83 40.99 14.81
C ASP B 72 -25.37 40.82 14.41
N TYR B 73 -24.89 41.73 13.56
CA TYR B 73 -23.53 41.66 13.02
C TYR B 73 -22.46 41.77 14.12
N ARG B 74 -22.87 42.21 15.29
CA ARG B 74 -21.91 42.57 16.33
C ARG B 74 -21.89 41.63 17.53
N GLY B 75 -22.72 40.59 17.48
CA GLY B 75 -22.84 39.61 18.55
C GLY B 75 -22.38 38.21 18.17
N ILE B 76 -22.33 37.34 19.18
CA ILE B 76 -21.87 35.97 19.04
C ILE B 76 -23.07 35.06 19.05
N ASN B 77 -23.17 34.21 18.03
CA ASN B 77 -24.15 33.14 18.03
C ASN B 77 -24.01 32.28 19.31
N PRO B 78 -25.05 32.31 20.21
CA PRO B 78 -24.97 31.55 21.45
C PRO B 78 -24.74 30.05 21.21
N GLU B 79 -25.12 29.56 20.01
CA GLU B 79 -24.84 28.21 19.56
C GLU B 79 -23.36 27.86 19.72
N TYR B 80 -22.52 28.86 19.47
CA TYR B 80 -21.05 28.68 19.44
C TYR B 80 -20.41 28.95 20.79
N GLY B 81 -21.15 29.61 21.68
CA GLY B 81 -20.67 29.91 23.02
C GLY B 81 -20.74 31.40 23.28
N THR B 82 -19.64 31.95 23.82
CA THR B 82 -19.52 33.36 24.21
C THR B 82 -18.39 34.06 23.46
N LEU B 83 -18.28 35.38 23.66
CA LEU B 83 -17.16 36.18 23.15
C LEU B 83 -15.84 35.71 23.72
N ALA B 84 -15.82 35.36 25.02
CA ALA B 84 -14.61 34.83 25.61
C ALA B 84 -14.18 33.56 24.86
N ASP B 85 -15.11 32.68 24.51
CA ASP B 85 -14.80 31.45 23.77
C ASP B 85 -14.23 31.74 22.38
N PHE B 86 -14.80 32.72 21.69
CA PHE B 86 -14.26 33.19 20.43
C PHE B 86 -12.85 33.71 20.58
N LYS B 87 -12.63 34.57 21.57
CA LYS B 87 -11.29 35.10 21.84
C LYS B 87 -10.29 33.96 22.11
N ALA B 88 -10.74 32.89 22.75
CA ALA B 88 -9.86 31.77 23.04
C ALA B 88 -9.48 31.07 21.74
N LEU B 89 -10.44 31.01 20.80
CA LEU B 89 -10.16 30.42 19.48
C LEU B 89 -9.14 31.27 18.69
N THR B 90 -9.37 32.59 18.64
CA THR B 90 -8.47 33.47 17.89
C THR B 90 -7.07 33.57 18.52
N ASP B 91 -6.99 33.72 19.84
CA ASP B 91 -5.72 33.58 20.58
C ASP B 91 -4.96 32.31 20.27
N ARG B 92 -5.65 31.17 20.30
CA ARG B 92 -4.97 29.91 20.02
C ARG B 92 -4.51 29.83 18.56
N ALA B 93 -5.37 30.29 17.65
CA ALA B 93 -5.03 30.30 16.23
C ALA B 93 -3.76 31.15 16.02
N HIS B 94 -3.74 32.34 16.63
CA HIS B 94 -2.57 33.21 16.56
C HIS B 94 -1.31 32.63 17.20
N GLU B 95 -1.46 31.90 18.29
CA GLU B 95 -0.30 31.30 18.97
C GLU B 95 0.34 30.26 18.07
N LEU B 96 -0.54 29.54 17.36
CA LEU B 96 -0.14 28.57 16.32
C LEU B 96 0.35 29.18 15.01
N GLY B 97 0.15 30.48 14.82
CA GLY B 97 0.72 31.13 13.64
C GLY B 97 -0.20 31.13 12.45
N MET B 98 -1.50 30.97 12.68
CA MET B 98 -2.50 31.01 11.60
C MET B 98 -3.20 32.36 11.66
N LYS B 99 -3.75 32.80 10.54
CA LYS B 99 -4.65 33.95 10.51
C LYS B 99 -6.09 33.48 10.58
N VAL B 100 -6.96 34.30 11.16
CA VAL B 100 -8.36 33.97 11.25
C VAL B 100 -9.16 34.90 10.33
N MET B 101 -10.05 34.30 9.55
CA MET B 101 -10.87 35.02 8.60
C MET B 101 -12.33 34.76 8.94
N LEU B 102 -13.07 35.86 9.10
CA LEU B 102 -14.52 35.81 9.33
C LEU B 102 -15.38 36.06 8.11
N ASP B 103 -16.55 35.43 8.09
CA ASP B 103 -17.52 35.59 7.01
C ASP B 103 -18.39 36.83 7.24
N ILE B 104 -18.36 37.75 6.28
CA ILE B 104 -19.09 39.01 6.32
C ILE B 104 -20.24 38.96 5.33
N VAL B 105 -21.46 39.16 5.87
CA VAL B 105 -22.67 38.96 5.08
C VAL B 105 -23.43 40.29 4.93
N TYR B 106 -22.93 41.14 4.03
CA TYR B 106 -23.33 42.54 3.99
C TYR B 106 -24.43 42.94 2.98
N ASN B 107 -24.93 41.96 2.22
CA ASN B 107 -26.03 42.20 1.27
C ASN B 107 -27.38 42.33 1.97
N HIS B 108 -27.48 41.67 3.13
CA HIS B 108 -28.77 41.48 3.76
C HIS B 108 -28.60 41.07 5.20
N THR B 109 -29.69 41.22 5.95
CA THR B 109 -29.81 40.83 7.33
C THR B 109 -31.07 39.97 7.44
N SER B 110 -31.27 39.34 8.59
CA SER B 110 -32.57 38.69 8.86
C SER B 110 -33.65 39.79 8.99
N PRO B 111 -34.94 39.42 8.84
CA PRO B 111 -35.99 40.43 8.92
C PRO B 111 -36.06 41.06 10.31
N ASP B 112 -35.60 40.33 11.34
CA ASP B 112 -35.68 40.77 12.74
C ASP B 112 -34.35 41.25 13.32
N SER B 113 -33.41 41.55 12.43
CA SER B 113 -32.08 41.97 12.82
C SER B 113 -32.10 43.32 13.52
N VAL B 114 -31.02 43.63 14.22
CA VAL B 114 -30.85 44.92 14.90
C VAL B 114 -31.10 46.10 13.94
N LEU B 115 -30.47 46.05 12.77
CA LEU B 115 -30.69 47.04 11.71
C LEU B 115 -32.13 47.13 11.21
N ALA B 116 -32.80 45.99 11.05
CA ALA B 116 -34.18 45.99 10.55
C ALA B 116 -35.13 46.67 11.54
N THR B 117 -34.77 46.62 12.83
CA THR B 117 -35.66 47.16 13.84
C THR B 117 -35.31 48.62 14.19
N GLU B 118 -34.04 48.95 14.17
CA GLU B 118 -33.56 50.27 14.59
C GLU B 118 -33.31 51.23 13.42
N HIS B 119 -33.16 50.69 12.21
CA HIS B 119 -32.82 51.49 11.03
C HIS B 119 -33.48 50.91 9.79
N PRO B 120 -34.82 50.77 9.79
CA PRO B 120 -35.45 50.15 8.64
C PRO B 120 -35.37 51.04 7.41
N GLU B 121 -34.85 52.26 7.57
CA GLU B 121 -34.68 53.17 6.45
C GLU B 121 -33.55 52.68 5.53
N TRP B 122 -32.58 51.98 6.12
CA TRP B 122 -31.41 51.46 5.38
C TRP B 122 -31.69 50.24 4.49
N PHE B 123 -32.95 49.83 4.45
CA PHE B 123 -33.38 48.70 3.64
C PHE B 123 -34.19 49.14 2.42
N TYR B 124 -34.16 48.33 1.36
CA TYR B 124 -35.11 48.44 0.27
C TYR B 124 -36.52 48.00 0.74
N HIS B 125 -37.57 48.58 0.14
CA HIS B 125 -38.95 48.14 0.42
C HIS B 125 -39.72 48.04 -0.86
N ASP B 126 -40.66 47.11 -0.93
CA ASP B 126 -41.49 46.96 -2.11
C ASP B 126 -42.79 47.78 -2.05
N LEU B 131 -40.11 45.01 3.68
CA LEU B 131 -38.75 44.55 3.37
C LEU B 131 -38.76 43.55 2.24
N THR B 132 -37.62 43.40 1.57
CA THR B 132 -37.61 42.64 0.32
C THR B 132 -36.26 41.93 0.04
N ASN B 133 -36.36 40.81 -0.67
CA ASN B 133 -35.18 40.07 -1.14
C ASN B 133 -35.17 39.99 -2.67
N LYS B 134 -34.14 40.58 -3.30
CA LYS B 134 -33.87 40.45 -4.76
C LYS B 134 -33.80 39.01 -5.29
N VAL B 135 -33.27 38.09 -4.47
CA VAL B 135 -33.21 36.66 -4.80
C VAL B 135 -34.37 35.92 -4.14
N GLY B 136 -35.20 35.27 -4.98
CA GLY B 136 -36.43 34.63 -4.51
C GLY B 136 -36.20 33.59 -3.44
N ASP B 137 -35.22 32.71 -3.67
CA ASP B 137 -34.89 31.62 -2.75
C ASP B 137 -34.56 32.06 -1.31
N TRP B 138 -33.92 33.22 -1.19
CA TRP B 138 -33.51 33.79 0.11
C TRP B 138 -34.64 34.42 0.95
N SER B 139 -35.69 33.64 1.22
CA SER B 139 -36.84 34.06 2.04
C SER B 139 -36.52 34.39 3.51
N ASP B 140 -35.37 33.94 4.00
CA ASP B 140 -34.94 34.22 5.38
C ASP B 140 -34.17 35.54 5.58
N VAL B 141 -33.94 36.25 4.47
CA VAL B 141 -33.17 37.52 4.57
C VAL B 141 -33.78 38.66 3.76
N LYS B 142 -33.35 39.89 4.09
CA LYS B 142 -33.89 41.08 3.43
C LYS B 142 -32.75 42.01 3.11
N ASP B 143 -32.81 42.65 1.93
CA ASP B 143 -31.67 43.40 1.35
C ASP B 143 -31.51 44.80 1.89
N LEU B 144 -30.27 45.13 2.26
CA LEU B 144 -29.85 46.46 2.62
C LEU B 144 -29.59 47.36 1.39
N ASP B 145 -29.88 48.65 1.56
CA ASP B 145 -29.72 49.67 0.52
C ASP B 145 -28.50 50.56 0.73
N TYR B 146 -27.43 50.35 -0.03
CA TYR B 146 -26.22 51.14 0.14
C TYR B 146 -26.28 52.51 -0.50
N GLY B 147 -27.40 52.82 -1.14
CA GLY B 147 -27.70 54.23 -1.49
C GLY B 147 -27.79 55.09 -0.23
N HIS B 148 -28.03 54.46 0.91
CA HIS B 148 -27.95 55.15 2.20
C HIS B 148 -26.54 55.14 2.72
N HIS B 149 -25.85 56.25 2.55
CA HIS B 149 -24.46 56.35 2.98
C HIS B 149 -24.26 56.24 4.50
N GLU B 150 -25.34 56.49 5.27
CA GLU B 150 -25.35 56.34 6.75
C GLU B 150 -25.13 54.87 7.17
N LEU B 151 -25.77 53.94 6.47
CA LEU B 151 -25.47 52.51 6.61
C LEU B 151 -23.97 52.21 6.53
N TRP B 152 -23.29 52.87 5.61
CA TRP B 152 -21.87 52.56 5.37
C TRP B 152 -21.04 52.51 6.63
N GLN B 153 -21.10 53.56 7.43
CA GLN B 153 -20.22 53.64 8.61
C GLN B 153 -20.61 52.66 9.70
N TYR B 154 -21.91 52.41 9.89
CA TYR B 154 -22.33 51.31 10.73
C TYR B 154 -21.63 50.00 10.31
N GLN B 155 -21.72 49.63 9.03
CA GLN B 155 -21.06 48.42 8.50
C GLN B 155 -19.56 48.42 8.74
N ILE B 156 -18.91 49.56 8.51
CA ILE B 156 -17.45 49.62 8.62
C ILE B 156 -17.04 49.58 10.09
N ASP B 157 -17.80 50.26 10.97
CA ASP B 157 -17.58 50.23 12.44
C ASP B 157 -17.56 48.79 12.96
N THR B 158 -18.45 47.94 12.45
CA THR B 158 -18.52 46.53 12.85
C THR B 158 -17.22 45.82 12.51
N LEU B 159 -16.69 46.08 11.32
CA LEU B 159 -15.44 45.46 10.90
C LEU B 159 -14.24 45.86 11.75
N LEU B 160 -14.21 47.13 12.14
CA LEU B 160 -13.12 47.66 12.95
C LEU B 160 -13.12 47.05 14.36
N TYR B 161 -14.32 46.76 14.86
CA TYR B 161 -14.54 45.93 16.07
C TYR B 161 -13.98 44.52 15.94
N TRP B 162 -14.43 43.79 14.92
CA TRP B 162 -13.95 42.43 14.73
C TRP B 162 -12.47 42.38 14.38
N SER B 163 -11.94 43.39 13.70
CA SER B 163 -10.50 43.38 13.41
C SER B 163 -9.58 43.42 14.65
N GLN B 164 -10.15 43.75 15.81
CA GLN B 164 -9.41 43.63 17.09
C GLN B 164 -8.99 42.18 17.34
N PHE B 165 -9.76 41.26 16.76
CA PHE B 165 -9.63 39.83 16.98
C PHE B 165 -9.09 39.05 15.77
N VAL B 166 -9.49 39.45 14.56
CA VAL B 166 -9.24 38.61 13.36
C VAL B 166 -8.36 39.32 12.31
N ASP B 167 -7.98 38.60 11.27
CA ASP B 167 -6.95 39.02 10.33
C ASP B 167 -7.40 39.29 8.90
N GLY B 168 -8.67 39.03 8.62
CA GLY B 168 -9.21 39.22 7.27
C GLY B 168 -10.68 38.87 7.19
N TYR B 169 -11.28 39.14 6.04
CA TYR B 169 -12.71 38.91 5.85
C TYR B 169 -13.01 38.20 4.54
N ARG B 170 -13.88 37.20 4.63
CA ARG B 170 -14.52 36.58 3.47
C ARG B 170 -15.89 37.19 3.30
N CYS B 171 -16.16 37.77 2.13
CA CYS B 171 -17.34 38.60 1.94
C CYS B 171 -18.36 37.92 1.06
N ASP B 172 -19.43 37.47 1.72
CA ASP B 172 -20.51 36.70 1.14
C ASP B 172 -21.18 37.50 0.01
N VAL B 173 -21.43 36.83 -1.12
CA VAL B 173 -21.95 37.48 -2.34
C VAL B 173 -21.53 38.99 -2.47
N ALA B 174 -20.23 39.23 -2.43
CA ALA B 174 -19.67 40.58 -2.49
C ALA B 174 -20.09 41.39 -3.74
N PRO B 175 -20.30 40.76 -4.91
CA PRO B 175 -20.68 41.52 -6.10
C PRO B 175 -22.04 42.20 -6.01
N LEU B 176 -22.86 41.81 -5.03
CA LEU B 176 -24.17 42.44 -4.78
C LEU B 176 -24.08 43.81 -4.08
N VAL B 177 -22.93 44.07 -3.47
CA VAL B 177 -22.67 45.29 -2.70
C VAL B 177 -21.78 46.26 -3.50
N PRO B 178 -22.15 47.56 -3.57
CA PRO B 178 -21.47 48.53 -4.44
C PRO B 178 -19.98 48.57 -4.19
N LEU B 179 -19.20 48.71 -5.25
CA LEU B 179 -17.74 48.76 -5.13
C LEU B 179 -17.27 49.94 -4.27
N ASP B 180 -17.94 51.09 -4.36
CA ASP B 180 -17.51 52.26 -3.58
C ASP B 180 -17.57 51.97 -2.09
N PHE B 181 -18.59 51.23 -1.67
CA PHE B 181 -18.59 50.75 -0.29
C PHE B 181 -17.36 49.87 0.05
N TRP B 182 -17.16 48.78 -0.67
CA TRP B 182 -15.98 47.92 -0.44
C TRP B 182 -14.65 48.71 -0.41
N LEU B 183 -14.54 49.71 -1.26
CA LEU B 183 -13.30 50.52 -1.30
C LEU B 183 -13.09 51.34 -0.02
N GLU B 184 -14.16 51.93 0.49
CA GLU B 184 -14.09 52.72 1.71
C GLU B 184 -13.87 51.81 2.94
N ALA B 185 -14.56 50.68 2.96
CA ALA B 185 -14.45 49.69 4.04
C ALA B 185 -13.00 49.26 4.20
N ARG B 186 -12.40 48.86 3.08
CA ARG B 186 -10.99 48.51 3.10
C ARG B 186 -10.11 49.71 3.45
N LYS B 187 -10.43 50.87 2.91
CA LYS B 187 -9.66 52.08 3.24
C LYS B 187 -9.56 52.26 4.75
N GLN B 188 -10.69 52.29 5.45
CA GLN B 188 -10.68 52.54 6.89
C GLN B 188 -10.05 51.37 7.68
N VAL B 189 -10.51 50.16 7.38
CA VAL B 189 -9.98 48.95 8.02
C VAL B 189 -8.46 48.78 7.88
N ASN B 190 -7.95 48.85 6.66
CA ASN B 190 -6.51 48.69 6.46
C ASN B 190 -5.69 49.90 6.93
N ALA B 191 -6.32 51.05 7.09
CA ALA B 191 -5.65 52.20 7.73
C ALA B 191 -5.23 51.84 9.18
N LYS B 192 -6.12 51.17 9.92
CA LYS B 192 -5.88 50.71 11.30
C LYS B 192 -5.11 49.36 11.38
N TYR B 193 -5.49 48.44 10.49
CA TYR B 193 -4.98 47.07 10.49
C TYR B 193 -4.50 46.76 9.07
N PRO B 194 -3.30 47.27 8.72
CA PRO B 194 -2.77 47.17 7.36
C PRO B 194 -2.50 45.78 6.82
N GLU B 195 -2.51 44.76 7.67
CA GLU B 195 -2.23 43.43 7.12
C GLU B 195 -3.52 42.71 6.69
N THR B 196 -4.67 43.33 6.97
CA THR B 196 -5.99 42.72 6.79
C THR B 196 -6.20 42.16 5.38
N LEU B 197 -6.70 40.93 5.35
CA LEU B 197 -6.99 40.26 4.09
C LEU B 197 -8.47 40.25 3.69
N TRP B 198 -8.65 40.25 2.38
CA TRP B 198 -9.95 40.42 1.80
C TRP B 198 -10.17 39.39 0.71
N LEU B 199 -11.12 38.50 0.95
CA LEU B 199 -11.59 37.51 -0.03
C LEU B 199 -13.07 37.77 -0.37
N ALA B 200 -13.38 37.91 -1.66
CA ALA B 200 -14.76 38.10 -2.15
C ALA B 200 -15.34 36.79 -2.67
N GLU B 201 -16.53 36.42 -2.20
CA GLU B 201 -17.29 35.42 -2.92
C GLU B 201 -17.81 36.05 -4.21
N SER B 202 -17.00 35.93 -5.26
CA SER B 202 -17.41 36.41 -6.59
C SER B 202 -18.46 35.49 -7.24
N ALA B 203 -19.03 35.91 -8.37
CA ALA B 203 -20.18 35.23 -8.94
C ALA B 203 -19.89 34.59 -10.29
N GLY B 204 -20.81 33.78 -10.78
CA GLY B 204 -20.73 33.31 -12.15
C GLY B 204 -21.30 34.40 -13.02
N SER B 205 -20.98 34.34 -14.33
CA SER B 205 -21.49 35.31 -15.30
C SER B 205 -23.00 35.25 -15.32
N GLY B 206 -23.55 34.04 -15.20
CA GLY B 206 -24.99 33.82 -15.18
C GLY B 206 -25.74 34.71 -14.20
N PHE B 207 -25.21 34.75 -12.98
CA PHE B 207 -25.76 35.50 -11.86
C PHE B 207 -25.48 37.02 -11.96
N ILE B 208 -24.27 37.40 -12.38
CA ILE B 208 -23.96 38.78 -12.66
C ILE B 208 -24.99 39.36 -13.65
N GLU B 209 -25.32 38.63 -14.71
CA GLU B 209 -26.22 39.14 -15.77
C GLU B 209 -27.66 39.30 -15.29
N GLU B 210 -28.16 38.32 -14.53
CA GLU B 210 -29.47 38.40 -13.87
C GLU B 210 -29.56 39.61 -12.94
N LEU B 211 -28.52 39.84 -12.16
CA LEU B 211 -28.55 41.00 -11.27
C LEU B 211 -28.67 42.28 -12.09
N ARG B 212 -27.71 42.46 -12.99
CA ARG B 212 -27.62 43.64 -13.84
C ARG B 212 -28.86 43.88 -14.71
N SER B 213 -29.45 42.80 -15.23
CA SER B 213 -30.58 42.94 -16.15
C SER B 213 -31.83 43.48 -15.43
N GLN B 214 -31.88 43.31 -14.11
CA GLN B 214 -33.00 43.84 -13.31
C GLN B 214 -32.61 45.14 -12.62
N GLY B 215 -31.45 45.68 -13.00
CA GLY B 215 -31.00 46.95 -12.45
C GLY B 215 -30.27 46.82 -11.12
N TYR B 216 -30.02 45.59 -10.68
CA TYR B 216 -29.25 45.39 -9.45
C TYR B 216 -27.74 45.57 -9.67
N THR B 217 -27.00 45.86 -8.59
CA THR B 217 -25.53 45.85 -8.59
C THR B 217 -25.08 44.40 -8.78
N GLY B 218 -24.02 44.22 -9.57
CA GLY B 218 -23.48 42.89 -9.94
C GLY B 218 -22.04 43.08 -10.41
N LEU B 219 -21.13 43.20 -9.46
CA LEU B 219 -19.77 43.56 -9.77
C LEU B 219 -19.06 42.39 -10.46
N SER B 220 -18.23 42.73 -11.46
CA SER B 220 -17.38 41.73 -12.11
C SER B 220 -16.25 41.37 -11.14
N ASP B 221 -15.60 40.25 -11.42
CA ASP B 221 -14.50 39.78 -10.59
C ASP B 221 -13.36 40.82 -10.60
N SER B 222 -13.08 41.40 -11.76
CA SER B 222 -12.05 42.44 -11.86
C SER B 222 -12.39 43.72 -11.04
N GLU B 223 -13.65 44.13 -10.99
CA GLU B 223 -14.02 45.25 -10.12
C GLU B 223 -13.74 44.86 -8.67
N LEU B 224 -14.12 43.66 -8.28
CA LEU B 224 -13.83 43.15 -6.94
C LEU B 224 -12.33 43.23 -6.59
N TYR B 225 -11.44 42.96 -7.55
CA TYR B 225 -9.99 43.02 -7.30
C TYR B 225 -9.47 44.42 -6.95
N GLN B 226 -10.24 45.45 -7.29
CA GLN B 226 -9.90 46.81 -6.88
C GLN B 226 -9.88 46.88 -5.35
N ALA B 227 -10.75 46.09 -4.69
CA ALA B 227 -10.89 46.12 -3.24
C ALA B 227 -10.57 44.80 -2.50
N PHE B 228 -10.39 43.72 -3.24
CA PHE B 228 -10.12 42.42 -2.62
C PHE B 228 -8.78 41.86 -3.11
N ASP B 229 -8.12 41.10 -2.26
CA ASP B 229 -6.91 40.39 -2.57
C ASP B 229 -7.25 39.10 -3.34
N MET B 230 -8.41 38.52 -3.04
CA MET B 230 -8.75 37.20 -3.58
C MET B 230 -10.17 37.25 -4.07
N THR B 231 -10.48 36.39 -5.06
CA THR B 231 -11.87 36.09 -5.41
C THR B 231 -12.00 34.60 -5.59
N TYR B 232 -13.23 34.08 -5.65
CA TYR B 232 -13.47 32.65 -5.91
C TYR B 232 -13.36 32.32 -7.37
N ASP B 233 -12.94 31.07 -7.66
CA ASP B 233 -13.05 30.48 -9.01
C ASP B 233 -14.49 30.23 -9.52
N TYR B 234 -15.49 31.04 -9.13
CA TYR B 234 -16.86 30.83 -9.63
C TYR B 234 -17.06 31.22 -11.10
N ASP B 235 -16.10 31.92 -11.70
CA ASP B 235 -16.13 32.11 -13.15
C ASP B 235 -15.82 30.83 -13.98
N VAL B 236 -15.12 29.87 -13.37
CA VAL B 236 -14.70 28.68 -14.09
C VAL B 236 -15.07 27.36 -13.38
N PHE B 237 -15.61 27.45 -12.17
CA PHE B 237 -15.95 26.23 -11.43
C PHE B 237 -16.93 25.31 -12.18
N GLY B 238 -17.99 25.90 -12.75
CA GLY B 238 -18.94 25.20 -13.63
C GLY B 238 -18.30 24.52 -14.82
N ASP B 239 -17.27 25.15 -15.36
CA ASP B 239 -16.50 24.59 -16.47
C ASP B 239 -15.64 23.38 -16.04
N PHE B 240 -15.02 23.47 -14.86
CA PHE B 240 -14.36 22.29 -14.28
C PHE B 240 -15.34 21.13 -14.14
N LYS B 241 -16.48 21.40 -13.50
CA LYS B 241 -17.48 20.37 -13.28
C LYS B 241 -17.96 19.77 -14.59
N ASP B 242 -18.17 20.62 -15.60
CA ASP B 242 -18.62 20.12 -16.92
C ASP B 242 -17.57 19.17 -17.50
N TYR B 243 -16.31 19.58 -17.40
CA TYR B 243 -15.22 18.74 -17.84
C TYR B 243 -15.22 17.43 -17.07
N TRP B 244 -15.32 17.55 -15.74
CA TRP B 244 -15.18 16.43 -14.85
C TRP B 244 -16.27 15.40 -15.15
N GLN B 245 -17.45 15.93 -15.52
CA GLN B 245 -18.57 15.08 -15.78
C GLN B 245 -18.78 14.68 -17.25
N GLY B 246 -17.80 14.97 -18.10
CA GLY B 246 -17.81 14.46 -19.47
C GLY B 246 -18.67 15.23 -20.46
N ARG B 247 -19.15 16.41 -20.07
CA ARG B 247 -19.96 17.28 -20.93
C ARG B 247 -19.13 18.42 -21.53
N SER B 248 -17.82 18.42 -21.26
CA SER B 248 -16.90 19.36 -21.85
C SER B 248 -15.55 18.64 -22.03
N THR B 249 -14.66 19.20 -22.85
CA THR B 249 -13.35 18.58 -23.07
C THR B 249 -12.30 19.34 -22.28
N VAL B 250 -11.14 18.71 -22.13
CA VAL B 250 -10.02 19.26 -21.39
C VAL B 250 -9.54 20.47 -22.16
N GLU B 251 -9.63 20.37 -23.49
CA GLU B 251 -9.23 21.44 -24.39
C GLU B 251 -10.08 22.69 -24.13
N ARG B 252 -11.40 22.54 -24.08
CA ARG B 252 -12.27 23.71 -23.83
C ARG B 252 -12.04 24.33 -22.45
N TYR B 253 -11.92 23.46 -21.44
CA TYR B 253 -11.61 23.85 -20.08
C TYR B 253 -10.29 24.62 -19.97
N VAL B 254 -9.18 24.07 -20.45
CA VAL B 254 -7.87 24.77 -20.38
C VAL B 254 -7.90 26.06 -21.18
N ASP B 255 -8.59 26.06 -22.30
CA ASP B 255 -8.75 27.33 -23.02
C ASP B 255 -9.43 28.41 -22.16
N LEU B 256 -10.41 28.02 -21.34
CA LEU B 256 -11.07 28.99 -20.47
C LEU B 256 -10.15 29.45 -19.36
N LEU B 257 -9.27 28.58 -18.88
CA LEU B 257 -8.36 28.96 -17.82
C LEU B 257 -7.24 29.88 -18.32
N GLN B 258 -6.84 29.68 -19.58
CA GLN B 258 -5.87 30.55 -20.24
C GLN B 258 -6.43 31.95 -20.45
N ARG B 259 -7.67 32.02 -20.89
CA ARG B 259 -8.39 33.29 -20.98
C ARG B 259 -8.49 33.91 -19.57
N GLN B 260 -8.76 33.09 -18.55
CA GLN B 260 -8.90 33.62 -17.19
C GLN B 260 -7.62 34.28 -16.68
N ASP B 261 -6.48 33.65 -16.92
CA ASP B 261 -5.20 34.19 -16.39
C ASP B 261 -4.93 35.60 -16.90
N ALA B 262 -5.41 35.91 -18.11
CA ALA B 262 -5.18 37.23 -18.69
C ALA B 262 -6.34 38.25 -18.48
N THR B 263 -7.33 37.87 -17.68
CA THR B 263 -8.50 38.69 -17.38
C THR B 263 -8.27 39.65 -16.21
N PHE B 264 -7.37 39.26 -15.30
CA PHE B 264 -7.18 40.00 -14.08
C PHE B 264 -5.77 40.56 -14.08
N PRO B 265 -5.45 41.44 -13.09
CA PRO B 265 -4.12 42.02 -13.00
C PRO B 265 -3.08 40.94 -12.72
N GLY B 266 -1.84 41.24 -13.04
CA GLY B 266 -0.77 40.25 -12.97
C GLY B 266 -0.62 39.66 -11.60
N ASN B 267 -0.99 40.41 -10.57
CA ASN B 267 -0.85 39.96 -9.20
C ASN B 267 -2.08 39.27 -8.61
N TYR B 268 -3.04 38.90 -9.45
CA TYR B 268 -4.34 38.42 -8.95
C TYR B 268 -4.19 37.12 -8.18
N VAL B 269 -5.13 36.86 -7.27
CA VAL B 269 -5.20 35.58 -6.58
C VAL B 269 -6.64 35.04 -6.69
N LYS B 270 -6.79 33.89 -7.34
CA LYS B 270 -8.06 33.16 -7.33
C LYS B 270 -7.98 32.07 -6.28
N MET B 271 -9.06 31.90 -5.51
CA MET B 271 -9.23 30.74 -4.60
C MET B 271 -9.75 29.57 -5.44
N ARG B 272 -8.98 28.49 -5.45
CA ARG B 272 -9.24 27.30 -6.25
C ARG B 272 -9.80 26.25 -5.32
N PHE B 273 -10.82 25.52 -5.77
CA PHE B 273 -11.56 24.62 -4.89
C PHE B 273 -12.29 23.52 -5.66
N LEU B 274 -12.58 22.41 -4.97
CA LEU B 274 -13.35 21.27 -5.52
C LEU B 274 -14.70 21.18 -4.82
N GLU B 275 -14.82 21.89 -3.70
CA GLU B 275 -16.02 21.89 -2.89
C GLU B 275 -15.89 23.08 -1.96
N ASN B 276 -17.02 23.45 -1.35
CA ASN B 276 -17.09 24.40 -0.27
C ASN B 276 -18.44 24.19 0.38
N HIS B 277 -18.80 25.06 1.31
CA HIS B 277 -20.04 24.89 2.08
C HIS B 277 -21.33 24.94 1.25
N ASP B 278 -21.24 25.53 0.06
CA ASP B 278 -22.38 25.77 -0.79
C ASP B 278 -22.50 24.69 -1.87
N ASN B 279 -21.59 23.73 -1.86
CA ASN B 279 -21.48 22.78 -2.98
C ASN B 279 -21.29 21.34 -2.54
N ALA B 280 -21.63 20.42 -3.42
CA ALA B 280 -21.43 18.98 -3.21
C ALA B 280 -19.95 18.71 -2.89
N ARG B 281 -19.69 17.68 -2.08
CA ARG B 281 -18.34 17.28 -1.68
C ARG B 281 -17.48 16.85 -2.86
N MET B 282 -16.18 17.02 -2.71
CA MET B 282 -15.19 16.46 -3.64
C MET B 282 -15.49 14.98 -3.87
N MET B 283 -15.79 14.27 -2.78
CA MET B 283 -16.00 12.83 -2.84
C MET B 283 -17.46 12.44 -3.14
N SER B 284 -18.22 13.38 -3.67
CA SER B 284 -19.44 13.02 -4.41
C SER B 284 -19.10 13.17 -5.90
N LEU B 285 -18.21 14.10 -6.22
CA LEU B 285 -17.74 14.21 -7.61
C LEU B 285 -16.92 13.00 -8.09
N MET B 286 -16.09 12.48 -7.20
CA MET B 286 -15.18 11.37 -7.53
C MET B 286 -15.25 10.39 -6.35
N HIS B 287 -14.67 9.21 -6.54
CA HIS B 287 -14.97 8.12 -5.61
C HIS B 287 -13.79 7.24 -5.25
N SER B 288 -12.57 7.75 -5.44
CA SER B 288 -11.34 7.03 -5.13
C SER B 288 -10.24 7.99 -4.67
N LYS B 289 -9.32 7.47 -3.87
CA LYS B 289 -8.20 8.26 -3.41
C LYS B 289 -7.37 8.69 -4.60
N ALA B 290 -7.24 7.81 -5.60
CA ALA B 290 -6.43 8.13 -6.77
C ALA B 290 -6.95 9.41 -7.44
N GLU B 291 -8.27 9.54 -7.47
CA GLU B 291 -8.91 10.71 -8.07
C GLU B 291 -8.69 11.96 -7.22
N ALA B 292 -8.83 11.83 -5.91
CA ALA B 292 -8.54 12.92 -4.97
C ALA B 292 -7.10 13.39 -5.15
N VAL B 293 -6.18 12.46 -5.36
CA VAL B 293 -4.79 12.85 -5.52
C VAL B 293 -4.62 13.77 -6.74
N ASN B 294 -5.19 13.40 -7.88
CA ASN B 294 -5.05 14.22 -9.08
C ASN B 294 -5.68 15.61 -8.95
N ASN B 295 -6.84 15.66 -8.34
CA ASN B 295 -7.65 16.87 -8.33
C ASN B 295 -7.24 17.81 -7.19
N LEU B 296 -6.71 17.25 -6.10
CA LEU B 296 -6.14 18.09 -5.04
C LEU B 296 -4.83 18.75 -5.52
N THR B 297 -4.02 17.99 -6.25
CA THR B 297 -2.80 18.49 -6.88
C THR B 297 -3.16 19.61 -7.86
N TRP B 298 -4.26 19.43 -8.55
CA TRP B 298 -4.75 20.36 -9.55
C TRP B 298 -5.06 21.70 -8.92
N ILE B 299 -5.78 21.72 -7.79
CA ILE B 299 -6.16 23.03 -7.18
C ILE B 299 -5.02 23.72 -6.40
N PHE B 300 -3.98 22.95 -6.07
CA PHE B 300 -2.76 23.43 -5.43
C PHE B 300 -1.73 23.92 -6.44
N MET B 301 -1.68 23.31 -7.62
CA MET B 301 -0.66 23.69 -8.61
C MET B 301 -1.10 24.77 -9.59
N GLN B 302 -2.41 24.99 -9.71
CA GLN B 302 -2.89 26.15 -10.47
C GLN B 302 -2.45 27.42 -9.77
N ARG B 303 -2.37 28.50 -10.54
CA ARG B 303 -1.98 29.77 -10.00
C ARG B 303 -3.08 30.28 -9.09
N GLY B 304 -2.81 30.34 -7.79
CA GLY B 304 -3.86 30.78 -6.86
C GLY B 304 -3.66 30.22 -5.47
N ILE B 305 -4.72 30.19 -4.68
CA ILE B 305 -4.64 29.69 -3.32
C ILE B 305 -5.72 28.62 -3.21
N PRO B 306 -5.36 27.38 -2.80
CA PRO B 306 -6.37 26.34 -2.59
C PRO B 306 -7.25 26.49 -1.34
N LEU B 307 -8.50 26.11 -1.48
CA LEU B 307 -9.39 25.93 -0.34
C LEU B 307 -9.54 24.44 -0.01
N ILE B 308 -9.47 24.11 1.27
CA ILE B 308 -9.91 22.81 1.77
C ILE B 308 -11.06 23.10 2.71
N TYR B 309 -12.21 22.47 2.45
CA TYR B 309 -13.38 22.67 3.30
C TYR B 309 -13.38 21.54 4.33
N ASN B 310 -13.73 21.85 5.59
CA ASN B 310 -13.60 20.87 6.65
C ASN B 310 -14.25 19.50 6.34
N GLY B 311 -13.50 18.42 6.54
CA GLY B 311 -13.99 17.07 6.26
C GLY B 311 -13.45 16.54 4.93
N GLN B 312 -13.04 17.45 4.05
CA GLN B 312 -12.57 17.10 2.71
C GLN B 312 -11.30 16.24 2.83
N GLU B 313 -10.46 16.59 3.82
CA GLU B 313 -9.24 15.85 4.13
C GLU B 313 -9.54 14.42 4.61
N PHE B 314 -10.77 14.16 5.05
CA PHE B 314 -11.17 12.80 5.39
C PHE B 314 -12.17 12.26 4.40
N LEU B 315 -12.22 12.85 3.20
CA LEU B 315 -13.02 12.31 2.13
C LEU B 315 -14.50 12.23 2.51
N ALA B 316 -14.97 13.27 3.20
CA ALA B 316 -16.39 13.43 3.45
C ALA B 316 -17.22 13.36 2.16
N GLU B 317 -18.39 12.73 2.25
CA GLU B 317 -19.27 12.53 1.09
C GLU B 317 -20.54 13.36 1.13
N HIS B 318 -20.90 13.81 2.32
CA HIS B 318 -22.14 14.59 2.52
C HIS B 318 -21.90 16.10 2.65
N GLN B 319 -22.70 16.88 1.92
CA GLN B 319 -22.69 18.35 1.96
C GLN B 319 -23.54 18.79 3.17
N PRO B 320 -22.88 19.29 4.22
CA PRO B 320 -23.67 19.61 5.42
C PRO B 320 -24.79 20.58 5.08
N SER B 321 -25.98 20.31 5.63
CA SER B 321 -27.05 21.32 5.61
C SER B 321 -26.59 22.64 6.18
N LEU B 322 -27.17 23.72 5.66
CA LEU B 322 -26.93 25.04 6.24
C LEU B 322 -27.94 25.36 7.32
N PHE B 323 -29.02 24.60 7.38
CA PHE B 323 -30.25 25.03 8.07
C PHE B 323 -30.57 24.21 9.31
N ASP B 324 -30.23 22.93 9.28
CA ASP B 324 -30.46 22.01 10.40
C ASP B 324 -29.10 21.44 10.81
N ARG B 325 -28.96 21.09 12.10
CA ARG B 325 -27.77 20.37 12.55
C ARG B 325 -27.40 19.20 11.63
N ASP B 326 -26.13 19.15 11.26
CA ASP B 326 -25.66 18.13 10.31
C ASP B 326 -24.19 17.78 10.60
N THR B 327 -23.94 17.40 11.85
CA THR B 327 -22.61 17.08 12.32
C THR B 327 -21.88 16.18 11.33
N MET B 328 -20.64 16.55 10.99
CA MET B 328 -19.84 15.86 9.98
C MET B 328 -18.85 14.86 10.55
N VAL B 329 -18.81 14.74 11.88
CA VAL B 329 -17.79 13.92 12.52
C VAL B 329 -17.72 12.47 11.99
N ALA B 330 -18.87 11.85 11.72
CA ALA B 330 -18.89 10.46 11.26
C ALA B 330 -18.78 10.35 9.74
N ASP B 331 -18.87 11.49 9.05
CA ASP B 331 -18.70 11.51 7.59
C ASP B 331 -17.21 11.46 7.21
N ARG B 332 -16.55 10.38 7.58
CA ARG B 332 -15.12 10.21 7.28
C ARG B 332 -14.89 8.85 6.64
N HIS B 333 -14.14 8.84 5.53
CA HIS B 333 -14.04 7.64 4.70
C HIS B 333 -12.62 7.40 4.23
N GLY B 334 -11.67 8.06 4.87
CA GLY B 334 -10.27 7.90 4.55
C GLY B 334 -9.53 9.10 5.08
N ASP B 335 -8.26 9.22 4.74
CA ASP B 335 -7.51 10.36 5.17
C ASP B 335 -6.52 10.70 4.08
N VAL B 336 -6.60 11.93 3.56
CA VAL B 336 -5.60 12.42 2.60
C VAL B 336 -4.82 13.61 3.21
N THR B 337 -4.78 13.62 4.54
CA THR B 337 -3.94 14.59 5.25
C THR B 337 -2.48 14.56 4.76
N PRO B 338 -1.86 13.36 4.69
CA PRO B 338 -0.45 13.37 4.26
C PRO B 338 -0.30 13.97 2.85
N LEU B 339 -1.26 13.68 1.98
CA LEU B 339 -1.27 14.23 0.63
C LEU B 339 -1.28 15.75 0.64
N ILE B 340 -2.23 16.32 1.39
CA ILE B 340 -2.43 17.78 1.50
C ILE B 340 -1.21 18.43 2.15
N GLN B 341 -0.67 17.80 3.21
CA GLN B 341 0.63 18.22 3.79
C GLN B 341 1.80 18.21 2.82
N LYS B 342 1.87 17.17 1.99
CA LYS B 342 2.90 17.08 0.97
C LYS B 342 2.70 18.13 -0.11
N LEU B 343 1.46 18.31 -0.58
CA LEU B 343 1.16 19.42 -1.50
C LEU B 343 1.52 20.77 -0.92
N VAL B 344 1.23 20.97 0.36
CA VAL B 344 1.54 22.23 1.03
C VAL B 344 3.07 22.53 1.02
N THR B 345 3.90 21.50 1.18
CA THR B 345 5.34 21.73 1.15
C THR B 345 5.81 22.18 -0.24
N ILE B 346 5.22 21.61 -1.28
CA ILE B 346 5.47 21.99 -2.68
C ILE B 346 4.94 23.40 -2.97
N LYS B 347 3.69 23.67 -2.54
CA LYS B 347 3.02 24.97 -2.74
C LYS B 347 3.83 26.16 -2.20
N GLN B 348 4.57 25.92 -1.12
CA GLN B 348 5.46 26.91 -0.47
C GLN B 348 6.65 27.33 -1.32
N LEU B 349 7.01 26.54 -2.33
CA LEU B 349 8.17 26.86 -3.17
C LEU B 349 8.00 28.22 -3.86
N PRO B 350 9.08 29.02 -3.91
CA PRO B 350 9.00 30.33 -4.57
C PRO B 350 8.48 30.29 -6.01
N LEU B 351 8.74 29.20 -6.73
CA LEU B 351 8.28 29.06 -8.11
C LEU B 351 6.75 29.27 -8.25
N LEU B 352 6.01 29.02 -7.17
CA LEU B 352 4.56 29.10 -7.20
C LEU B 352 4.05 30.54 -7.33
N ARG B 353 4.90 31.51 -7.01
CA ARG B 353 4.64 32.93 -7.23
C ARG B 353 5.08 33.46 -8.59
N ALA B 354 5.72 32.62 -9.38
CA ALA B 354 6.31 33.03 -10.65
C ALA B 354 5.27 33.66 -11.58
N ALA B 355 5.70 34.70 -12.27
CA ALA B 355 4.85 35.38 -13.22
C ALA B 355 4.58 34.51 -14.47
N ASP B 356 5.60 33.79 -14.94
CA ASP B 356 5.47 32.91 -16.09
C ASP B 356 4.84 31.58 -15.67
N TYR B 357 3.52 31.51 -15.86
CA TYR B 357 2.68 30.36 -15.55
C TYR B 357 2.02 29.96 -16.86
N GLN B 358 2.22 28.70 -17.27
CA GLN B 358 1.68 28.22 -18.54
C GLN B 358 0.89 26.94 -18.29
N LEU B 359 -0.21 26.80 -19.02
CA LEU B 359 -1.05 25.62 -18.99
C LEU B 359 -1.05 25.04 -20.39
N ALA B 360 -0.91 23.73 -20.50
CA ALA B 360 -1.00 23.03 -21.79
C ALA B 360 -1.72 21.70 -21.66
N VAL B 361 -2.46 21.34 -22.72
CA VAL B 361 -3.02 19.99 -22.86
C VAL B 361 -2.02 19.17 -23.63
N VAL B 362 -1.60 18.07 -23.03
CA VAL B 362 -0.60 17.20 -23.63
C VAL B 362 -1.17 15.79 -23.90
N GLU B 363 -0.30 14.79 -23.91
CA GLU B 363 -0.69 13.44 -24.29
C GLU B 363 -1.93 12.97 -23.53
N GLU B 364 -2.87 12.39 -24.28
CA GLU B 364 -4.09 11.80 -23.71
C GLU B 364 -4.93 12.75 -22.86
N GLY B 365 -4.76 14.06 -23.07
CA GLY B 365 -5.58 15.05 -22.37
C GLY B 365 -5.14 15.34 -20.93
N ILE B 366 -3.95 14.86 -20.59
CA ILE B 366 -3.21 15.28 -19.40
C ILE B 366 -2.96 16.78 -19.49
N VAL B 367 -3.07 17.44 -18.34
CA VAL B 367 -2.78 18.86 -18.21
C VAL B 367 -1.34 18.98 -17.71
N LYS B 368 -0.58 19.82 -18.41
CA LYS B 368 0.74 20.18 -17.99
C LYS B 368 0.77 21.63 -17.52
N ILE B 369 1.18 21.82 -16.25
CA ILE B 369 1.37 23.13 -15.66
C ILE B 369 2.89 23.45 -15.59
N THR B 370 3.28 24.65 -16.02
CA THR B 370 4.66 25.08 -15.86
C THR B 370 4.75 26.47 -15.30
N TYR B 371 5.60 26.60 -14.26
CA TYR B 371 6.03 27.87 -13.66
C TYR B 371 7.51 28.07 -13.95
N ARG B 372 7.90 29.24 -14.44
CA ARG B 372 9.30 29.54 -14.79
C ARG B 372 9.75 30.81 -14.11
N ALA B 373 10.89 30.77 -13.43
CA ALA B 373 11.44 31.96 -12.82
C ALA B 373 12.93 31.84 -12.50
N ALA B 374 13.72 32.84 -12.89
CA ALA B 374 15.09 32.98 -12.37
C ALA B 374 15.92 31.74 -12.62
N GLY B 375 15.86 31.27 -13.86
CA GLY B 375 16.63 30.11 -14.30
C GLY B 375 16.20 28.78 -13.73
N GLU B 376 15.01 28.71 -13.15
CA GLU B 376 14.44 27.44 -12.70
C GLU B 376 13.02 27.26 -13.24
N ALA B 377 12.53 26.04 -13.24
CA ALA B 377 11.17 25.74 -13.66
C ALA B 377 10.61 24.57 -12.87
N LEU B 378 9.32 24.64 -12.60
CA LEU B 378 8.56 23.51 -12.08
C LEU B 378 7.47 23.13 -13.06
N THR B 379 7.45 21.84 -13.42
CA THR B 379 6.42 21.28 -14.30
C THR B 379 5.63 20.20 -13.57
N ALA B 380 4.33 20.17 -13.78
CA ALA B 380 3.46 19.19 -13.17
C ALA B 380 2.58 18.65 -14.26
N TRP B 381 2.71 17.36 -14.52
CA TRP B 381 1.78 16.65 -15.38
C TRP B 381 0.71 16.11 -14.49
N ILE B 382 -0.54 16.46 -14.78
CA ILE B 382 -1.65 16.06 -13.91
C ILE B 382 -2.66 15.29 -14.75
N PRO B 383 -2.73 13.95 -14.56
CA PRO B 383 -3.68 13.18 -15.34
C PRO B 383 -5.02 13.17 -14.63
N LEU B 384 -5.84 14.17 -14.91
CA LEU B 384 -7.05 14.37 -14.08
C LEU B 384 -7.97 13.18 -14.18
N LYS B 385 -7.88 12.48 -15.31
CA LYS B 385 -8.69 11.33 -15.61
C LYS B 385 -7.97 9.99 -15.42
N GLY B 386 -6.76 10.03 -14.88
CA GLY B 386 -6.08 8.80 -14.50
C GLY B 386 -5.36 8.18 -15.66
N GLN B 387 -5.02 9.02 -16.65
CA GLN B 387 -4.35 8.60 -17.88
C GLN B 387 -2.99 8.01 -17.58
N VAL B 388 -2.70 6.88 -18.25
CA VAL B 388 -1.44 6.19 -18.12
C VAL B 388 -0.84 6.24 -19.50
N THR B 389 0.25 7.00 -19.63
CA THR B 389 0.90 7.17 -20.92
C THR B 389 2.29 7.78 -20.73
N ALA B 390 3.13 7.68 -21.75
CA ALA B 390 4.39 8.39 -21.77
C ALA B 390 4.10 9.80 -22.28
N VAL B 391 4.81 10.77 -21.71
CA VAL B 391 4.63 12.15 -22.10
C VAL B 391 5.95 12.74 -22.58
N ALA B 392 5.89 13.67 -23.51
CA ALA B 392 7.09 14.28 -24.06
C ALA B 392 7.63 15.36 -23.16
N THR B 393 8.95 15.48 -23.15
CA THR B 393 9.64 16.43 -22.31
C THR B 393 10.99 16.78 -22.95
N LYS B 394 11.51 17.98 -22.64
CA LYS B 394 12.82 18.44 -23.12
C LYS B 394 13.95 18.15 -22.14
N LEU B 395 13.61 17.47 -21.04
CA LEU B 395 14.58 17.13 -20.01
C LEU B 395 15.58 16.13 -20.58
N ALA B 396 16.83 16.23 -20.14
CA ALA B 396 17.89 15.31 -20.54
C ALA B 396 17.61 14.01 -19.83
N ALA B 397 18.05 12.90 -20.42
CA ALA B 397 17.77 11.58 -19.85
C ALA B 397 18.32 11.48 -18.45
N GLY B 398 17.68 10.67 -17.63
CA GLY B 398 18.12 10.51 -16.27
C GLY B 398 16.98 10.42 -15.28
N SER B 399 17.36 10.39 -14.01
CA SER B 399 16.43 10.17 -12.92
C SER B 399 16.14 11.50 -12.25
N TYR B 400 14.86 11.79 -12.11
CA TYR B 400 14.41 13.04 -11.54
C TYR B 400 13.55 12.72 -10.34
N GLN B 401 13.54 13.62 -9.38
CA GLN B 401 12.72 13.43 -8.19
C GLN B 401 11.32 13.97 -8.50
N ASN B 402 10.33 13.09 -8.43
CA ASN B 402 8.93 13.50 -8.40
C ASN B 402 8.62 14.07 -7.01
N LEU B 403 8.34 15.36 -6.98
CA LEU B 403 8.17 16.09 -5.78
C LEU B 403 6.96 15.60 -5.02
N LEU B 404 6.00 15.00 -5.71
CA LEU B 404 4.80 14.57 -5.00
C LEU B 404 5.05 13.32 -4.15
N THR B 405 5.97 12.46 -4.62
CA THR B 405 6.24 11.16 -4.02
C THR B 405 7.69 10.97 -3.53
N ASP B 406 8.59 11.89 -3.90
CA ASP B 406 10.05 11.68 -3.75
C ASP B 406 10.47 10.29 -4.27
N GLY B 407 9.77 9.81 -5.30
CA GLY B 407 10.19 8.63 -6.01
C GLY B 407 10.92 9.11 -7.24
N PRO B 408 11.92 8.35 -7.70
CA PRO B 408 12.62 8.69 -8.93
C PRO B 408 11.71 8.50 -10.13
N THR B 409 11.78 9.44 -11.07
CA THR B 409 11.05 9.40 -12.34
C THR B 409 12.09 9.37 -13.45
N GLU B 410 12.05 8.36 -14.30
CA GLU B 410 13.05 8.23 -15.35
C GLU B 410 12.64 8.94 -16.64
N VAL B 411 13.49 9.85 -17.09
CA VAL B 411 13.36 10.39 -18.44
C VAL B 411 14.23 9.59 -19.42
N VAL B 412 13.58 8.98 -20.41
CA VAL B 412 14.22 8.14 -21.44
C VAL B 412 13.79 8.65 -22.81
N ASP B 413 14.76 8.97 -23.66
CA ASP B 413 14.48 9.40 -25.04
C ASP B 413 13.40 10.51 -25.12
N GLY B 414 13.48 11.47 -24.19
CA GLY B 414 12.60 12.64 -24.21
C GLY B 414 11.16 12.29 -23.87
N LYS B 415 11.00 11.19 -23.14
CA LYS B 415 9.72 10.76 -22.64
C LYS B 415 9.84 10.34 -21.20
N LEU B 416 8.76 10.60 -20.48
CA LEU B 416 8.61 10.29 -19.09
C LEU B 416 7.24 9.60 -18.95
N THR B 417 7.15 8.59 -18.10
CA THR B 417 5.90 7.88 -17.85
C THR B 417 5.03 8.59 -16.80
N VAL B 418 3.80 8.90 -17.18
CA VAL B 418 2.81 9.39 -16.20
C VAL B 418 1.86 8.22 -15.95
N ASP B 419 1.91 7.66 -14.75
CA ASP B 419 1.19 6.40 -14.44
C ASP B 419 -0.17 6.68 -13.77
N GLY B 420 -0.93 7.62 -14.35
CA GLY B 420 -2.23 7.99 -13.81
C GLY B 420 -2.24 8.74 -12.50
N GLN B 421 -1.07 9.25 -12.12
CA GLN B 421 -0.92 10.06 -10.93
C GLN B 421 0.08 11.20 -11.24
N PRO B 422 0.00 12.33 -10.52
CA PRO B 422 0.81 13.52 -10.96
C PRO B 422 2.30 13.32 -10.92
N VAL B 423 2.99 13.93 -11.88
CA VAL B 423 4.46 13.99 -11.85
C VAL B 423 4.88 15.44 -11.79
N LEU B 424 5.65 15.75 -10.76
CA LEU B 424 6.06 17.12 -10.48
C LEU B 424 7.58 17.18 -10.44
N ILE B 425 8.17 17.88 -11.41
CA ILE B 425 9.63 17.98 -11.47
C ILE B 425 10.08 19.43 -11.51
N LYS B 426 10.97 19.77 -10.59
CA LYS B 426 11.67 21.05 -10.56
C LYS B 426 13.08 20.91 -11.15
N TYR B 427 13.43 21.77 -12.09
CA TYR B 427 14.71 21.66 -12.81
C TYR B 427 15.24 23.07 -13.16
N VAL B 428 16.43 23.11 -13.74
CA VAL B 428 17.14 24.37 -14.01
C VAL B 428 16.63 25.18 -15.24
N GLN C 7 -29.20 -15.27 -34.16
CA GLN C 7 -28.12 -14.23 -34.29
C GLN C 7 -28.15 -13.25 -33.10
N THR C 8 -29.32 -12.66 -32.87
CA THR C 8 -29.51 -11.74 -31.76
C THR C 8 -29.47 -12.52 -30.42
N GLN C 9 -29.54 -13.85 -30.46
CA GLN C 9 -29.24 -14.64 -29.25
C GLN C 9 -27.85 -14.29 -28.66
N LEU C 10 -26.89 -13.93 -29.51
CA LEU C 10 -25.53 -13.59 -29.08
C LEU C 10 -25.55 -12.36 -28.15
N ARG C 11 -26.60 -11.54 -28.28
CA ARG C 11 -26.82 -10.41 -27.38
C ARG C 11 -27.25 -10.78 -25.97
N ASN C 12 -27.55 -12.05 -25.71
CA ASN C 12 -27.76 -12.55 -24.33
C ASN C 12 -26.51 -13.19 -23.74
N GLU C 13 -25.37 -13.11 -24.43
CA GLU C 13 -24.23 -13.95 -24.10
C GLU C 13 -22.99 -13.16 -23.71
N MET C 14 -21.91 -13.87 -23.37
CA MET C 14 -20.61 -13.26 -23.03
C MET C 14 -19.51 -14.14 -23.58
N ILE C 15 -18.39 -13.50 -23.96
CA ILE C 15 -17.20 -14.22 -24.46
C ILE C 15 -16.04 -14.01 -23.50
N TYR C 16 -15.37 -15.10 -23.13
CA TYR C 16 -14.17 -15.02 -22.31
C TYR C 16 -12.97 -15.37 -23.15
N SER C 17 -11.96 -14.49 -23.19
CA SER C 17 -10.79 -14.76 -24.03
C SER C 17 -9.62 -15.34 -23.22
N VAL C 18 -9.07 -16.47 -23.66
CA VAL C 18 -8.00 -17.16 -22.94
C VAL C 18 -6.73 -17.23 -23.76
N PHE C 19 -5.62 -16.79 -23.14
CA PHE C 19 -4.24 -16.88 -23.65
C PHE C 19 -3.56 -18.09 -22.93
N VAL C 20 -3.60 -19.25 -23.57
CA VAL C 20 -3.30 -20.51 -22.87
C VAL C 20 -1.94 -20.46 -22.18
N ARG C 21 -0.94 -19.97 -22.92
CA ARG C 21 0.43 -19.82 -22.42
C ARG C 21 0.53 -19.15 -21.05
N ASN C 22 -0.25 -18.09 -20.87
CA ASN C 22 -0.13 -17.25 -19.68
C ASN C 22 -1.27 -17.39 -18.65
N TYR C 23 -2.30 -18.16 -19.00
CA TYR C 23 -3.48 -18.33 -18.16
C TYR C 23 -3.17 -19.03 -16.82
N SER C 24 -2.24 -19.98 -16.86
CA SER C 24 -1.90 -20.77 -15.71
C SER C 24 -0.37 -20.91 -15.74
N GLU C 25 0.19 -21.38 -14.62
CA GLU C 25 1.63 -21.55 -14.51
C GLU C 25 2.10 -22.68 -15.42
N ALA C 26 1.31 -23.74 -15.48
CA ALA C 26 1.51 -24.86 -16.43
C ALA C 26 1.63 -24.36 -17.87
N GLY C 27 0.78 -23.39 -18.22
CA GLY C 27 0.80 -22.74 -19.54
C GLY C 27 0.39 -23.64 -20.68
N ASN C 28 -0.51 -24.59 -20.40
CA ASN C 28 -0.87 -25.60 -21.40
C ASN C 28 -2.37 -25.85 -21.42
N PHE C 29 -2.84 -26.72 -22.33
CA PHE C 29 -4.27 -26.96 -22.41
C PHE C 29 -4.84 -27.39 -21.06
N ALA C 30 -4.17 -28.34 -20.39
CA ALA C 30 -4.66 -28.92 -19.13
C ALA C 30 -4.85 -27.89 -18.02
N GLY C 31 -4.03 -26.82 -18.04
CA GLY C 31 -4.19 -25.70 -17.08
C GLY C 31 -5.50 -24.97 -17.31
N VAL C 32 -5.92 -24.92 -18.55
CA VAL C 32 -7.23 -24.36 -18.87
C VAL C 32 -8.35 -25.35 -18.50
N THR C 33 -8.23 -26.57 -19.00
CA THR C 33 -9.25 -27.59 -18.76
C THR C 33 -9.55 -27.71 -17.27
N ALA C 34 -8.52 -27.72 -16.42
CA ALA C 34 -8.72 -27.90 -14.97
C ALA C 34 -9.55 -26.74 -14.37
N ASP C 35 -9.68 -25.65 -15.11
CA ASP C 35 -10.35 -24.47 -14.57
C ASP C 35 -11.64 -24.09 -15.32
N LEU C 36 -12.14 -24.99 -16.17
CA LEU C 36 -13.33 -24.68 -16.97
C LEU C 36 -14.56 -24.38 -16.11
N GLN C 37 -14.66 -25.01 -14.93
CA GLN C 37 -15.87 -24.83 -14.10
C GLN C 37 -15.98 -23.37 -13.68
N ARG C 38 -14.83 -22.78 -13.34
CA ARG C 38 -14.78 -21.37 -12.93
C ARG C 38 -15.19 -20.45 -14.08
N ILE C 39 -14.66 -20.75 -15.26
CA ILE C 39 -14.96 -20.02 -16.49
C ILE C 39 -16.47 -20.10 -16.78
N LYS C 40 -17.00 -21.31 -16.64
CA LYS C 40 -18.43 -21.56 -16.81
C LYS C 40 -19.20 -20.72 -15.77
N ASP C 41 -18.86 -20.89 -14.50
CA ASP C 41 -19.50 -20.14 -13.39
C ASP C 41 -19.41 -18.61 -13.52
N LEU C 42 -18.43 -18.13 -14.28
CA LEU C 42 -18.27 -16.65 -14.44
C LEU C 42 -19.39 -16.10 -15.34
N GLY C 43 -19.92 -17.00 -16.18
CA GLY C 43 -21.05 -16.76 -17.05
C GLY C 43 -20.69 -16.85 -18.52
N THR C 44 -19.55 -17.44 -18.82
CA THR C 44 -19.03 -17.59 -20.17
C THR C 44 -19.89 -18.49 -21.04
N ASP C 45 -20.13 -18.05 -22.27
CA ASP C 45 -20.87 -18.83 -23.26
C ASP C 45 -19.91 -19.31 -24.30
N ILE C 46 -19.03 -18.42 -24.74
CA ILE C 46 -18.12 -18.72 -25.79
C ILE C 46 -16.72 -18.55 -25.23
N LEU C 47 -15.96 -19.64 -25.23
CA LEU C 47 -14.60 -19.62 -24.73
C LEU C 47 -13.72 -19.46 -25.94
N TRP C 48 -13.16 -18.27 -26.09
CA TRP C 48 -12.26 -18.01 -27.23
C TRP C 48 -10.76 -18.21 -26.84
N LEU C 49 -10.08 -19.13 -27.52
CA LEU C 49 -8.65 -19.30 -27.28
C LEU C 49 -7.82 -18.53 -28.28
N LEU C 50 -6.80 -17.84 -27.79
CA LEU C 50 -5.76 -17.29 -28.68
C LEU C 50 -5.11 -18.47 -29.45
N PRO C 51 -4.37 -18.17 -30.54
CA PRO C 51 -3.89 -19.24 -31.40
C PRO C 51 -3.21 -20.41 -30.66
N ILE C 52 -3.42 -21.61 -31.17
CA ILE C 52 -2.98 -22.86 -30.50
C ILE C 52 -1.99 -23.68 -31.34
N ASN C 53 -1.39 -23.02 -32.33
CA ASN C 53 -0.61 -23.67 -33.36
C ASN C 53 0.87 -23.42 -33.18
N PRO C 54 1.70 -24.31 -33.76
CA PRO C 54 3.14 -24.14 -33.64
C PRO C 54 3.62 -22.77 -34.16
N ILE C 55 4.51 -22.14 -33.40
CA ILE C 55 4.94 -20.76 -33.67
C ILE C 55 6.24 -20.75 -34.52
N GLY C 56 6.31 -19.85 -35.48
CA GLY C 56 7.48 -19.75 -36.33
C GLY C 56 8.74 -19.56 -35.50
N GLU C 57 9.87 -20.05 -36.02
CA GLU C 57 11.18 -19.86 -35.39
C GLU C 57 11.99 -18.82 -36.15
N VAL C 58 11.87 -18.85 -37.48
CA VAL C 58 12.53 -17.85 -38.32
C VAL C 58 11.89 -16.47 -38.05
N ASN C 59 12.73 -15.50 -37.71
CA ASN C 59 12.30 -14.13 -37.40
C ASN C 59 11.35 -14.00 -36.21
N ARG C 60 11.49 -14.93 -35.26
CA ARG C 60 10.71 -14.92 -34.03
C ARG C 60 10.98 -13.67 -33.20
N LYS C 61 9.90 -13.12 -32.63
CA LYS C 61 9.97 -12.04 -31.66
C LYS C 61 9.98 -12.65 -30.27
N GLY C 62 10.88 -12.17 -29.40
CA GLY C 62 11.01 -12.71 -28.04
C GLY C 62 11.41 -14.17 -27.99
N THR C 63 11.30 -14.78 -26.82
CA THR C 63 11.68 -16.16 -26.58
C THR C 63 10.73 -17.17 -27.18
N LEU C 64 9.44 -16.96 -26.94
CA LEU C 64 8.47 -17.96 -27.30
C LEU C 64 7.80 -17.59 -28.63
N GLY C 65 7.85 -16.32 -29.01
CA GLY C 65 7.24 -15.88 -30.27
C GLY C 65 5.76 -15.58 -30.10
N SER C 66 5.18 -14.88 -31.06
CA SER C 66 3.76 -14.56 -31.00
C SER C 66 2.96 -15.76 -31.48
N PRO C 67 1.82 -16.08 -30.79
CA PRO C 67 0.90 -17.12 -31.26
C PRO C 67 0.40 -16.77 -32.66
N TYR C 68 0.55 -15.51 -33.05
CA TYR C 68 0.03 -15.01 -34.34
C TYR C 68 1.02 -15.18 -35.47
N ALA C 69 2.25 -15.60 -35.14
CA ALA C 69 3.23 -15.98 -36.19
C ALA C 69 3.20 -17.49 -36.35
N ILE C 70 2.27 -17.98 -37.16
CA ILE C 70 1.97 -19.40 -37.17
C ILE C 70 2.76 -20.16 -38.24
N LYS C 71 3.38 -21.27 -37.80
CA LYS C 71 4.19 -22.17 -38.64
C LYS C 71 3.40 -23.34 -39.25
N ASP C 72 2.35 -23.78 -38.56
CA ASP C 72 1.49 -24.79 -39.10
C ASP C 72 0.09 -24.54 -38.58
N TYR C 73 -0.83 -24.23 -39.48
CA TYR C 73 -2.24 -24.02 -39.16
C TYR C 73 -2.94 -25.31 -38.73
N ARG C 74 -2.41 -26.45 -39.17
CA ARG C 74 -3.03 -27.74 -38.84
C ARG C 74 -2.42 -28.47 -37.64
N GLY C 75 -1.43 -27.86 -37.00
CA GLY C 75 -0.73 -28.46 -35.85
C GLY C 75 -1.11 -27.90 -34.50
N ILE C 76 -0.59 -28.53 -33.45
CA ILE C 76 -0.76 -28.10 -32.07
C ILE C 76 0.59 -27.57 -31.57
N ASN C 77 0.59 -26.35 -31.03
CA ASN C 77 1.75 -25.76 -30.36
C ASN C 77 2.20 -26.69 -29.25
N PRO C 78 3.42 -27.24 -29.36
CA PRO C 78 3.87 -28.15 -28.31
C PRO C 78 3.96 -27.50 -26.94
N GLU C 79 4.09 -26.17 -26.88
CA GLU C 79 3.93 -25.42 -25.62
C GLU C 79 2.69 -25.83 -24.85
N TYR C 80 1.67 -26.28 -25.57
CA TYR C 80 0.34 -26.45 -24.98
C TYR C 80 -0.05 -27.88 -24.73
N GLY C 81 0.77 -28.81 -25.22
CA GLY C 81 0.46 -30.22 -25.12
C GLY C 81 0.23 -30.87 -26.48
N THR C 82 -0.70 -31.81 -26.52
CA THR C 82 -0.97 -32.63 -27.67
C THR C 82 -2.40 -32.37 -28.12
N LEU C 83 -2.76 -32.91 -29.29
CA LEU C 83 -4.11 -32.82 -29.79
C LEU C 83 -5.08 -33.43 -28.80
N ALA C 84 -4.71 -34.57 -28.23
CA ALA C 84 -5.54 -35.24 -27.25
C ALA C 84 -5.85 -34.34 -26.06
N ASP C 85 -4.84 -33.58 -25.59
CA ASP C 85 -5.08 -32.58 -24.55
C ASP C 85 -6.05 -31.50 -25.00
N PHE C 86 -5.92 -31.07 -26.28
CA PHE C 86 -6.84 -30.06 -26.83
C PHE C 86 -8.26 -30.63 -26.89
N LYS C 87 -8.36 -31.84 -27.38
CA LYS C 87 -9.66 -32.50 -27.47
C LYS C 87 -10.29 -32.68 -26.10
N ALA C 88 -9.46 -33.03 -25.13
CA ALA C 88 -9.91 -33.10 -23.73
C ALA C 88 -10.48 -31.75 -23.26
N LEU C 89 -9.86 -30.65 -23.68
CA LEU C 89 -10.38 -29.30 -23.33
C LEU C 89 -11.73 -29.04 -23.97
N THR C 90 -11.86 -29.30 -25.28
CA THR C 90 -13.12 -29.01 -25.99
C THR C 90 -14.28 -29.86 -25.46
N ASP C 91 -14.01 -31.13 -25.22
CA ASP C 91 -15.01 -32.09 -24.70
C ASP C 91 -15.52 -31.61 -23.37
N ARG C 92 -14.60 -31.21 -22.49
CA ARG C 92 -14.97 -30.68 -21.16
C ARG C 92 -15.82 -29.42 -21.26
N ALA C 93 -15.42 -28.51 -22.15
CA ALA C 93 -16.11 -27.25 -22.35
C ALA C 93 -17.51 -27.53 -22.84
N HIS C 94 -17.63 -28.55 -23.69
CA HIS C 94 -18.93 -28.92 -24.25
C HIS C 94 -19.82 -29.61 -23.21
N GLU C 95 -19.23 -30.44 -22.34
CA GLU C 95 -19.93 -30.98 -21.19
C GLU C 95 -20.50 -29.86 -20.35
N LEU C 96 -19.76 -28.77 -20.15
CA LEU C 96 -20.28 -27.62 -19.40
C LEU C 96 -21.24 -26.69 -20.15
N GLY C 97 -21.52 -27.02 -21.40
CA GLY C 97 -22.47 -26.25 -22.21
C GLY C 97 -21.90 -24.95 -22.73
N MET C 98 -20.57 -24.92 -22.95
CA MET C 98 -19.89 -23.76 -23.54
C MET C 98 -19.47 -24.07 -24.99
N LYS C 99 -19.34 -23.03 -25.82
CA LYS C 99 -18.77 -23.18 -27.14
C LYS C 99 -17.31 -22.82 -27.15
N VAL C 100 -16.52 -23.49 -27.98
CA VAL C 100 -15.05 -23.16 -28.09
C VAL C 100 -14.81 -22.46 -29.42
N MET C 101 -14.07 -21.36 -29.40
CA MET C 101 -13.83 -20.59 -30.60
C MET C 101 -12.32 -20.50 -30.73
N LEU C 102 -11.81 -20.75 -31.93
CA LEU C 102 -10.38 -20.61 -32.19
C LEU C 102 -10.05 -19.33 -32.98
N ASP C 103 -8.81 -18.92 -32.86
CA ASP C 103 -8.27 -17.73 -33.48
C ASP C 103 -7.68 -18.17 -34.81
N ILE C 104 -8.21 -17.61 -35.89
CA ILE C 104 -7.75 -17.91 -37.23
C ILE C 104 -6.93 -16.72 -37.74
N VAL C 105 -5.69 -16.98 -38.16
CA VAL C 105 -4.74 -15.93 -38.54
C VAL C 105 -4.37 -16.10 -40.01
N TYR C 106 -5.32 -15.74 -40.87
CA TYR C 106 -5.23 -16.05 -42.30
C TYR C 106 -4.62 -14.97 -43.20
N ASN C 107 -4.15 -13.87 -42.61
CA ASN C 107 -3.54 -12.79 -43.39
C ASN C 107 -2.10 -13.19 -43.77
N HIS C 108 -1.44 -13.89 -42.85
CA HIS C 108 -0.01 -14.03 -42.90
C HIS C 108 0.37 -15.32 -42.14
N THR C 109 1.55 -15.85 -42.44
CA THR C 109 2.09 -17.00 -41.71
C THR C 109 3.50 -16.63 -41.29
N SER C 110 4.14 -17.45 -40.48
CA SER C 110 5.56 -17.28 -40.25
C SER C 110 6.34 -17.54 -41.55
N PRO C 111 7.57 -17.01 -41.67
CA PRO C 111 8.29 -17.22 -42.92
C PRO C 111 8.77 -18.65 -43.11
N ASP C 112 8.77 -19.46 -42.05
CA ASP C 112 9.19 -20.86 -42.15
C ASP C 112 8.01 -21.83 -42.08
N SER C 113 6.81 -21.33 -42.39
CA SER C 113 5.60 -22.11 -42.26
C SER C 113 5.53 -23.20 -43.29
N VAL C 114 4.63 -24.15 -43.05
CA VAL C 114 4.38 -25.22 -43.99
C VAL C 114 4.05 -24.60 -45.34
N LEU C 115 3.11 -23.66 -45.36
CA LEU C 115 2.70 -23.03 -46.64
C LEU C 115 3.84 -22.24 -47.32
N ALA C 116 4.68 -21.57 -46.55
CA ALA C 116 5.79 -20.82 -47.13
C ALA C 116 6.85 -21.75 -47.72
N THR C 117 6.98 -22.96 -47.18
CA THR C 117 7.99 -23.88 -47.69
C THR C 117 7.43 -24.73 -48.85
N GLU C 118 6.18 -25.13 -48.71
CA GLU C 118 5.49 -25.96 -49.68
C GLU C 118 4.77 -25.20 -50.78
N HIS C 119 4.26 -24.01 -50.48
CA HIS C 119 3.52 -23.19 -51.47
C HIS C 119 3.94 -21.73 -51.44
N PRO C 120 5.21 -21.46 -51.72
CA PRO C 120 5.75 -20.11 -51.69
C PRO C 120 5.00 -19.19 -52.68
N GLU C 121 4.45 -19.79 -53.72
CA GLU C 121 3.78 -19.08 -54.80
C GLU C 121 2.41 -18.55 -54.37
N TRP C 122 1.99 -18.91 -53.16
CA TRP C 122 0.72 -18.42 -52.61
C TRP C 122 0.90 -17.17 -51.78
N PHE C 123 2.15 -16.71 -51.67
CA PHE C 123 2.47 -15.50 -50.93
C PHE C 123 2.71 -14.30 -51.85
N TYR C 124 2.62 -13.10 -51.29
CA TYR C 124 3.11 -11.91 -51.96
C TYR C 124 4.64 -12.00 -52.02
N HIS C 125 5.20 -11.51 -53.13
CA HIS C 125 6.64 -11.31 -53.26
C HIS C 125 6.92 -9.92 -53.77
N ASP C 126 7.97 -9.29 -53.24
CA ASP C 126 8.40 -8.00 -53.76
C ASP C 126 9.37 -8.22 -54.94
N ALA C 127 10.02 -7.14 -55.39
CA ALA C 127 10.79 -7.18 -56.64
C ALA C 127 11.93 -8.20 -56.60
N ASP C 128 12.61 -8.27 -55.45
CA ASP C 128 13.77 -9.13 -55.23
C ASP C 128 13.39 -10.60 -54.94
N GLY C 129 12.12 -10.93 -55.16
CA GLY C 129 11.59 -12.27 -54.90
C GLY C 129 11.50 -12.65 -53.43
N GLN C 130 11.67 -11.70 -52.53
CA GLN C 130 11.52 -11.97 -51.10
C GLN C 130 10.05 -11.90 -50.67
N LEU C 131 9.65 -12.83 -49.79
CA LEU C 131 8.37 -12.75 -49.08
C LEU C 131 8.24 -11.38 -48.43
N THR C 132 7.01 -10.92 -48.29
CA THR C 132 6.82 -9.55 -47.83
C THR C 132 5.59 -9.38 -46.94
N ASN C 133 5.39 -8.19 -46.40
CA ASN C 133 4.21 -7.88 -45.58
C ASN C 133 3.85 -6.40 -45.73
N LYS C 134 2.59 -6.12 -46.04
CA LYS C 134 2.09 -4.74 -46.17
C LYS C 134 2.23 -3.89 -44.87
N VAL C 135 2.51 -4.56 -43.75
CA VAL C 135 2.80 -3.92 -42.44
C VAL C 135 4.23 -4.23 -41.98
N GLY C 136 5.17 -3.30 -42.24
CA GLY C 136 6.58 -3.42 -41.81
C GLY C 136 6.83 -3.80 -40.35
N ASP C 137 5.95 -3.30 -39.46
CA ASP C 137 5.91 -3.66 -38.03
C ASP C 137 5.88 -5.20 -37.81
N TRP C 138 5.24 -5.90 -38.75
CA TRP C 138 5.05 -7.34 -38.63
C TRP C 138 6.20 -8.14 -39.26
N SER C 139 7.39 -8.04 -38.66
CA SER C 139 8.63 -8.69 -39.14
C SER C 139 8.74 -10.22 -38.89
N ASP C 140 7.85 -10.77 -38.07
CA ASP C 140 7.81 -12.22 -37.85
C ASP C 140 6.89 -13.03 -38.78
N VAL C 141 6.26 -12.34 -39.75
CA VAL C 141 5.22 -12.95 -40.57
C VAL C 141 5.24 -12.37 -41.96
N LYS C 142 4.68 -13.10 -42.93
CA LYS C 142 4.71 -12.77 -44.35
C LYS C 142 3.34 -13.00 -44.94
N ASP C 143 2.94 -12.20 -45.92
CA ASP C 143 1.56 -12.12 -46.32
C ASP C 143 1.19 -13.13 -47.40
N LEU C 144 0.08 -13.82 -47.19
CA LEU C 144 -0.53 -14.69 -48.19
C LEU C 144 -1.26 -13.83 -49.22
N ASP C 145 -1.24 -14.26 -50.47
CA ASP C 145 -1.95 -13.58 -51.57
C ASP C 145 -3.19 -14.38 -52.01
N TYR C 146 -4.37 -13.89 -51.62
CA TYR C 146 -5.63 -14.58 -51.93
C TYR C 146 -6.04 -14.45 -53.39
N GLY C 147 -5.27 -13.69 -54.17
CA GLY C 147 -5.36 -13.71 -55.62
C GLY C 147 -5.12 -15.11 -56.16
N HIS C 148 -4.42 -15.94 -55.40
CA HIS C 148 -4.26 -17.35 -55.77
C HIS C 148 -5.38 -18.19 -55.24
N HIS C 149 -6.29 -18.60 -56.12
CA HIS C 149 -7.50 -19.31 -55.73
C HIS C 149 -7.28 -20.72 -55.14
N GLU C 150 -6.22 -21.39 -55.57
CA GLU C 150 -5.86 -22.70 -55.03
C GLU C 150 -5.61 -22.67 -53.51
N LEU C 151 -5.12 -21.53 -53.03
CA LEU C 151 -4.90 -21.29 -51.60
C LEU C 151 -6.16 -21.40 -50.79
N TRP C 152 -7.28 -21.02 -51.39
CA TRP C 152 -8.54 -20.95 -50.65
C TRP C 152 -8.91 -22.30 -50.06
N GLN C 153 -8.81 -23.36 -50.86
CA GLN C 153 -9.28 -24.66 -50.38
C GLN C 153 -8.38 -25.25 -49.30
N TYR C 154 -7.09 -24.91 -49.35
CA TYR C 154 -6.22 -25.29 -48.25
C TYR C 154 -6.75 -24.63 -46.95
N GLN C 155 -7.03 -23.34 -47.04
CA GLN C 155 -7.40 -22.58 -45.83
C GLN C 155 -8.70 -23.13 -45.27
N ILE C 156 -9.63 -23.47 -46.18
CA ILE C 156 -10.97 -23.94 -45.81
C ILE C 156 -10.88 -25.36 -45.27
N ASP C 157 -10.08 -26.22 -45.90
CA ASP C 157 -9.94 -27.58 -45.44
C ASP C 157 -9.43 -27.60 -44.02
N THR C 158 -8.56 -26.65 -43.67
CA THR C 158 -8.04 -26.54 -42.31
C THR C 158 -9.19 -26.28 -41.33
N LEU C 159 -10.12 -25.43 -41.73
CA LEU C 159 -11.25 -25.08 -40.87
C LEU C 159 -12.21 -26.25 -40.76
N LEU C 160 -12.47 -26.93 -41.88
CA LEU C 160 -13.25 -28.18 -41.83
C LEU C 160 -12.62 -29.13 -40.82
N TYR C 161 -11.30 -29.16 -40.78
CA TYR C 161 -10.59 -30.04 -39.84
C TYR C 161 -10.81 -29.62 -38.38
N TRP C 162 -10.51 -28.37 -38.04
CA TRP C 162 -10.66 -27.89 -36.65
C TRP C 162 -12.13 -27.93 -36.20
N SER C 163 -13.05 -27.85 -37.16
CA SER C 163 -14.50 -27.76 -36.87
C SER C 163 -15.05 -29.06 -36.34
N GLN C 164 -14.23 -30.10 -36.40
CA GLN C 164 -14.57 -31.35 -35.74
C GLN C 164 -14.62 -31.16 -34.24
N PHE C 165 -13.87 -30.18 -33.72
CA PHE C 165 -13.68 -30.02 -32.28
C PHE C 165 -14.30 -28.76 -31.73
N VAL C 166 -14.37 -27.73 -32.57
CA VAL C 166 -14.77 -26.39 -32.09
C VAL C 166 -16.03 -25.84 -32.77
N ASP C 167 -16.50 -24.71 -32.25
CA ASP C 167 -17.83 -24.22 -32.50
C ASP C 167 -17.81 -22.86 -33.23
N GLY C 168 -16.62 -22.30 -33.45
CA GLY C 168 -16.57 -20.98 -34.07
C GLY C 168 -15.16 -20.48 -34.22
N TYR C 169 -15.02 -19.34 -34.92
CA TYR C 169 -13.72 -18.76 -35.24
C TYR C 169 -13.69 -17.26 -34.95
N ARG C 170 -12.56 -16.83 -34.41
CA ARG C 170 -12.25 -15.41 -34.33
C ARG C 170 -11.18 -15.20 -35.38
N CYS C 171 -11.47 -14.32 -36.33
CA CYS C 171 -10.62 -14.14 -37.48
C CYS C 171 -9.79 -12.84 -37.40
N ASP C 172 -8.50 -13.07 -37.15
CA ASP C 172 -7.49 -12.05 -36.98
C ASP C 172 -7.35 -11.24 -38.25
N VAL C 173 -7.30 -9.92 -38.08
CA VAL C 173 -7.30 -8.91 -39.14
C VAL C 173 -8.14 -9.31 -40.34
N ALA C 174 -9.35 -9.78 -40.06
CA ALA C 174 -10.31 -10.24 -41.06
C ALA C 174 -10.45 -9.32 -42.30
N PRO C 175 -10.48 -7.99 -42.12
CA PRO C 175 -10.71 -7.14 -43.30
C PRO C 175 -9.52 -7.04 -44.28
N LEU C 176 -8.42 -7.71 -43.97
CA LEU C 176 -7.29 -7.73 -44.87
C LEU C 176 -7.44 -8.82 -45.93
N VAL C 177 -8.35 -9.76 -45.67
CA VAL C 177 -8.58 -10.94 -46.49
C VAL C 177 -9.90 -10.80 -47.26
N PRO C 178 -9.91 -11.09 -48.57
CA PRO C 178 -11.05 -10.76 -49.45
C PRO C 178 -12.39 -11.33 -48.99
N LEU C 179 -13.44 -10.55 -49.19
CA LEU C 179 -14.77 -10.97 -48.79
C LEU C 179 -15.18 -12.27 -49.47
N ASP C 180 -14.85 -12.43 -50.75
CA ASP C 180 -15.21 -13.66 -51.45
C ASP C 180 -14.58 -14.91 -50.79
N PHE C 181 -13.38 -14.76 -50.24
CA PHE C 181 -12.84 -15.89 -49.47
C PHE C 181 -13.66 -16.17 -48.25
N TRP C 182 -13.93 -15.15 -47.43
CA TRP C 182 -14.71 -15.36 -46.19
C TRP C 182 -16.09 -15.94 -46.48
N LEU C 183 -16.69 -15.49 -47.58
CA LEU C 183 -18.03 -15.99 -47.95
C LEU C 183 -18.00 -17.49 -48.29
N GLU C 184 -16.95 -17.91 -49.01
CA GLU C 184 -16.77 -19.29 -49.44
C GLU C 184 -16.45 -20.17 -48.24
N ALA C 185 -15.54 -19.67 -47.40
CA ALA C 185 -15.20 -20.36 -46.16
C ALA C 185 -16.44 -20.66 -45.31
N ARG C 186 -17.22 -19.61 -45.01
CA ARG C 186 -18.40 -19.79 -44.22
C ARG C 186 -19.36 -20.76 -44.89
N LYS C 187 -19.48 -20.68 -46.22
CA LYS C 187 -20.42 -21.50 -46.96
C LYS C 187 -20.13 -23.00 -46.78
N GLN C 188 -18.86 -23.35 -46.93
CA GLN C 188 -18.44 -24.73 -46.87
C GLN C 188 -18.43 -25.25 -45.44
N VAL C 189 -17.96 -24.41 -44.50
CA VAL C 189 -17.86 -24.81 -43.12
C VAL C 189 -19.27 -24.97 -42.57
N ASN C 190 -20.10 -23.94 -42.77
CA ASN C 190 -21.44 -23.97 -42.17
C ASN C 190 -22.40 -24.94 -42.90
N ALA C 191 -21.99 -25.45 -44.07
CA ALA C 191 -22.75 -26.52 -44.75
C ALA C 191 -22.67 -27.80 -43.94
N LYS C 192 -21.49 -28.04 -43.36
CA LYS C 192 -21.22 -29.24 -42.59
C LYS C 192 -21.46 -28.99 -41.09
N TYR C 193 -21.28 -27.75 -40.65
CA TYR C 193 -21.38 -27.36 -39.23
C TYR C 193 -22.19 -26.08 -39.07
N PRO C 194 -23.53 -26.20 -39.16
CA PRO C 194 -24.43 -25.04 -39.27
C PRO C 194 -24.46 -24.07 -38.08
N GLU C 195 -23.95 -24.51 -36.93
CA GLU C 195 -24.04 -23.71 -35.75
C GLU C 195 -22.81 -22.78 -35.61
N THR C 196 -21.79 -22.97 -36.47
CA THR C 196 -20.53 -22.22 -36.40
C THR C 196 -20.73 -20.72 -36.39
N LEU C 197 -20.17 -20.12 -35.35
CA LEU C 197 -20.10 -18.69 -35.17
C LEU C 197 -18.81 -18.14 -35.74
N TRP C 198 -18.87 -16.87 -36.16
CA TRP C 198 -17.79 -16.18 -36.81
C TRP C 198 -17.72 -14.78 -36.25
N LEU C 199 -16.58 -14.46 -35.65
CA LEU C 199 -16.26 -13.14 -35.16
C LEU C 199 -15.08 -12.63 -35.97
N ALA C 200 -15.22 -11.39 -36.47
CA ALA C 200 -14.21 -10.72 -37.25
C ALA C 200 -13.55 -9.65 -36.42
N GLU C 201 -12.23 -9.68 -36.38
CA GLU C 201 -11.49 -8.56 -35.90
C GLU C 201 -11.48 -7.48 -36.96
N SER C 202 -12.49 -6.61 -36.89
CA SER C 202 -12.68 -5.52 -37.83
C SER C 202 -11.67 -4.43 -37.51
N ALA C 203 -11.48 -3.48 -38.41
CA ALA C 203 -10.45 -2.46 -38.29
C ALA C 203 -11.04 -1.11 -37.96
N GLY C 204 -10.16 -0.15 -37.69
CA GLY C 204 -10.54 1.27 -37.60
C GLY C 204 -10.55 1.95 -38.97
N SER C 205 -11.29 3.04 -39.11
CA SER C 205 -11.43 3.72 -40.42
C SER C 205 -10.07 4.16 -40.96
N GLY C 206 -9.16 4.56 -40.07
CA GLY C 206 -7.83 4.96 -40.48
C GLY C 206 -7.06 3.85 -41.17
N PHE C 207 -7.15 2.65 -40.63
CA PHE C 207 -6.41 1.50 -41.16
C PHE C 207 -7.00 1.02 -42.50
N ILE C 208 -8.32 0.88 -42.56
CA ILE C 208 -9.05 0.60 -43.81
C ILE C 208 -8.62 1.58 -44.92
N GLU C 209 -8.67 2.88 -44.63
CA GLU C 209 -8.21 3.90 -45.61
C GLU C 209 -6.77 3.65 -46.05
N GLU C 210 -5.88 3.38 -45.09
CA GLU C 210 -4.48 3.07 -45.42
C GLU C 210 -4.35 1.91 -46.40
N LEU C 211 -5.10 0.83 -46.16
CA LEU C 211 -5.03 -0.34 -47.02
C LEU C 211 -5.58 -0.05 -48.41
N ARG C 212 -6.76 0.56 -48.45
CA ARG C 212 -7.35 0.94 -49.73
C ARG C 212 -6.48 1.95 -50.52
N SER C 213 -5.90 2.93 -49.84
CA SER C 213 -5.13 3.97 -50.54
C SER C 213 -3.82 3.43 -51.17
N GLN C 214 -3.44 2.21 -50.75
CA GLN C 214 -2.32 1.47 -51.35
C GLN C 214 -2.79 0.36 -52.29
N GLY C 215 -4.09 0.15 -52.41
CA GLY C 215 -4.62 -0.81 -53.37
C GLY C 215 -4.82 -2.20 -52.80
N TYR C 216 -4.73 -2.35 -51.48
CA TYR C 216 -4.94 -3.66 -50.90
C TYR C 216 -6.39 -3.78 -50.45
N THR C 217 -6.86 -5.02 -50.28
CA THR C 217 -8.14 -5.26 -49.64
C THR C 217 -8.18 -4.62 -48.25
N GLY C 218 -9.25 -3.88 -48.00
CA GLY C 218 -9.59 -3.38 -46.66
C GLY C 218 -11.10 -3.33 -46.51
N LEU C 219 -11.68 -4.41 -45.97
CA LEU C 219 -13.13 -4.52 -45.88
C LEU C 219 -13.74 -3.67 -44.80
N SER C 220 -14.89 -3.08 -45.12
CA SER C 220 -15.63 -2.30 -44.14
C SER C 220 -16.27 -3.27 -43.14
N ASP C 221 -16.78 -2.74 -42.03
CA ASP C 221 -17.40 -3.60 -41.04
C ASP C 221 -18.64 -4.28 -41.59
N SER C 222 -19.36 -3.54 -42.44
CA SER C 222 -20.63 -4.03 -42.99
C SER C 222 -20.41 -5.11 -44.03
N GLU C 223 -19.32 -5.02 -44.79
CA GLU C 223 -18.96 -6.11 -45.68
C GLU C 223 -18.61 -7.34 -44.84
N LEU C 224 -17.86 -7.15 -43.76
CA LEU C 224 -17.58 -8.28 -42.86
C LEU C 224 -18.87 -8.95 -42.39
N TYR C 225 -19.89 -8.16 -42.04
CA TYR C 225 -21.18 -8.76 -41.63
C TYR C 225 -21.83 -9.64 -42.69
N GLN C 226 -21.43 -9.52 -43.96
CA GLN C 226 -21.94 -10.48 -44.95
C GLN C 226 -21.52 -11.92 -44.66
N ALA C 227 -20.37 -12.08 -43.99
CA ALA C 227 -19.81 -13.41 -43.71
C ALA C 227 -19.66 -13.68 -42.21
N PHE C 228 -19.82 -12.64 -41.40
CA PHE C 228 -19.55 -12.75 -39.96
C PHE C 228 -20.78 -12.45 -39.14
N ASP C 229 -20.93 -13.18 -38.02
CA ASP C 229 -21.98 -12.98 -37.03
C ASP C 229 -21.65 -11.76 -36.16
N MET C 230 -20.36 -11.55 -35.91
CA MET C 230 -19.92 -10.49 -34.97
C MET C 230 -18.71 -9.80 -35.55
N THR C 231 -18.60 -8.49 -35.28
CA THR C 231 -17.35 -7.73 -35.48
C THR C 231 -16.94 -7.05 -34.16
N TYR C 232 -15.70 -6.59 -34.09
CA TYR C 232 -15.20 -5.81 -32.97
C TYR C 232 -15.70 -4.38 -32.98
N ASP C 233 -15.82 -3.77 -31.80
CA ASP C 233 -16.02 -2.32 -31.63
C ASP C 233 -14.82 -1.43 -31.97
N TYR C 234 -13.98 -1.82 -32.94
CA TYR C 234 -12.80 -1.00 -33.19
C TYR C 234 -13.17 0.22 -33.99
N ASP C 235 -14.42 0.29 -34.45
CA ASP C 235 -14.93 1.50 -35.07
C ASP C 235 -15.23 2.62 -34.07
N VAL C 236 -15.35 2.30 -32.78
CA VAL C 236 -15.69 3.30 -31.74
C VAL C 236 -14.86 3.20 -30.45
N PHE C 237 -14.08 2.14 -30.30
CA PHE C 237 -13.21 1.99 -29.15
C PHE C 237 -12.36 3.25 -28.94
N GLY C 238 -11.79 3.80 -30.02
CA GLY C 238 -10.95 5.02 -29.91
C GLY C 238 -11.75 6.22 -29.41
N ASP C 239 -13.00 6.29 -29.81
CA ASP C 239 -13.92 7.31 -29.36
C ASP C 239 -14.33 7.16 -27.90
N PHE C 240 -14.58 5.94 -27.46
CA PHE C 240 -14.72 5.67 -26.04
C PHE C 240 -13.50 6.16 -25.29
N LYS C 241 -12.32 5.80 -25.76
CA LYS C 241 -11.12 6.27 -25.08
C LYS C 241 -10.94 7.79 -25.08
N ASP C 242 -11.27 8.47 -26.16
CA ASP C 242 -11.19 9.94 -26.15
C ASP C 242 -12.15 10.55 -25.10
N TYR C 243 -13.33 9.97 -25.00
CA TYR C 243 -14.33 10.37 -24.00
C TYR C 243 -13.78 10.10 -22.60
N TRP C 244 -13.27 8.89 -22.40
CA TRP C 244 -12.74 8.47 -21.11
C TRP C 244 -11.55 9.33 -20.63
N GLN C 245 -10.75 9.79 -21.57
CA GLN C 245 -9.59 10.66 -21.28
C GLN C 245 -9.89 12.16 -21.31
N GLY C 246 -11.18 12.52 -21.43
CA GLY C 246 -11.58 13.90 -21.32
C GLY C 246 -11.38 14.76 -22.57
N ARG C 247 -11.09 14.10 -23.68
CA ARG C 247 -10.81 14.76 -24.98
C ARG C 247 -12.04 14.78 -25.87
N SER C 248 -13.07 14.05 -25.43
CA SER C 248 -14.33 14.05 -26.15
C SER C 248 -15.45 14.19 -25.12
N THR C 249 -16.61 14.65 -25.55
CA THR C 249 -17.74 14.76 -24.64
C THR C 249 -18.65 13.54 -24.77
N VAL C 250 -19.49 13.32 -23.75
CA VAL C 250 -20.44 12.22 -23.77
C VAL C 250 -21.40 12.45 -24.93
N GLU C 251 -21.70 13.71 -25.23
CA GLU C 251 -22.66 13.98 -26.28
C GLU C 251 -22.07 13.48 -27.61
N ARG C 252 -20.78 13.81 -27.88
CA ARG C 252 -20.11 13.36 -29.10
C ARG C 252 -20.04 11.83 -29.16
N TYR C 253 -19.65 11.23 -28.06
CA TYR C 253 -19.47 9.79 -28.01
C TYR C 253 -20.80 9.06 -28.27
N VAL C 254 -21.86 9.43 -27.56
CA VAL C 254 -23.16 8.76 -27.76
C VAL C 254 -23.74 9.01 -29.15
N ASP C 255 -23.48 10.17 -29.73
CA ASP C 255 -23.92 10.43 -31.09
C ASP C 255 -23.26 9.47 -32.06
N LEU C 256 -21.95 9.19 -31.87
CA LEU C 256 -21.29 8.16 -32.69
C LEU C 256 -21.88 6.78 -32.50
N LEU C 257 -22.23 6.42 -31.25
CA LEU C 257 -22.90 5.12 -30.99
C LEU C 257 -24.31 4.99 -31.61
N GLN C 258 -25.06 6.09 -31.62
CA GLN C 258 -26.34 6.17 -32.30
C GLN C 258 -26.09 6.01 -33.79
N ARG C 259 -25.06 6.67 -34.32
CA ARG C 259 -24.75 6.47 -35.75
C ARG C 259 -24.39 5.03 -35.99
N GLN C 260 -23.57 4.46 -35.14
CA GLN C 260 -23.12 3.06 -35.28
C GLN C 260 -24.29 2.08 -35.36
N ASP C 261 -25.22 2.22 -34.45
CA ASP C 261 -26.36 1.31 -34.37
C ASP C 261 -27.17 1.25 -35.69
N ALA C 262 -27.14 2.33 -36.47
CA ALA C 262 -27.88 2.37 -37.73
C ALA C 262 -27.03 2.05 -38.95
N THR C 263 -25.72 1.86 -38.73
CA THR C 263 -24.75 1.52 -39.79
C THR C 263 -24.83 0.07 -40.24
N PHE C 264 -25.25 -0.79 -39.32
CA PHE C 264 -25.22 -2.21 -39.56
C PHE C 264 -26.64 -2.79 -39.73
N PRO C 265 -26.76 -4.06 -40.14
CA PRO C 265 -28.10 -4.63 -40.25
C PRO C 265 -28.82 -4.64 -38.90
N GLY C 266 -30.15 -4.75 -38.94
CA GLY C 266 -30.95 -4.82 -37.71
C GLY C 266 -30.49 -5.92 -36.76
N ASN C 267 -30.03 -7.04 -37.33
CA ASN C 267 -29.63 -8.17 -36.50
C ASN C 267 -28.16 -8.18 -36.09
N TYR C 268 -27.43 -7.07 -36.30
CA TYR C 268 -25.98 -7.06 -36.10
C TYR C 268 -25.60 -7.33 -34.65
N VAL C 269 -24.40 -7.86 -34.43
CA VAL C 269 -23.86 -8.03 -33.08
C VAL C 269 -22.46 -7.46 -33.06
N LYS C 270 -22.25 -6.45 -32.23
CA LYS C 270 -20.88 -5.96 -31.93
C LYS C 270 -20.35 -6.55 -30.63
N MET C 271 -19.09 -6.97 -30.66
CA MET C 271 -18.37 -7.36 -29.43
C MET C 271 -17.86 -6.09 -28.75
N ARG C 272 -18.36 -5.83 -27.53
CA ARG C 272 -18.05 -4.64 -26.74
C ARG C 272 -16.98 -5.08 -25.73
N PHE C 273 -16.01 -4.20 -25.49
CA PHE C 273 -14.81 -4.57 -24.75
C PHE C 273 -14.14 -3.33 -24.21
N LEU C 274 -13.43 -3.51 -23.11
CA LEU C 274 -12.59 -2.46 -22.47
C LEU C 274 -11.13 -2.84 -22.62
N GLU C 275 -10.86 -4.13 -22.82
CA GLU C 275 -9.50 -4.58 -23.02
C GLU C 275 -9.55 -5.85 -23.87
N ASN C 276 -8.36 -6.27 -24.31
CA ASN C 276 -8.20 -7.56 -24.98
C ASN C 276 -6.72 -7.86 -25.07
N HIS C 277 -6.36 -8.96 -25.74
CA HIS C 277 -4.94 -9.31 -25.71
C HIS C 277 -3.99 -8.25 -26.27
N ASP C 278 -4.49 -7.37 -27.11
CA ASP C 278 -3.72 -6.39 -27.89
C ASP C 278 -3.70 -5.01 -27.25
N ASN C 279 -4.40 -4.86 -26.14
CA ASN C 279 -4.59 -3.55 -25.55
C ASN C 279 -4.33 -3.53 -24.06
N ALA C 280 -4.07 -2.34 -23.53
CA ALA C 280 -3.86 -2.20 -22.09
C ALA C 280 -5.10 -2.69 -21.35
N ARG C 281 -4.88 -3.16 -20.13
CA ARG C 281 -5.92 -3.62 -19.25
C ARG C 281 -6.93 -2.52 -18.91
N MET C 282 -8.17 -2.95 -18.66
CA MET C 282 -9.21 -2.08 -18.05
C MET C 282 -8.59 -1.29 -16.87
N MET C 283 -7.89 -2.00 -15.99
CA MET C 283 -7.30 -1.35 -14.81
C MET C 283 -5.95 -0.57 -14.99
N SER C 284 -5.59 -0.29 -16.24
CA SER C 284 -4.66 0.81 -16.53
C SER C 284 -5.45 1.99 -17.12
N LEU C 285 -6.60 1.71 -17.71
CA LEU C 285 -7.48 2.76 -18.24
C LEU C 285 -8.13 3.50 -17.11
N MET C 286 -8.52 2.73 -16.11
CA MET C 286 -9.21 3.22 -14.94
C MET C 286 -8.57 2.57 -13.70
N HIS C 287 -8.88 3.06 -12.50
CA HIS C 287 -8.03 2.74 -11.34
C HIS C 287 -8.79 2.45 -10.06
N SER C 288 -10.12 2.44 -10.15
CA SER C 288 -10.95 2.03 -9.03
C SER C 288 -11.98 0.97 -9.44
N LYS C 289 -12.39 0.22 -8.45
CA LYS C 289 -13.46 -0.75 -8.61
C LYS C 289 -14.78 -0.07 -8.91
N ALA C 290 -15.00 1.15 -8.41
CA ALA C 290 -16.23 1.90 -8.74
C ALA C 290 -16.27 2.21 -10.23
N GLU C 291 -15.11 2.53 -10.81
CA GLU C 291 -15.09 2.79 -12.24
C GLU C 291 -15.28 1.49 -13.04
N ALA C 292 -14.71 0.37 -12.57
CA ALA C 292 -14.90 -0.92 -13.26
C ALA C 292 -16.38 -1.29 -13.29
N VAL C 293 -17.08 -1.05 -12.19
CA VAL C 293 -18.51 -1.37 -12.10
C VAL C 293 -19.25 -0.61 -13.19
N ASN C 294 -18.99 0.69 -13.32
CA ASN C 294 -19.69 1.50 -14.32
C ASN C 294 -19.39 1.07 -15.74
N ASN C 295 -18.12 0.77 -16.01
CA ASN C 295 -17.72 0.46 -17.34
C ASN C 295 -17.98 -0.98 -17.74
N LEU C 296 -17.95 -1.93 -16.81
CA LEU C 296 -18.39 -3.29 -17.14
C LEU C 296 -19.88 -3.31 -17.42
N THR C 297 -20.66 -2.68 -16.55
CA THR C 297 -22.08 -2.46 -16.81
C THR C 297 -22.32 -1.87 -18.21
N TRP C 298 -21.47 -0.94 -18.63
CA TRP C 298 -21.57 -0.30 -19.93
C TRP C 298 -21.37 -1.30 -21.08
N ILE C 299 -20.32 -2.12 -21.02
CA ILE C 299 -20.13 -3.09 -22.12
C ILE C 299 -21.16 -4.22 -22.16
N PHE C 300 -21.68 -4.64 -21.01
CA PHE C 300 -22.79 -5.58 -20.95
C PHE C 300 -24.13 -5.02 -21.38
N MET C 301 -24.46 -3.78 -21.03
CA MET C 301 -25.80 -3.26 -21.28
C MET C 301 -25.94 -2.61 -22.66
N GLN C 302 -24.83 -2.32 -23.33
CA GLN C 302 -24.89 -1.88 -24.74
C GLN C 302 -25.39 -3.00 -25.62
N ARG C 303 -26.00 -2.66 -26.76
CA ARG C 303 -26.45 -3.69 -27.66
C ARG C 303 -25.25 -4.46 -28.21
N GLY C 304 -25.16 -5.77 -27.94
CA GLY C 304 -24.05 -6.55 -28.48
C GLY C 304 -23.66 -7.67 -27.55
N ILE C 305 -22.41 -8.15 -27.65
CA ILE C 305 -21.89 -9.21 -26.80
C ILE C 305 -20.64 -8.68 -26.11
N PRO C 306 -20.59 -8.74 -24.76
CA PRO C 306 -19.37 -8.32 -24.07
C PRO C 306 -18.24 -9.36 -24.08
N LEU C 307 -17.01 -8.86 -24.13
CA LEU C 307 -15.83 -9.68 -23.96
C LEU C 307 -15.22 -9.43 -22.57
N ILE C 308 -14.83 -10.52 -21.92
CA ILE C 308 -13.98 -10.46 -20.75
C ILE C 308 -12.66 -11.12 -21.13
N TYR C 309 -11.54 -10.39 -21.01
CA TYR C 309 -10.21 -10.99 -21.27
C TYR C 309 -9.67 -11.62 -19.99
N ASN C 310 -9.14 -12.84 -20.08
CA ASN C 310 -8.68 -13.51 -18.86
C ASN C 310 -7.88 -12.60 -17.92
N GLY C 311 -8.36 -12.45 -16.69
CA GLY C 311 -7.66 -11.70 -15.63
C GLY C 311 -8.33 -10.36 -15.31
N GLN C 312 -9.12 -9.89 -16.27
CA GLN C 312 -9.95 -8.69 -16.12
C GLN C 312 -10.89 -8.86 -14.92
N GLU C 313 -11.37 -10.09 -14.70
CA GLU C 313 -12.31 -10.35 -13.58
C GLU C 313 -11.63 -10.21 -12.20
N PHE C 314 -10.31 -10.32 -12.19
CA PHE C 314 -9.53 -10.09 -10.97
C PHE C 314 -8.81 -8.76 -10.98
N LEU C 315 -9.25 -7.87 -11.85
CA LEU C 315 -8.72 -6.48 -11.89
C LEU C 315 -7.23 -6.41 -12.24
N ALA C 316 -6.82 -7.29 -13.15
CA ALA C 316 -5.45 -7.35 -13.63
C ALA C 316 -5.00 -6.02 -14.18
N GLU C 317 -3.72 -5.71 -14.00
CA GLU C 317 -3.18 -4.42 -14.32
C GLU C 317 -2.16 -4.47 -15.45
N HIS C 318 -1.52 -5.63 -15.60
CA HIS C 318 -0.46 -5.82 -16.60
C HIS C 318 -1.02 -6.46 -17.88
N GLN C 319 -0.67 -5.86 -19.02
CA GLN C 319 -0.97 -6.42 -20.34
C GLN C 319 0.04 -7.51 -20.67
N PRO C 320 -0.41 -8.79 -20.73
CA PRO C 320 0.56 -9.88 -20.93
C PRO C 320 1.30 -9.75 -22.25
N SER C 321 2.63 -9.78 -22.18
CA SER C 321 3.42 -9.92 -23.40
C SER C 321 2.87 -10.98 -24.40
N LEU C 322 2.92 -10.69 -25.70
CA LEU C 322 2.67 -11.74 -26.70
C LEU C 322 3.90 -12.62 -27.03
N PHE C 323 5.09 -12.24 -26.58
CA PHE C 323 6.35 -12.82 -27.11
C PHE C 323 7.14 -13.66 -26.13
N ASP C 324 7.02 -13.34 -24.83
CA ASP C 324 7.77 -13.98 -23.74
C ASP C 324 6.79 -14.44 -22.70
N ARG C 325 7.18 -15.43 -21.89
CA ARG C 325 6.27 -15.95 -20.88
C ARG C 325 5.93 -14.84 -19.86
N ASP C 326 4.66 -14.73 -19.51
CA ASP C 326 4.19 -13.60 -18.72
C ASP C 326 2.92 -14.07 -18.04
N THR C 327 3.07 -15.17 -17.29
CA THR C 327 2.00 -15.82 -16.58
C THR C 327 1.21 -14.79 -15.76
N MET C 328 -0.11 -14.88 -15.81
CA MET C 328 -0.96 -13.86 -15.24
C MET C 328 -1.50 -14.20 -13.86
N VAL C 329 -1.15 -15.39 -13.35
CA VAL C 329 -1.79 -15.92 -12.13
C VAL C 329 -1.70 -14.96 -10.94
N ALA C 330 -0.61 -14.18 -10.82
CA ALA C 330 -0.40 -13.28 -9.67
C ALA C 330 -0.90 -11.83 -9.88
N ASP C 331 -1.40 -11.52 -11.08
CA ASP C 331 -1.87 -10.18 -11.44
C ASP C 331 -3.35 -9.96 -11.01
N ARG C 332 -3.58 -10.06 -9.70
CA ARG C 332 -4.89 -9.99 -9.14
C ARG C 332 -4.91 -8.86 -8.12
N HIS C 333 -5.94 -8.03 -8.19
CA HIS C 333 -6.01 -6.82 -7.36
C HIS C 333 -7.46 -6.65 -6.92
N GLY C 334 -8.07 -7.76 -6.54
CA GLY C 334 -9.47 -7.73 -6.22
C GLY C 334 -10.23 -8.73 -7.04
N ASP C 335 -11.55 -8.57 -7.08
CA ASP C 335 -12.42 -9.55 -7.66
C ASP C 335 -13.74 -8.91 -8.02
N VAL C 336 -14.03 -8.87 -9.32
CA VAL C 336 -15.36 -8.45 -9.75
C VAL C 336 -16.15 -9.63 -10.32
N THR C 337 -15.78 -10.85 -9.92
CA THR C 337 -16.54 -12.01 -10.35
C THR C 337 -18.04 -11.86 -10.00
N PRO C 338 -18.40 -11.43 -8.76
CA PRO C 338 -19.83 -11.37 -8.46
C PRO C 338 -20.56 -10.37 -9.37
N LEU C 339 -19.90 -9.26 -9.68
CA LEU C 339 -20.46 -8.27 -10.59
C LEU C 339 -20.74 -8.84 -11.96
N ILE C 340 -19.77 -9.54 -12.52
CA ILE C 340 -19.90 -10.13 -13.85
C ILE C 340 -21.02 -11.19 -13.84
N GLN C 341 -21.07 -11.99 -12.78
CA GLN C 341 -22.12 -13.01 -12.68
C GLN C 341 -23.53 -12.42 -12.60
N LYS C 342 -23.65 -11.36 -11.81
CA LYS C 342 -24.90 -10.60 -11.84
C LYS C 342 -25.22 -9.97 -13.22
N LEU C 343 -24.24 -9.29 -13.82
CA LEU C 343 -24.42 -8.76 -15.18
C LEU C 343 -24.81 -9.84 -16.20
N VAL C 344 -24.22 -11.03 -16.03
CA VAL C 344 -24.52 -12.14 -16.93
C VAL C 344 -26.03 -12.53 -16.85
N THR C 345 -26.56 -12.57 -15.64
CA THR C 345 -27.99 -12.90 -15.46
C THR C 345 -28.93 -11.81 -16.01
N ILE C 346 -28.57 -10.54 -15.82
CA ILE C 346 -29.30 -9.42 -16.45
C ILE C 346 -29.23 -9.48 -17.98
N LYS C 347 -28.02 -9.62 -18.50
CA LYS C 347 -27.76 -9.84 -19.95
C LYS C 347 -28.59 -10.96 -20.59
N GLN C 348 -28.86 -12.00 -19.81
CA GLN C 348 -29.69 -13.11 -20.26
C GLN C 348 -31.17 -12.78 -20.44
N LEU C 349 -31.62 -11.64 -19.90
CA LEU C 349 -33.01 -11.25 -20.11
C LEU C 349 -33.36 -11.10 -21.60
N PRO C 350 -34.57 -11.56 -21.99
CA PRO C 350 -35.07 -11.35 -23.36
C PRO C 350 -35.04 -9.90 -23.83
N LEU C 351 -35.18 -8.94 -22.91
CA LEU C 351 -35.15 -7.51 -23.27
C LEU C 351 -33.84 -7.07 -23.95
N LEU C 352 -32.74 -7.74 -23.64
CA LEU C 352 -31.43 -7.45 -24.26
C LEU C 352 -31.38 -7.74 -25.78
N ARG C 353 -32.26 -8.62 -26.26
CA ARG C 353 -32.48 -8.88 -27.70
C ARG C 353 -33.50 -7.92 -28.35
N ALA C 354 -34.10 -7.02 -27.57
CA ALA C 354 -35.10 -6.10 -28.11
C ALA C 354 -34.61 -5.30 -29.32
N ALA C 355 -35.52 -5.12 -30.29
CA ALA C 355 -35.26 -4.30 -31.44
C ALA C 355 -35.15 -2.82 -31.02
N ASP C 356 -36.03 -2.37 -30.11
CA ASP C 356 -36.03 -1.00 -29.61
C ASP C 356 -34.95 -0.76 -28.53
N TYR C 357 -33.85 -0.17 -28.97
CA TYR C 357 -32.71 0.10 -28.11
C TYR C 357 -32.39 1.57 -28.26
N GLN C 358 -32.36 2.28 -27.14
CA GLN C 358 -32.13 3.72 -27.16
C GLN C 358 -31.01 4.09 -26.23
N LEU C 359 -30.15 4.98 -26.72
CA LEU C 359 -29.11 5.61 -25.93
C LEU C 359 -29.47 7.08 -25.80
N ALA C 360 -29.35 7.63 -24.59
CA ALA C 360 -29.58 9.06 -24.33
C ALA C 360 -28.54 9.63 -23.37
N VAL C 361 -28.13 10.90 -23.56
CA VAL C 361 -27.39 11.63 -22.51
C VAL C 361 -28.40 12.36 -21.65
N VAL C 362 -28.30 12.18 -20.34
CA VAL C 362 -29.28 12.76 -19.40
C VAL C 362 -28.57 13.62 -18.34
N GLU C 363 -29.14 13.74 -17.14
CA GLU C 363 -28.58 14.60 -16.09
C GLU C 363 -27.07 14.43 -15.85
N GLU C 364 -26.33 15.53 -15.84
CA GLU C 364 -24.90 15.56 -15.53
C GLU C 364 -24.02 14.69 -16.46
N GLY C 365 -24.54 14.42 -17.67
CA GLY C 365 -23.84 13.58 -18.65
C GLY C 365 -23.90 12.10 -18.36
N ILE C 366 -24.86 11.68 -17.55
CA ILE C 366 -25.09 10.26 -17.30
C ILE C 366 -25.63 9.65 -18.60
N VAL C 367 -25.19 8.44 -18.94
CA VAL C 367 -25.77 7.75 -20.09
C VAL C 367 -26.97 6.92 -19.65
N LYS C 368 -28.07 7.05 -20.38
CA LYS C 368 -29.24 6.22 -20.12
C LYS C 368 -29.46 5.27 -21.29
N ILE C 369 -29.51 3.97 -20.97
CA ILE C 369 -29.84 2.96 -21.95
C ILE C 369 -31.28 2.46 -21.72
N THR C 370 -32.06 2.37 -22.79
CA THR C 370 -33.37 1.71 -22.68
C THR C 370 -33.63 0.61 -23.74
N TYR C 371 -34.08 -0.55 -23.29
CA TYR C 371 -34.62 -1.60 -24.18
C TYR C 371 -36.12 -1.70 -23.92
N ARG C 372 -36.93 -1.69 -24.97
CA ARG C 372 -38.38 -1.84 -24.83
C ARG C 372 -38.89 -3.01 -25.70
N ALA C 373 -39.74 -3.87 -25.13
CA ALA C 373 -40.35 -4.97 -25.92
C ALA C 373 -41.45 -5.76 -25.20
N ALA C 374 -42.51 -6.09 -25.94
CA ALA C 374 -43.58 -6.93 -25.41
C ALA C 374 -44.13 -6.42 -24.06
N GLY C 375 -44.50 -5.16 -24.01
CA GLY C 375 -45.07 -4.60 -22.78
C GLY C 375 -44.14 -4.48 -21.57
N GLU C 376 -42.84 -4.54 -21.78
CA GLU C 376 -41.90 -4.34 -20.67
C GLU C 376 -40.72 -3.51 -21.16
N ALA C 377 -39.97 -2.97 -20.21
CA ALA C 377 -38.76 -2.25 -20.55
C ALA C 377 -37.68 -2.44 -19.48
N LEU C 378 -36.43 -2.16 -19.88
CA LEU C 378 -35.28 -2.11 -18.98
C LEU C 378 -34.59 -0.76 -19.24
N THR C 379 -34.53 0.07 -18.19
CA THR C 379 -33.68 1.27 -18.21
C THR C 379 -32.44 1.05 -17.31
N ALA C 380 -31.28 1.40 -17.84
CA ALA C 380 -30.01 1.46 -17.14
C ALA C 380 -29.47 2.88 -17.22
N TRP C 381 -29.34 3.53 -16.07
CA TRP C 381 -28.62 4.80 -15.96
C TRP C 381 -27.21 4.44 -15.54
N ILE C 382 -26.23 4.83 -16.36
CA ILE C 382 -24.84 4.45 -16.12
C ILE C 382 -23.99 5.70 -16.01
N PRO C 383 -23.61 6.05 -14.77
CA PRO C 383 -22.86 7.28 -14.59
C PRO C 383 -21.37 7.01 -14.77
N LEU C 384 -20.90 7.04 -16.01
CA LEU C 384 -19.53 6.56 -16.32
C LEU C 384 -18.42 7.36 -15.61
N LYS C 385 -18.73 8.62 -15.27
CA LYS C 385 -17.83 9.57 -14.59
C LYS C 385 -18.04 9.67 -13.07
N GLY C 386 -18.93 8.87 -12.52
CA GLY C 386 -19.15 8.84 -11.06
C GLY C 386 -20.19 9.85 -10.57
N GLN C 387 -21.10 10.25 -11.47
CA GLN C 387 -22.04 11.30 -11.22
C GLN C 387 -23.02 10.89 -10.12
N VAL C 388 -23.17 11.79 -9.16
CA VAL C 388 -24.14 11.63 -8.09
C VAL C 388 -25.19 12.70 -8.24
N THR C 389 -26.37 12.30 -8.69
CA THR C 389 -27.45 13.25 -8.98
C THR C 389 -28.80 12.55 -9.05
N ALA C 390 -29.89 13.33 -8.93
CA ALA C 390 -31.20 12.76 -9.15
C ALA C 390 -31.43 12.76 -10.65
N VAL C 391 -32.11 11.75 -11.15
CA VAL C 391 -32.44 11.71 -12.57
C VAL C 391 -33.95 11.61 -12.75
N ALA C 392 -34.45 12.21 -13.81
CA ALA C 392 -35.86 12.20 -14.12
C ALA C 392 -36.27 10.84 -14.68
N THR C 393 -37.47 10.40 -14.32
CA THR C 393 -38.03 9.14 -14.80
C THR C 393 -39.56 9.37 -14.90
N LYS C 394 -40.22 8.59 -15.74
CA LYS C 394 -41.69 8.62 -15.81
C LYS C 394 -42.30 7.55 -14.92
N LEU C 395 -41.46 6.85 -14.16
CA LEU C 395 -41.95 5.83 -13.23
C LEU C 395 -42.81 6.48 -12.13
N ALA C 396 -43.96 5.87 -11.87
CA ALA C 396 -44.84 6.24 -10.77
C ALA C 396 -44.10 6.03 -9.46
N ALA C 397 -44.35 6.88 -8.47
CA ALA C 397 -43.58 6.80 -7.21
C ALA C 397 -43.61 5.40 -6.56
N GLY C 398 -42.56 5.06 -5.83
CA GLY C 398 -42.49 3.75 -5.20
C GLY C 398 -41.09 3.16 -5.14
N SER C 399 -40.98 1.96 -4.58
CA SER C 399 -39.70 1.28 -4.45
C SER C 399 -39.49 0.30 -5.59
N TYR C 400 -38.43 0.50 -6.35
CA TYR C 400 -38.07 -0.45 -7.39
C TYR C 400 -36.78 -1.11 -7.01
N GLN C 401 -36.59 -2.32 -7.54
CA GLN C 401 -35.40 -3.09 -7.35
C GLN C 401 -34.36 -2.71 -8.40
N ASN C 402 -33.19 -2.30 -7.93
CA ASN C 402 -32.05 -2.10 -8.79
C ASN C 402 -31.48 -3.49 -9.13
N LEU C 403 -31.61 -3.88 -10.39
CA LEU C 403 -31.22 -5.23 -10.76
C LEU C 403 -29.72 -5.49 -10.49
N LEU C 404 -28.92 -4.43 -10.47
CA LEU C 404 -27.49 -4.57 -10.25
C LEU C 404 -27.13 -4.98 -8.81
N THR C 405 -27.90 -4.49 -7.85
CA THR C 405 -27.55 -4.60 -6.45
C THR C 405 -28.58 -5.47 -5.73
N ASP C 406 -29.70 -5.73 -6.40
CA ASP C 406 -30.90 -6.32 -5.76
C ASP C 406 -31.39 -5.47 -4.60
N GLY C 407 -30.98 -4.21 -4.57
CA GLY C 407 -31.40 -3.27 -3.55
C GLY C 407 -32.51 -2.33 -4.00
N PRO C 408 -33.29 -1.80 -3.03
CA PRO C 408 -34.38 -0.84 -3.26
C PRO C 408 -33.91 0.49 -3.79
N THR C 409 -34.60 0.95 -4.84
CA THR C 409 -34.42 2.27 -5.42
C THR C 409 -35.76 3.02 -5.37
N GLU C 410 -35.75 4.19 -4.74
CA GLU C 410 -36.98 4.97 -4.56
C GLU C 410 -37.16 6.01 -5.65
N VAL C 411 -38.37 6.02 -6.21
CA VAL C 411 -38.82 7.06 -7.12
C VAL C 411 -39.72 8.06 -6.35
N VAL C 412 -39.28 9.31 -6.32
CA VAL C 412 -39.96 10.37 -5.60
C VAL C 412 -40.12 11.58 -6.51
N ASP C 413 -41.37 12.03 -6.71
CA ASP C 413 -41.64 13.24 -7.50
C ASP C 413 -41.01 13.16 -8.89
N GLY C 414 -41.10 11.99 -9.52
CA GLY C 414 -40.59 11.80 -10.88
C GLY C 414 -39.07 11.66 -10.99
N LYS C 415 -38.41 11.40 -9.88
CA LYS C 415 -36.96 11.36 -9.80
C LYS C 415 -36.48 10.19 -8.99
N LEU C 416 -35.29 9.76 -9.34
CA LEU C 416 -34.64 8.61 -8.78
C LEU C 416 -33.18 9.06 -8.59
N THR C 417 -32.51 8.62 -7.52
CA THR C 417 -31.11 8.99 -7.28
C THR C 417 -30.08 8.06 -7.94
N VAL C 418 -29.15 8.64 -8.69
CA VAL C 418 -28.03 7.84 -9.18
C VAL C 418 -26.80 8.26 -8.35
N ASP C 419 -26.35 7.36 -7.49
CA ASP C 419 -25.28 7.66 -6.55
C ASP C 419 -23.93 7.13 -7.12
N GLY C 420 -23.60 7.54 -8.34
CA GLY C 420 -22.26 7.29 -8.87
C GLY C 420 -22.01 5.85 -9.34
N GLN C 421 -23.05 5.01 -9.25
CA GLN C 421 -22.99 3.63 -9.68
C GLN C 421 -24.27 3.36 -10.43
N PRO C 422 -24.30 2.28 -11.25
CA PRO C 422 -25.49 2.12 -12.13
C PRO C 422 -26.80 1.76 -11.44
N VAL C 423 -27.90 2.27 -12.02
CA VAL C 423 -29.26 1.89 -11.59
C VAL C 423 -29.98 1.23 -12.78
N LEU C 424 -30.33 -0.04 -12.60
CA LEU C 424 -31.01 -0.81 -13.63
C LEU C 424 -32.39 -1.15 -13.10
N ILE C 425 -33.42 -0.80 -13.85
CA ILE C 425 -34.80 -1.08 -13.45
C ILE C 425 -35.59 -1.68 -14.58
N LYS C 426 -36.22 -2.83 -14.32
CA LYS C 426 -37.14 -3.41 -15.28
C LYS C 426 -38.58 -3.14 -14.81
N TYR C 427 -39.44 -2.78 -15.76
CA TYR C 427 -40.80 -2.33 -15.48
C TYR C 427 -41.73 -2.56 -16.69
N VAL C 428 -43.05 -2.45 -16.45
CA VAL C 428 -44.06 -2.66 -17.50
C VAL C 428 -44.27 -1.43 -18.39
N GLN D 7 17.67 -44.11 5.25
CA GLN D 7 16.79 -43.11 5.95
C GLN D 7 17.33 -41.68 5.82
N THR D 8 18.65 -41.53 5.96
CA THR D 8 19.25 -40.21 5.91
C THR D 8 19.12 -39.49 4.55
N GLN D 9 18.78 -40.21 3.47
CA GLN D 9 18.49 -39.57 2.17
C GLN D 9 17.36 -38.53 2.28
N LEU D 10 16.50 -38.68 3.27
CA LEU D 10 15.40 -37.73 3.51
C LEU D 10 15.94 -36.36 3.88
N ARG D 11 17.13 -36.35 4.47
CA ARG D 11 17.82 -35.14 4.82
C ARG D 11 18.30 -34.31 3.61
N ASN D 12 18.23 -34.89 2.41
CA ASN D 12 18.49 -34.21 1.15
C ASN D 12 17.20 -33.78 0.46
N GLU D 13 16.06 -34.02 1.11
CA GLU D 13 14.76 -33.84 0.44
C GLU D 13 13.88 -32.69 0.95
N MET D 14 12.70 -32.51 0.32
CA MET D 14 11.73 -31.52 0.77
C MET D 14 10.32 -32.06 0.61
N ILE D 15 9.45 -31.75 1.57
CA ILE D 15 8.02 -32.06 1.48
C ILE D 15 7.16 -30.82 1.19
N TYR D 16 6.27 -30.99 0.22
CA TYR D 16 5.24 -30.02 -0.10
C TYR D 16 3.88 -30.60 0.27
N SER D 17 3.10 -29.84 1.03
CA SER D 17 1.84 -30.30 1.56
C SER D 17 0.70 -29.57 0.85
N VAL D 18 -0.27 -30.34 0.35
CA VAL D 18 -1.35 -29.79 -0.46
C VAL D 18 -2.70 -30.09 0.16
N PHE D 19 -3.51 -29.04 0.31
CA PHE D 19 -4.89 -29.09 0.72
C PHE D 19 -5.75 -28.99 -0.57
N VAL D 20 -6.08 -30.16 -1.12
CA VAL D 20 -6.73 -30.25 -2.44
C VAL D 20 -7.92 -29.31 -2.61
N ARG D 21 -8.78 -29.24 -1.61
CA ARG D 21 -9.98 -28.40 -1.64
C ARG D 21 -9.67 -26.95 -1.98
N ASN D 22 -8.56 -26.45 -1.45
CA ASN D 22 -8.24 -25.02 -1.47
C ASN D 22 -7.04 -24.65 -2.34
N TYR D 23 -6.36 -25.66 -2.85
CA TYR D 23 -5.16 -25.47 -3.65
C TYR D 23 -5.49 -24.74 -4.94
N SER D 24 -6.65 -25.01 -5.50
CA SER D 24 -7.09 -24.38 -6.73
C SER D 24 -8.56 -24.04 -6.55
N GLU D 25 -9.08 -23.18 -7.44
CA GLU D 25 -10.49 -22.81 -7.46
C GLU D 25 -11.37 -24.04 -7.67
N ALA D 26 -10.97 -24.89 -8.64
CA ALA D 26 -11.66 -26.16 -8.90
C ALA D 26 -11.81 -27.02 -7.64
N GLY D 27 -10.77 -27.01 -6.80
CA GLY D 27 -10.82 -27.71 -5.52
C GLY D 27 -10.84 -29.23 -5.61
N ASN D 28 -10.27 -29.77 -6.70
CA ASN D 28 -10.36 -31.19 -6.94
C ASN D 28 -9.02 -31.78 -7.31
N PHE D 29 -8.96 -33.10 -7.49
CA PHE D 29 -7.70 -33.73 -7.86
C PHE D 29 -7.09 -33.13 -9.12
N ALA D 30 -7.92 -32.88 -10.14
CA ALA D 30 -7.42 -32.50 -11.46
C ALA D 30 -6.74 -31.12 -11.42
N GLY D 31 -7.12 -30.29 -10.45
CA GLY D 31 -6.52 -28.97 -10.26
C GLY D 31 -5.15 -29.07 -9.62
N VAL D 32 -4.88 -30.16 -8.94
CA VAL D 32 -3.53 -30.40 -8.46
C VAL D 32 -2.69 -30.97 -9.60
N THR D 33 -3.23 -31.99 -10.27
CA THR D 33 -2.53 -32.66 -11.35
C THR D 33 -2.02 -31.67 -12.41
N ALA D 34 -2.87 -30.70 -12.76
CA ALA D 34 -2.56 -29.72 -13.79
C ALA D 34 -1.37 -28.85 -13.37
N ASP D 35 -1.06 -28.82 -12.07
CA ASP D 35 0.02 -27.98 -11.57
C ASP D 35 1.23 -28.77 -11.03
N LEU D 36 1.27 -30.08 -11.30
CA LEU D 36 2.34 -30.92 -10.78
C LEU D 36 3.73 -30.54 -11.31
N GLN D 37 3.80 -29.93 -12.50
CA GLN D 37 5.12 -29.51 -13.00
C GLN D 37 5.71 -28.37 -12.17
N ARG D 38 4.87 -27.46 -11.68
CA ARG D 38 5.34 -26.36 -10.84
C ARG D 38 5.79 -26.82 -9.45
N ILE D 39 4.98 -27.71 -8.87
CA ILE D 39 5.31 -28.43 -7.62
C ILE D 39 6.69 -29.13 -7.78
N LYS D 40 6.85 -29.87 -8.86
CA LYS D 40 8.13 -30.53 -9.15
C LYS D 40 9.26 -29.54 -9.27
N ASP D 41 9.05 -28.49 -10.07
CA ASP D 41 10.05 -27.42 -10.28
C ASP D 41 10.43 -26.64 -9.00
N LEU D 42 9.49 -26.58 -8.07
CA LEU D 42 9.83 -26.00 -6.77
C LEU D 42 10.92 -26.82 -6.02
N GLY D 43 11.04 -28.11 -6.33
CA GLY D 43 12.00 -28.98 -5.67
C GLY D 43 11.43 -30.03 -4.76
N THR D 44 10.17 -30.40 -4.99
CA THR D 44 9.45 -31.35 -4.16
C THR D 44 9.85 -32.78 -4.44
N ASP D 45 10.11 -33.53 -3.37
CA ASP D 45 10.38 -34.94 -3.48
C ASP D 45 9.13 -35.72 -3.09
N ILE D 46 8.46 -35.24 -2.05
CA ILE D 46 7.33 -35.90 -1.45
C ILE D 46 6.15 -34.96 -1.46
N LEU D 47 5.09 -35.34 -2.17
CA LEU D 47 3.89 -34.54 -2.20
C LEU D 47 2.91 -35.16 -1.23
N TRP D 48 2.69 -34.45 -0.12
CA TRP D 48 1.78 -34.95 0.89
C TRP D 48 0.42 -34.25 0.74
N LEU D 49 -0.61 -35.06 0.54
CA LEU D 49 -2.00 -34.63 0.48
C LEU D 49 -2.72 -34.67 1.84
N LEU D 50 -3.38 -33.58 2.20
CA LEU D 50 -4.34 -33.65 3.30
C LEU D 50 -5.39 -34.74 2.95
N PRO D 51 -6.18 -35.21 3.94
CA PRO D 51 -7.06 -36.37 3.71
C PRO D 51 -7.94 -36.29 2.43
N ILE D 52 -8.08 -37.42 1.73
CA ILE D 52 -8.78 -37.50 0.44
C ILE D 52 -10.05 -38.37 0.45
N ASN D 53 -10.55 -38.68 1.64
CA ASN D 53 -11.67 -39.62 1.78
C ASN D 53 -12.98 -38.91 2.08
N PRO D 54 -14.12 -39.61 1.88
CA PRO D 54 -15.41 -38.99 2.17
C PRO D 54 -15.48 -38.48 3.62
N ILE D 55 -16.12 -37.33 3.78
CA ILE D 55 -16.20 -36.64 5.06
C ILE D 55 -17.52 -36.90 5.76
N GLY D 56 -17.46 -37.06 7.07
CA GLY D 56 -18.64 -37.35 7.87
C GLY D 56 -19.70 -36.29 7.69
N GLU D 57 -20.96 -36.73 7.70
CA GLU D 57 -22.06 -35.78 7.62
C GLU D 57 -22.63 -35.48 9.00
N VAL D 58 -22.70 -36.51 9.87
CA VAL D 58 -23.16 -36.33 11.26
C VAL D 58 -22.11 -35.57 12.09
N ASN D 59 -22.58 -34.53 12.80
CA ASN D 59 -21.72 -33.65 13.62
C ASN D 59 -20.64 -32.92 12.84
N ARG D 60 -20.79 -32.91 11.52
CA ARG D 60 -19.96 -32.10 10.63
C ARG D 60 -19.80 -30.66 11.14
N LYS D 61 -18.55 -30.18 11.15
CA LYS D 61 -18.26 -28.77 11.43
C LYS D 61 -18.24 -28.02 10.12
N GLY D 62 -18.90 -26.87 10.08
CA GLY D 62 -18.97 -26.02 8.87
C GLY D 62 -19.70 -26.63 7.68
N THR D 63 -19.52 -26.02 6.51
CA THR D 63 -20.23 -26.42 5.30
C THR D 63 -19.72 -27.73 4.72
N LEU D 64 -18.39 -27.84 4.56
CA LEU D 64 -17.80 -28.95 3.85
C LEU D 64 -17.23 -29.98 4.81
N GLY D 65 -17.05 -29.60 6.08
CA GLY D 65 -16.53 -30.54 7.06
C GLY D 65 -15.02 -30.66 6.97
N SER D 66 -14.42 -31.10 8.07
CA SER D 66 -12.98 -31.31 8.11
C SER D 66 -12.59 -32.56 7.33
N PRO D 67 -11.47 -32.50 6.58
CA PRO D 67 -10.97 -33.71 5.96
C PRO D 67 -10.55 -34.76 6.99
N TYR D 68 -10.37 -34.33 8.24
CA TYR D 68 -9.94 -35.21 9.35
C TYR D 68 -11.10 -35.92 10.02
N ALA D 69 -12.31 -35.60 9.58
CA ALA D 69 -13.53 -36.30 10.03
C ALA D 69 -14.02 -37.30 8.95
N ILE D 70 -13.41 -38.47 8.91
CA ILE D 70 -13.53 -39.39 7.79
C ILE D 70 -14.64 -40.43 7.99
N LYS D 71 -15.46 -40.55 6.94
CA LYS D 71 -16.63 -41.43 6.92
C LYS D 71 -16.25 -42.79 6.32
N ASP D 72 -15.30 -42.80 5.38
CA ASP D 72 -14.84 -44.07 4.81
C ASP D 72 -13.36 -44.01 4.40
N TYR D 73 -12.52 -44.67 5.18
CA TYR D 73 -11.10 -44.77 4.91
C TYR D 73 -10.75 -45.36 3.54
N ARG D 74 -11.67 -46.12 2.93
CA ARG D 74 -11.37 -46.78 1.64
C ARG D 74 -11.93 -46.06 0.40
N GLY D 75 -12.54 -44.90 0.60
CA GLY D 75 -13.15 -44.17 -0.50
C GLY D 75 -12.49 -42.86 -0.91
N ILE D 76 -13.00 -42.31 -2.01
CA ILE D 76 -12.60 -41.03 -2.52
C ILE D 76 -13.65 -39.98 -2.15
N ASN D 77 -13.22 -38.89 -1.52
CA ASN D 77 -14.06 -37.73 -1.34
C ASN D 77 -14.62 -37.24 -2.70
N PRO D 78 -15.96 -37.22 -2.85
CA PRO D 78 -16.60 -36.71 -4.08
C PRO D 78 -16.19 -35.28 -4.42
N GLU D 79 -15.82 -34.50 -3.42
CA GLU D 79 -15.33 -33.12 -3.64
C GLU D 79 -14.18 -33.10 -4.63
N TYR D 80 -13.39 -34.16 -4.60
CA TYR D 80 -12.12 -34.21 -5.31
C TYR D 80 -12.15 -34.89 -6.65
N GLY D 81 -13.27 -35.55 -6.96
CA GLY D 81 -13.41 -36.30 -8.18
C GLY D 81 -13.60 -37.79 -7.94
N THR D 82 -12.92 -38.59 -8.77
CA THR D 82 -13.12 -40.00 -8.86
C THR D 82 -11.81 -40.72 -8.56
N LEU D 83 -11.90 -42.02 -8.30
CA LEU D 83 -10.70 -42.80 -8.07
C LEU D 83 -9.78 -42.58 -9.27
N ALA D 84 -10.39 -42.53 -10.45
CA ALA D 84 -9.65 -42.31 -11.68
C ALA D 84 -8.90 -40.96 -11.70
N ASP D 85 -9.55 -39.88 -11.26
CA ASP D 85 -8.82 -38.59 -11.13
C ASP D 85 -7.63 -38.74 -10.20
N PHE D 86 -7.83 -39.42 -9.08
CA PHE D 86 -6.78 -39.66 -8.10
C PHE D 86 -5.61 -40.41 -8.67
N LYS D 87 -5.92 -41.46 -9.41
CA LYS D 87 -4.87 -42.27 -10.03
C LYS D 87 -4.11 -41.51 -11.11
N ALA D 88 -4.80 -40.65 -11.85
CA ALA D 88 -4.12 -39.78 -12.80
C ALA D 88 -3.11 -38.85 -12.07
N LEU D 89 -3.51 -38.30 -10.92
CA LEU D 89 -2.59 -37.50 -10.10
C LEU D 89 -1.36 -38.29 -9.69
N THR D 90 -1.54 -39.49 -9.14
CA THR D 90 -0.42 -40.31 -8.66
C THR D 90 0.43 -40.79 -9.81
N ASP D 91 -0.20 -41.17 -10.93
CA ASP D 91 0.57 -41.50 -12.15
C ASP D 91 1.46 -40.33 -12.60
N ARG D 92 0.88 -39.14 -12.65
CA ARG D 92 1.60 -37.97 -13.11
C ARG D 92 2.72 -37.58 -12.12
N ALA D 93 2.45 -37.65 -10.82
CA ALA D 93 3.50 -37.33 -9.84
C ALA D 93 4.68 -38.27 -9.98
N HIS D 94 4.38 -39.56 -10.17
CA HIS D 94 5.42 -40.55 -10.36
C HIS D 94 6.21 -40.32 -11.64
N GLU D 95 5.51 -39.93 -12.73
CA GLU D 95 6.19 -39.66 -13.99
C GLU D 95 7.20 -38.53 -13.80
N LEU D 96 6.84 -37.53 -12.99
CA LEU D 96 7.73 -36.43 -12.64
C LEU D 96 8.79 -36.79 -11.59
N GLY D 97 8.76 -38.04 -11.11
CA GLY D 97 9.74 -38.51 -10.15
C GLY D 97 9.48 -38.06 -8.73
N MET D 98 8.22 -37.81 -8.39
CA MET D 98 7.86 -37.48 -7.01
C MET D 98 7.16 -38.65 -6.31
N LYS D 99 7.28 -38.71 -4.98
CA LYS D 99 6.46 -39.66 -4.21
C LYS D 99 5.18 -38.99 -3.72
N VAL D 100 4.15 -39.78 -3.54
CA VAL D 100 2.90 -39.25 -3.02
C VAL D 100 2.66 -39.81 -1.63
N MET D 101 2.27 -38.95 -0.70
CA MET D 101 2.07 -39.34 0.70
C MET D 101 0.63 -38.99 1.05
N LEU D 102 -0.07 -39.95 1.63
CA LEU D 102 -1.43 -39.72 2.12
C LEU D 102 -1.49 -39.49 3.62
N ASP D 103 -2.52 -38.74 4.00
CA ASP D 103 -2.82 -38.46 5.36
C ASP D 103 -3.72 -39.56 5.95
N ILE D 104 -3.17 -40.28 6.93
CA ILE D 104 -3.84 -41.38 7.63
C ILE D 104 -4.31 -40.88 9.00
N VAL D 105 -5.62 -40.96 9.24
CA VAL D 105 -6.28 -40.38 10.41
C VAL D 105 -6.94 -41.51 11.22
N TYR D 106 -6.10 -42.26 11.94
CA TYR D 106 -6.52 -43.49 12.56
C TYR D 106 -6.92 -43.43 14.05
N ASN D 107 -6.84 -42.26 14.66
CA ASN D 107 -7.27 -42.09 16.03
C ASN D 107 -8.81 -42.17 16.14
N HIS D 108 -9.50 -41.69 15.10
CA HIS D 108 -10.94 -41.40 15.17
C HIS D 108 -11.59 -41.44 13.78
N THR D 109 -12.88 -41.73 13.74
CA THR D 109 -13.67 -41.65 12.50
C THR D 109 -14.81 -40.67 12.76
N SER D 110 -15.55 -40.29 11.72
CA SER D 110 -16.82 -39.59 11.89
C SER D 110 -17.86 -40.54 12.55
N PRO D 111 -18.90 -39.98 13.22
CA PRO D 111 -19.84 -40.89 13.89
C PRO D 111 -20.68 -41.76 12.94
N ASP D 112 -20.72 -41.38 11.64
CA ASP D 112 -21.44 -42.12 10.61
C ASP D 112 -20.52 -42.95 9.69
N SER D 113 -19.34 -43.28 10.18
CA SER D 113 -18.36 -43.93 9.36
C SER D 113 -18.76 -45.37 9.08
N VAL D 114 -18.18 -45.94 8.03
CA VAL D 114 -18.38 -47.35 7.67
C VAL D 114 -17.98 -48.21 8.87
N LEU D 115 -16.93 -47.81 9.59
CA LEU D 115 -16.52 -48.54 10.79
C LEU D 115 -17.52 -48.44 11.95
N ALA D 116 -18.06 -47.24 12.15
CA ALA D 116 -19.00 -47.01 13.23
C ALA D 116 -20.29 -47.81 13.05
N THR D 117 -20.64 -48.09 11.80
CA THR D 117 -21.89 -48.78 11.54
C THR D 117 -21.63 -50.27 11.42
N GLU D 118 -20.56 -50.64 10.73
CA GLU D 118 -20.21 -52.05 10.57
C GLU D 118 -19.48 -52.67 11.76
N HIS D 119 -18.70 -51.87 12.49
CA HIS D 119 -17.94 -52.39 13.64
C HIS D 119 -17.98 -51.47 14.85
N PRO D 120 -19.16 -51.27 15.45
CA PRO D 120 -19.16 -50.31 16.55
C PRO D 120 -18.43 -50.87 17.79
N GLU D 121 -18.25 -52.19 17.85
CA GLU D 121 -17.51 -52.83 18.94
C GLU D 121 -16.05 -52.33 18.99
N TRP D 122 -15.54 -51.90 17.84
CA TRP D 122 -14.15 -51.45 17.68
C TRP D 122 -13.88 -50.03 18.19
N PHE D 123 -14.93 -49.36 18.66
CA PHE D 123 -14.83 -48.01 19.20
C PHE D 123 -14.87 -48.00 20.72
N TYR D 124 -14.41 -46.91 21.31
CA TYR D 124 -14.65 -46.61 22.72
C TYR D 124 -16.12 -46.32 22.92
N HIS D 125 -16.59 -46.50 24.15
CA HIS D 125 -18.00 -46.31 24.51
C HIS D 125 -18.05 -45.88 25.96
N ASP D 126 -18.88 -44.88 26.27
CA ASP D 126 -18.96 -44.41 27.65
C ASP D 126 -20.23 -44.89 28.39
N LEU D 131 -20.69 -43.68 21.73
CA LEU D 131 -19.41 -43.24 21.15
C LEU D 131 -18.91 -41.96 21.81
N THR D 132 -17.61 -41.87 21.98
CA THR D 132 -17.03 -40.76 22.72
C THR D 132 -15.66 -40.36 22.15
N ASN D 133 -15.08 -39.30 22.71
CA ASN D 133 -13.71 -38.90 22.38
C ASN D 133 -12.98 -38.27 23.56
N LYS D 134 -11.74 -38.68 23.78
CA LYS D 134 -10.89 -38.11 24.86
C LYS D 134 -10.54 -36.60 24.68
N VAL D 135 -10.69 -36.07 23.46
CA VAL D 135 -10.58 -34.62 23.23
C VAL D 135 -11.96 -33.98 22.93
N GLY D 136 -12.62 -33.50 24.00
CA GLY D 136 -13.92 -32.82 23.89
C GLY D 136 -14.00 -31.86 22.72
N ASP D 137 -13.00 -30.98 22.62
CA ASP D 137 -12.78 -30.03 21.51
C ASP D 137 -13.10 -30.61 20.12
N TRP D 138 -12.89 -31.93 19.94
CA TRP D 138 -13.08 -32.64 18.67
C TRP D 138 -14.48 -33.29 18.48
N SER D 139 -15.50 -32.46 18.31
CA SER D 139 -16.93 -32.88 18.29
C SER D 139 -17.50 -33.60 17.02
N ASP D 140 -16.77 -33.53 15.91
CA ASP D 140 -17.15 -34.22 14.66
C ASP D 140 -16.61 -35.65 14.53
N VAL D 141 -15.90 -36.13 15.54
CA VAL D 141 -15.26 -37.44 15.44
C VAL D 141 -15.37 -38.26 16.72
N LYS D 142 -15.20 -39.58 16.60
CA LYS D 142 -15.30 -40.52 17.72
C LYS D 142 -14.13 -41.48 17.66
N ASP D 143 -13.62 -41.89 18.82
CA ASP D 143 -12.37 -42.62 18.92
C ASP D 143 -12.45 -44.13 18.72
N LEU D 144 -11.52 -44.66 17.95
CA LEU D 144 -11.37 -46.09 17.83
C LEU D 144 -10.56 -46.61 19.02
N ASP D 145 -10.88 -47.82 19.46
CA ASP D 145 -10.19 -48.49 20.60
C ASP D 145 -9.28 -49.58 20.07
N TYR D 146 -7.98 -49.31 20.07
CA TYR D 146 -6.99 -50.29 19.62
C TYR D 146 -6.75 -51.41 20.65
N GLY D 147 -7.46 -51.33 21.76
CA GLY D 147 -7.57 -52.47 22.68
C GLY D 147 -8.23 -53.62 21.95
N HIS D 148 -9.05 -53.31 20.95
CA HIS D 148 -9.60 -54.32 20.06
C HIS D 148 -8.63 -54.67 18.95
N HIS D 149 -7.91 -55.77 19.14
CA HIS D 149 -6.83 -56.14 18.21
C HIS D 149 -7.31 -56.51 16.79
N GLU D 150 -8.59 -56.90 16.67
CA GLU D 150 -9.15 -57.20 15.36
C GLU D 150 -9.25 -55.94 14.50
N LEU D 151 -9.33 -54.79 15.14
CA LEU D 151 -9.38 -53.50 14.43
C LEU D 151 -8.14 -53.37 13.55
N TRP D 152 -7.01 -53.84 14.05
CA TRP D 152 -5.73 -53.54 13.44
C TRP D 152 -5.65 -53.96 12.00
N GLN D 153 -6.20 -55.13 11.69
CA GLN D 153 -5.98 -55.70 10.38
C GLN D 153 -6.79 -54.97 9.34
N TYR D 154 -7.94 -54.46 9.77
CA TYR D 154 -8.77 -53.67 8.88
C TYR D 154 -7.97 -52.42 8.52
N GLN D 155 -7.44 -51.75 9.55
CA GLN D 155 -6.66 -50.54 9.39
C GLN D 155 -5.46 -50.82 8.48
N ILE D 156 -4.86 -52.01 8.63
CA ILE D 156 -3.70 -52.41 7.84
C ILE D 156 -4.04 -52.80 6.38
N ASP D 157 -5.17 -53.46 6.18
CA ASP D 157 -5.64 -53.82 4.85
C ASP D 157 -5.92 -52.57 4.03
N THR D 158 -6.50 -51.55 4.66
CA THR D 158 -6.72 -50.25 4.03
C THR D 158 -5.39 -49.63 3.53
N LEU D 159 -4.36 -49.62 4.36
CA LEU D 159 -3.03 -49.20 3.93
C LEU D 159 -2.51 -50.03 2.77
N LEU D 160 -2.73 -51.35 2.80
CA LEU D 160 -2.28 -52.20 1.70
C LEU D 160 -3.03 -51.84 0.41
N TYR D 161 -4.30 -51.43 0.54
CA TYR D 161 -5.06 -50.98 -0.63
C TYR D 161 -4.48 -49.69 -1.24
N TRP D 162 -4.30 -48.67 -0.41
CA TRP D 162 -3.82 -47.39 -0.93
C TRP D 162 -2.37 -47.48 -1.42
N SER D 163 -1.58 -48.41 -0.86
CA SER D 163 -0.17 -48.54 -1.23
C SER D 163 0.01 -49.05 -2.66
N GLN D 164 -1.06 -49.48 -3.30
CA GLN D 164 -0.93 -49.83 -4.70
C GLN D 164 -0.69 -48.56 -5.55
N PHE D 165 -1.10 -47.42 -4.99
CA PHE D 165 -1.06 -46.10 -5.67
C PHE D 165 -0.03 -45.16 -5.08
N VAL D 166 0.19 -45.21 -3.77
CA VAL D 166 1.04 -44.17 -3.14
C VAL D 166 2.34 -44.71 -2.52
N ASP D 167 3.12 -43.80 -1.95
CA ASP D 167 4.48 -44.09 -1.57
C ASP D 167 4.74 -43.96 -0.08
N GLY D 168 3.76 -43.48 0.68
CA GLY D 168 3.98 -43.30 2.12
C GLY D 168 2.80 -42.67 2.78
N TYR D 169 2.90 -42.51 4.10
CA TYR D 169 1.79 -42.01 4.93
C TYR D 169 2.20 -40.97 5.95
N ARG D 170 1.38 -39.94 6.07
CA ARG D 170 1.48 -39.03 7.17
C ARG D 170 0.38 -39.42 8.13
N CYS D 171 0.77 -39.74 9.36
CA CYS D 171 -0.17 -40.24 10.36
C CYS D 171 -0.58 -39.21 11.41
N ASP D 172 -1.83 -38.77 11.30
CA ASP D 172 -2.44 -37.76 12.14
C ASP D 172 -2.39 -38.19 13.61
N VAL D 173 -2.03 -37.29 14.52
CA VAL D 173 -1.96 -37.58 15.98
C VAL D 173 -1.55 -39.03 16.30
N ALA D 174 -0.51 -39.47 15.60
CA ALA D 174 0.04 -40.81 15.69
C ALA D 174 0.35 -41.30 17.12
N PRO D 175 0.83 -40.40 18.03
CA PRO D 175 1.14 -40.83 19.39
C PRO D 175 -0.07 -41.26 20.23
N LEU D 176 -1.26 -41.12 19.69
CA LEU D 176 -2.49 -41.48 20.41
C LEU D 176 -2.86 -42.92 20.13
N VAL D 177 -2.19 -43.51 19.13
CA VAL D 177 -2.44 -44.88 18.67
C VAL D 177 -1.27 -45.78 19.10
N PRO D 178 -1.52 -46.97 19.71
CA PRO D 178 -0.47 -47.81 20.32
C PRO D 178 0.66 -48.18 19.41
N LEU D 179 1.88 -48.21 19.99
CA LEU D 179 3.09 -48.47 19.23
C LEU D 179 3.05 -49.83 18.54
N ASP D 180 2.50 -50.85 19.20
CA ASP D 180 2.41 -52.19 18.60
C ASP D 180 1.63 -52.18 17.28
N PHE D 181 0.56 -51.40 17.25
CA PHE D 181 -0.18 -51.22 16.00
C PHE D 181 0.69 -50.62 14.89
N TRP D 182 1.33 -49.49 15.15
CA TRP D 182 2.19 -48.86 14.13
C TRP D 182 3.29 -49.82 13.68
N LEU D 183 3.84 -50.57 14.61
CA LEU D 183 4.88 -51.52 14.30
C LEU D 183 4.35 -52.63 13.37
N GLU D 184 3.11 -53.08 13.62
CA GLU D 184 2.49 -54.12 12.80
C GLU D 184 2.08 -53.56 11.44
N ALA D 185 1.49 -52.37 11.46
CA ALA D 185 1.20 -51.64 10.23
C ALA D 185 2.42 -51.53 9.29
N ARG D 186 3.56 -51.10 9.80
CA ARG D 186 4.74 -50.98 8.97
C ARG D 186 5.29 -52.32 8.46
N LYS D 187 5.34 -53.32 9.35
CA LYS D 187 5.81 -54.67 9.01
C LYS D 187 5.07 -55.20 7.76
N GLN D 188 3.73 -55.20 7.83
CA GLN D 188 2.94 -55.73 6.74
C GLN D 188 3.09 -54.87 5.48
N VAL D 189 2.85 -53.56 5.62
CA VAL D 189 2.97 -52.68 4.45
C VAL D 189 4.36 -52.67 3.82
N ASN D 190 5.40 -52.57 4.62
CA ASN D 190 6.75 -52.62 4.03
C ASN D 190 7.25 -54.00 3.56
N ALA D 191 6.51 -55.05 3.93
CA ALA D 191 6.84 -56.40 3.44
C ALA D 191 6.48 -56.48 1.93
N LYS D 192 5.28 -56.00 1.61
CA LYS D 192 4.81 -55.86 0.23
C LYS D 192 5.51 -54.70 -0.46
N TYR D 193 5.49 -53.51 0.15
CA TYR D 193 6.08 -52.30 -0.43
C TYR D 193 7.27 -51.72 0.36
N PRO D 194 8.47 -52.29 0.15
CA PRO D 194 9.64 -52.00 1.01
C PRO D 194 10.12 -50.57 1.06
N GLU D 195 9.75 -49.78 0.05
CA GLU D 195 10.18 -48.38 -0.04
C GLU D 195 9.29 -47.39 0.75
N THR D 196 8.20 -47.90 1.34
CA THR D 196 7.18 -47.09 1.95
C THR D 196 7.72 -46.20 3.08
N LEU D 197 7.34 -44.93 3.02
CA LEU D 197 7.81 -43.93 3.98
C LEU D 197 6.73 -43.61 4.97
N TRP D 198 7.14 -43.35 6.21
CA TRP D 198 6.20 -43.10 7.30
C TRP D 198 6.57 -41.84 8.08
N LEU D 199 5.63 -40.90 8.13
CA LEU D 199 5.76 -39.62 8.85
C LEU D 199 4.70 -39.58 9.95
N ALA D 200 5.16 -39.36 11.18
CA ALA D 200 4.27 -39.26 12.32
C ALA D 200 4.08 -37.81 12.75
N GLU D 201 2.84 -37.38 12.88
CA GLU D 201 2.57 -36.14 13.59
C GLU D 201 2.72 -36.42 15.08
N SER D 202 3.94 -36.26 15.60
CA SER D 202 4.24 -36.36 17.04
C SER D 202 3.59 -35.21 17.83
N ALA D 203 3.62 -35.28 19.16
CA ALA D 203 2.94 -34.30 20.01
C ALA D 203 3.91 -33.43 20.78
N GLY D 204 3.40 -32.45 21.51
CA GLY D 204 4.20 -31.77 22.56
C GLY D 204 4.22 -32.55 23.87
N SER D 205 5.26 -32.33 24.67
CA SER D 205 5.40 -32.96 26.00
C SER D 205 4.16 -32.74 26.86
N GLY D 206 3.61 -31.54 26.77
CA GLY D 206 2.39 -31.20 27.52
C GLY D 206 1.21 -32.08 27.16
N PHE D 207 1.04 -32.36 25.87
CA PHE D 207 -0.08 -33.19 25.42
C PHE D 207 0.11 -34.70 25.74
N ILE D 208 1.33 -35.18 25.53
CA ILE D 208 1.74 -36.53 25.92
C ILE D 208 1.46 -36.75 27.41
N GLU D 209 1.82 -35.78 28.24
CA GLU D 209 1.60 -35.91 29.68
C GLU D 209 0.13 -35.95 30.03
N GLU D 210 -0.68 -35.11 29.38
CA GLU D 210 -2.11 -35.06 29.65
C GLU D 210 -2.73 -36.41 29.35
N LEU D 211 -2.33 -37.00 28.23
CA LEU D 211 -2.82 -38.32 27.83
C LEU D 211 -2.46 -39.39 28.85
N ARG D 212 -1.16 -39.55 29.06
CA ARG D 212 -0.63 -40.47 30.06
C ARG D 212 -1.22 -40.28 31.48
N SER D 213 -1.40 -39.04 31.90
CA SER D 213 -1.93 -38.73 33.23
C SER D 213 -3.41 -39.13 33.37
N GLN D 214 -4.10 -39.26 32.23
CA GLN D 214 -5.48 -39.72 32.20
C GLN D 214 -5.54 -41.20 31.85
N GLY D 215 -4.38 -41.82 31.62
CA GLY D 215 -4.31 -43.27 31.38
C GLY D 215 -4.40 -43.72 29.92
N TYR D 216 -4.36 -42.77 28.98
CA TYR D 216 -4.45 -43.10 27.56
C TYR D 216 -3.06 -43.25 26.96
N THR D 217 -2.95 -43.90 25.79
CA THR D 217 -1.70 -43.97 25.04
C THR D 217 -1.22 -42.57 24.70
N GLY D 218 0.06 -42.28 24.94
CA GLY D 218 0.71 -41.02 24.55
C GLY D 218 2.16 -41.36 24.23
N LEU D 219 2.48 -41.58 22.95
CA LEU D 219 3.80 -42.09 22.62
C LEU D 219 4.77 -40.93 22.59
N SER D 220 5.95 -41.13 23.17
CA SER D 220 7.08 -40.25 22.95
C SER D 220 7.54 -40.27 21.47
N ASP D 221 8.23 -39.21 21.06
CA ASP D 221 8.77 -39.13 19.70
C ASP D 221 9.69 -40.30 19.38
N SER D 222 10.49 -40.72 20.38
CA SER D 222 11.45 -41.79 20.18
C SER D 222 10.74 -43.12 19.98
N GLU D 223 9.61 -43.32 20.67
CA GLU D 223 8.77 -44.50 20.46
C GLU D 223 8.25 -44.49 19.01
N LEU D 224 7.74 -43.37 18.52
CA LEU D 224 7.33 -43.27 17.11
C LEU D 224 8.43 -43.64 16.11
N TYR D 225 9.67 -43.23 16.37
CA TYR D 225 10.81 -43.59 15.48
C TYR D 225 11.10 -45.09 15.37
N GLN D 226 10.60 -45.86 16.33
CA GLN D 226 10.60 -47.29 16.16
C GLN D 226 9.83 -47.75 14.90
N ALA D 227 8.79 -46.99 14.50
CA ALA D 227 7.90 -47.36 13.40
C ALA D 227 7.89 -46.33 12.27
N PHE D 228 8.42 -45.15 12.57
CA PHE D 228 8.35 -44.05 11.63
C PHE D 228 9.73 -43.58 11.17
N ASP D 229 9.79 -43.17 9.90
CA ASP D 229 10.98 -42.61 9.33
C ASP D 229 11.14 -41.17 9.78
N MET D 230 10.02 -40.48 9.97
CA MET D 230 10.04 -39.03 10.27
C MET D 230 9.00 -38.76 11.36
N THR D 231 9.28 -37.78 12.18
CA THR D 231 8.28 -37.20 13.08
C THR D 231 8.38 -35.67 12.89
N TYR D 232 7.40 -34.95 13.46
CA TYR D 232 7.32 -33.47 13.40
C TYR D 232 8.19 -32.80 14.45
N ASP D 233 8.72 -31.63 14.15
CA ASP D 233 9.34 -30.76 15.15
C ASP D 233 8.42 -30.16 16.24
N TYR D 234 7.33 -30.84 16.59
CA TYR D 234 6.43 -30.33 17.64
C TYR D 234 7.07 -30.34 19.04
N ASP D 235 8.20 -31.03 19.18
CA ASP D 235 8.95 -30.97 20.43
C ASP D 235 9.67 -29.62 20.64
N VAL D 236 9.95 -28.92 19.57
CA VAL D 236 10.72 -27.67 19.66
C VAL D 236 10.08 -26.48 18.95
N PHE D 237 8.95 -26.69 18.29
CA PHE D 237 8.29 -25.61 17.53
C PHE D 237 7.87 -24.45 18.46
N GLY D 238 7.41 -24.80 19.68
CA GLY D 238 7.05 -23.82 20.68
C GLY D 238 8.25 -23.04 21.16
N ASP D 239 9.40 -23.70 21.21
CA ASP D 239 10.64 -23.06 21.60
C ASP D 239 11.15 -22.14 20.49
N PHE D 240 10.99 -22.55 19.24
CA PHE D 240 11.30 -21.64 18.16
C PHE D 240 10.46 -20.39 18.26
N LYS D 241 9.15 -20.55 18.44
CA LYS D 241 8.25 -19.42 18.56
C LYS D 241 8.55 -18.54 19.75
N ASP D 242 8.91 -19.14 20.88
CA ASP D 242 9.28 -18.33 22.05
C ASP D 242 10.50 -17.46 21.77
N TYR D 243 11.45 -18.02 21.06
CA TYR D 243 12.64 -17.28 20.67
C TYR D 243 12.25 -16.22 19.65
N TRP D 244 11.43 -16.62 18.67
CA TRP D 244 11.03 -15.67 17.63
C TRP D 244 10.32 -14.44 18.22
N GLN D 245 9.50 -14.71 19.23
CA GLN D 245 8.70 -13.68 19.90
C GLN D 245 9.41 -12.94 21.02
N GLY D 246 10.71 -13.20 21.17
CA GLY D 246 11.52 -12.48 22.13
C GLY D 246 11.36 -12.91 23.59
N ARG D 247 10.74 -14.06 23.81
CA ARG D 247 10.53 -14.59 25.18
C ARG D 247 11.57 -15.59 25.63
N SER D 248 12.50 -15.89 24.73
CA SER D 248 13.52 -16.89 24.95
C SER D 248 14.77 -16.38 24.22
N THR D 249 15.93 -16.80 24.68
CA THR D 249 17.16 -16.35 24.00
C THR D 249 17.60 -17.40 22.98
N VAL D 250 18.43 -16.97 22.03
CA VAL D 250 19.02 -17.87 21.04
C VAL D 250 19.77 -19.00 21.75
N GLU D 251 20.38 -18.69 22.89
CA GLU D 251 21.17 -19.67 23.62
C GLU D 251 20.30 -20.81 24.17
N ARG D 252 19.16 -20.46 24.79
CA ARG D 252 18.26 -21.49 25.30
C ARG D 252 17.72 -22.31 24.13
N TYR D 253 17.31 -21.63 23.07
CA TYR D 253 16.79 -22.29 21.89
C TYR D 253 17.81 -23.25 21.29
N VAL D 254 19.01 -22.76 21.01
CA VAL D 254 20.02 -23.64 20.43
C VAL D 254 20.37 -24.79 21.39
N ASP D 255 20.43 -24.53 22.69
CA ASP D 255 20.70 -25.61 23.63
C ASP D 255 19.60 -26.69 23.55
N LEU D 256 18.35 -26.27 23.43
CA LEU D 256 17.27 -27.24 23.23
C LEU D 256 17.44 -28.08 21.94
N LEU D 257 17.79 -27.43 20.84
CA LEU D 257 18.13 -28.14 19.60
C LEU D 257 19.32 -29.13 19.72
N GLN D 258 20.33 -28.77 20.48
CA GLN D 258 21.44 -29.69 20.73
C GLN D 258 20.98 -30.90 21.54
N ARG D 259 20.09 -30.70 22.50
CA ARG D 259 19.53 -31.84 23.22
C ARG D 259 18.69 -32.70 22.29
N GLN D 260 17.91 -32.04 21.46
CA GLN D 260 17.07 -32.73 20.50
C GLN D 260 17.87 -33.75 19.64
N ASP D 261 18.97 -33.27 19.07
CA ASP D 261 19.84 -34.05 18.19
C ASP D 261 20.35 -35.33 18.86
N ALA D 262 20.56 -35.26 20.18
CA ALA D 262 21.07 -36.41 20.95
C ALA D 262 19.97 -37.26 21.49
N THR D 263 18.71 -36.82 21.30
CA THR D 263 17.53 -37.55 21.84
C THR D 263 17.08 -38.77 21.02
N PHE D 264 17.28 -38.70 19.69
CA PHE D 264 16.74 -39.69 18.77
C PHE D 264 17.92 -40.53 18.24
N PRO D 265 17.64 -41.61 17.45
CA PRO D 265 18.75 -42.36 16.92
C PRO D 265 19.58 -41.52 15.95
N GLY D 266 20.82 -41.93 15.73
CA GLY D 266 21.70 -41.24 14.79
C GLY D 266 21.08 -40.99 13.41
N ASN D 267 20.28 -41.92 12.91
CA ASN D 267 19.68 -41.75 11.61
C ASN D 267 18.35 -41.00 11.58
N TYR D 268 18.00 -40.35 12.69
CA TYR D 268 16.66 -39.75 12.82
C TYR D 268 16.46 -38.67 11.75
N VAL D 269 15.20 -38.41 11.39
CA VAL D 269 14.81 -37.31 10.51
C VAL D 269 13.65 -36.56 11.15
N LYS D 270 13.88 -35.31 11.49
CA LYS D 270 12.79 -34.44 11.96
C LYS D 270 12.29 -33.68 10.74
N MET D 271 10.97 -33.61 10.58
CA MET D 271 10.37 -32.68 9.61
C MET D 271 10.39 -31.30 10.24
N ARG D 272 11.08 -30.35 9.59
CA ARG D 272 11.25 -28.95 10.07
C ARG D 272 10.32 -27.98 9.36
N PHE D 273 9.67 -27.07 10.10
CA PHE D 273 8.58 -26.28 9.53
C PHE D 273 8.38 -24.91 10.22
N LEU D 274 7.76 -24.00 9.47
CA LEU D 274 7.38 -22.65 9.94
C LEU D 274 5.87 -22.50 10.05
N GLU D 275 5.16 -23.29 9.27
CA GLU D 275 3.72 -23.27 9.27
C GLU D 275 3.33 -24.65 8.81
N ASN D 276 2.04 -24.95 8.89
CA ASN D 276 1.44 -26.13 8.29
C ASN D 276 -0.08 -25.93 8.31
N HIS D 277 -0.85 -26.92 7.83
CA HIS D 277 -2.32 -26.73 7.73
C HIS D 277 -3.02 -26.30 9.04
N ASP D 278 -2.37 -26.59 10.16
CA ASP D 278 -2.89 -26.44 11.52
C ASP D 278 -2.40 -25.19 12.24
N ASN D 279 -1.55 -24.44 11.57
CA ASN D 279 -0.89 -23.34 12.19
C ASN D 279 -0.96 -22.09 11.33
N ALA D 280 -0.81 -20.94 12.00
CA ALA D 280 -0.69 -19.66 11.35
C ALA D 280 0.41 -19.74 10.27
N ARG D 281 0.27 -18.91 9.25
CA ARG D 281 1.23 -18.81 8.17
C ARG D 281 2.59 -18.30 8.65
N MET D 282 3.64 -18.79 8.00
CA MET D 282 4.96 -18.14 8.13
C MET D 282 4.79 -16.61 8.09
N MET D 283 4.02 -16.10 7.15
CA MET D 283 3.88 -14.64 7.00
C MET D 283 2.85 -13.93 7.90
N SER D 284 2.39 -14.62 8.94
CA SER D 284 1.80 -13.95 10.09
C SER D 284 2.77 -14.01 11.27
N LEU D 285 3.66 -15.00 11.32
CA LEU D 285 4.77 -14.98 12.29
C LEU D 285 5.77 -13.88 12.04
N MET D 286 5.98 -13.57 10.77
CA MET D 286 6.99 -12.62 10.33
C MET D 286 6.41 -11.83 9.17
N HIS D 287 7.03 -10.69 8.82
CA HIS D 287 6.35 -9.78 7.90
C HIS D 287 7.18 -9.25 6.75
N SER D 288 8.39 -9.78 6.60
CA SER D 288 9.20 -9.36 5.46
C SER D 288 9.82 -10.55 4.77
N LYS D 289 10.07 -10.35 3.48
CA LYS D 289 10.74 -11.32 2.67
C LYS D 289 12.13 -11.61 3.24
N ALA D 290 12.82 -10.59 3.75
CA ALA D 290 14.13 -10.80 4.39
C ALA D 290 14.06 -11.77 5.60
N GLU D 291 13.02 -11.63 6.42
CA GLU D 291 12.85 -12.55 7.54
C GLU D 291 12.53 -13.97 7.00
N ALA D 292 11.72 -14.03 5.95
CA ALA D 292 11.42 -15.30 5.24
C ALA D 292 12.67 -16.00 4.71
N VAL D 293 13.58 -15.23 4.13
CA VAL D 293 14.86 -15.77 3.64
C VAL D 293 15.60 -16.44 4.79
N ASN D 294 15.76 -15.72 5.89
CA ASN D 294 16.47 -16.24 7.07
C ASN D 294 15.83 -17.50 7.63
N ASN D 295 14.52 -17.44 7.85
CA ASN D 295 13.80 -18.58 8.40
C ASN D 295 13.62 -19.80 7.50
N LEU D 296 13.43 -19.62 6.18
CA LEU D 296 13.43 -20.79 5.29
C LEU D 296 14.82 -21.40 5.21
N THR D 297 15.86 -20.56 5.15
CA THR D 297 17.21 -21.08 5.15
C THR D 297 17.41 -21.93 6.39
N TRP D 298 16.86 -21.46 7.51
CA TRP D 298 16.95 -22.13 8.81
C TRP D 298 16.29 -23.51 8.83
N ILE D 299 15.09 -23.63 8.23
CA ILE D 299 14.46 -24.95 8.21
C ILE D 299 15.08 -25.91 7.19
N PHE D 300 15.63 -25.37 6.12
CA PHE D 300 16.38 -26.16 5.16
C PHE D 300 17.74 -26.64 5.64
N MET D 301 18.44 -25.81 6.41
CA MET D 301 19.82 -26.17 6.82
C MET D 301 19.92 -26.95 8.13
N GLN D 302 18.88 -26.95 8.96
CA GLN D 302 18.91 -27.87 10.10
C GLN D 302 18.93 -29.29 9.59
N ARG D 303 19.40 -30.20 10.44
CA ARG D 303 19.37 -31.64 10.12
C ARG D 303 17.94 -32.12 10.05
N GLY D 304 17.48 -32.53 8.87
CA GLY D 304 16.12 -33.01 8.76
C GLY D 304 15.56 -32.74 7.39
N ILE D 305 14.24 -32.71 7.29
CA ILE D 305 13.60 -32.53 5.99
C ILE D 305 12.63 -31.37 6.19
N PRO D 306 12.76 -30.33 5.37
CA PRO D 306 11.81 -29.21 5.49
C PRO D 306 10.43 -29.47 4.84
N LEU D 307 9.42 -28.83 5.43
CA LEU D 307 8.08 -28.74 4.87
C LEU D 307 7.84 -27.34 4.28
N ILE D 308 7.21 -27.32 3.10
CA ILE D 308 6.56 -26.18 2.52
C ILE D 308 5.06 -26.51 2.43
N TYR D 309 4.21 -25.71 3.08
CA TYR D 309 2.75 -25.91 2.99
C TYR D 309 2.28 -25.08 1.81
N ASN D 310 1.44 -25.63 0.95
CA ASN D 310 1.00 -24.86 -0.22
C ASN D 310 0.67 -23.38 0.07
N GLY D 311 1.22 -22.50 -0.75
CA GLY D 311 1.02 -21.04 -0.64
C GLY D 311 2.14 -20.32 0.07
N GLN D 312 2.78 -21.04 0.99
CA GLN D 312 3.96 -20.51 1.69
C GLN D 312 5.01 -19.95 0.71
N GLU D 313 5.21 -20.60 -0.44
CA GLU D 313 6.16 -20.09 -1.46
C GLU D 313 5.77 -18.73 -2.08
N PHE D 314 4.49 -18.37 -1.99
CA PHE D 314 4.02 -17.04 -2.42
C PHE D 314 3.69 -16.16 -1.25
N LEU D 315 4.24 -16.48 -0.07
CA LEU D 315 4.14 -15.58 1.07
C LEU D 315 2.70 -15.31 1.51
N ALA D 316 1.90 -16.37 1.43
CA ALA D 316 0.50 -16.41 1.86
C ALA D 316 0.37 -15.97 3.29
N GLU D 317 -0.74 -15.31 3.63
CA GLU D 317 -0.89 -14.71 4.94
C GLU D 317 -2.03 -15.32 5.75
N HIS D 318 -2.98 -15.92 5.04
CA HIS D 318 -4.17 -16.49 5.67
C HIS D 318 -4.02 -18.01 5.81
N GLN D 319 -4.30 -18.51 7.02
CA GLN D 319 -4.38 -19.94 7.31
C GLN D 319 -5.74 -20.48 6.83
N PRO D 320 -5.74 -21.30 5.75
CA PRO D 320 -7.03 -21.76 5.21
C PRO D 320 -7.86 -22.46 6.26
N SER D 321 -9.16 -22.14 6.31
CA SER D 321 -10.11 -22.89 7.11
C SER D 321 -10.02 -24.39 6.80
N LEU D 322 -10.24 -25.23 7.81
CA LEU D 322 -10.42 -26.68 7.56
C LEU D 322 -11.87 -27.10 7.27
N PHE D 323 -12.84 -26.21 7.48
CA PHE D 323 -14.27 -26.61 7.48
C PHE D 323 -15.14 -26.09 6.31
N ASP D 324 -14.78 -24.92 5.77
CA ASP D 324 -15.50 -24.26 4.68
C ASP D 324 -14.51 -23.91 3.59
N ARG D 325 -14.98 -23.83 2.34
CA ARG D 325 -14.13 -23.43 1.20
C ARG D 325 -13.37 -22.14 1.48
N ASP D 326 -12.08 -22.14 1.16
CA ASP D 326 -11.17 -21.07 1.52
C ASP D 326 -10.01 -21.13 0.54
N THR D 327 -10.36 -21.00 -0.72
CA THR D 327 -9.45 -21.13 -1.81
C THR D 327 -8.25 -20.17 -1.63
N MET D 328 -7.05 -20.67 -1.84
CA MET D 328 -5.81 -19.90 -1.53
C MET D 328 -5.21 -19.18 -2.74
N VAL D 329 -5.76 -19.40 -3.94
CA VAL D 329 -5.18 -18.86 -5.20
C VAL D 329 -4.82 -17.37 -5.15
N ALA D 330 -5.65 -16.55 -4.50
CA ALA D 330 -5.41 -15.09 -4.38
C ALA D 330 -4.49 -14.63 -3.21
N ASP D 331 -4.08 -15.58 -2.38
CA ASP D 331 -3.33 -15.26 -1.17
C ASP D 331 -1.85 -15.35 -1.47
N ARG D 332 -1.40 -14.45 -2.36
CA ARG D 332 -0.02 -14.36 -2.80
C ARG D 332 0.42 -12.93 -2.58
N HIS D 333 1.61 -12.77 -2.01
CA HIS D 333 2.14 -11.48 -1.68
C HIS D 333 3.61 -11.47 -1.99
N GLY D 334 3.95 -11.99 -3.15
CA GLY D 334 5.34 -12.11 -3.50
C GLY D 334 5.66 -13.53 -3.87
N ASP D 335 6.95 -13.84 -3.97
CA ASP D 335 7.41 -15.12 -4.46
C ASP D 335 8.77 -15.42 -3.86
N VAL D 336 8.86 -16.46 -3.04
CA VAL D 336 10.18 -16.97 -2.69
C VAL D 336 10.50 -18.29 -3.43
N THR D 337 9.84 -18.51 -4.57
CA THR D 337 10.15 -19.73 -5.35
C THR D 337 11.65 -19.85 -5.71
N PRO D 338 12.27 -18.76 -6.22
CA PRO D 338 13.70 -18.83 -6.50
C PRO D 338 14.52 -19.21 -5.27
N LEU D 339 14.17 -18.64 -4.11
CA LEU D 339 14.90 -18.94 -2.87
C LEU D 339 14.81 -20.42 -2.57
N ILE D 340 13.59 -20.95 -2.60
CA ILE D 340 13.35 -22.35 -2.27
C ILE D 340 14.08 -23.27 -3.25
N GLN D 341 13.99 -22.93 -4.54
CA GLN D 341 14.72 -23.67 -5.57
C GLN D 341 16.23 -23.72 -5.33
N LYS D 342 16.81 -22.58 -4.96
CA LYS D 342 18.23 -22.55 -4.58
C LYS D 342 18.53 -23.38 -3.30
N LEU D 343 17.78 -23.13 -2.23
CA LEU D 343 17.90 -23.99 -1.04
C LEU D 343 17.79 -25.49 -1.36
N VAL D 344 16.88 -25.84 -2.26
CA VAL D 344 16.68 -27.26 -2.62
C VAL D 344 17.97 -27.87 -3.21
N THR D 345 18.70 -27.08 -4.00
CA THR D 345 19.91 -27.57 -4.62
C THR D 345 21.04 -27.68 -3.60
N ILE D 346 21.11 -26.74 -2.66
CA ILE D 346 22.04 -26.82 -1.53
C ILE D 346 21.74 -28.06 -0.67
N LYS D 347 20.47 -28.21 -0.26
CA LYS D 347 19.98 -29.36 0.51
C LYS D 347 20.30 -30.71 -0.14
N GLN D 348 20.36 -30.73 -1.46
CA GLN D 348 20.75 -31.92 -2.20
C GLN D 348 22.21 -32.35 -2.01
N LEU D 349 23.03 -31.44 -1.49
CA LEU D 349 24.45 -31.74 -1.26
C LEU D 349 24.64 -32.93 -0.29
N PRO D 350 25.57 -33.86 -0.61
CA PRO D 350 25.89 -34.99 0.27
C PRO D 350 26.19 -34.55 1.70
N LEU D 351 26.74 -33.34 1.88
CA LEU D 351 27.06 -32.82 3.22
C LEU D 351 25.85 -32.75 4.17
N LEU D 352 24.66 -32.54 3.60
CA LEU D 352 23.45 -32.50 4.42
C LEU D 352 23.07 -33.79 5.14
N ARG D 353 23.65 -34.91 4.69
CA ARG D 353 23.48 -36.22 5.31
C ARG D 353 24.57 -36.54 6.33
N ALA D 354 25.53 -35.62 6.51
CA ALA D 354 26.69 -35.93 7.33
C ALA D 354 26.33 -36.23 8.80
N ALA D 355 27.05 -37.19 9.39
CA ALA D 355 27.03 -37.46 10.83
C ALA D 355 27.32 -36.19 11.64
N ASP D 356 28.44 -35.55 11.30
CA ASP D 356 28.95 -34.43 12.05
C ASP D 356 28.15 -33.16 11.69
N TYR D 357 27.17 -32.87 12.54
CA TYR D 357 26.36 -31.66 12.44
C TYR D 357 26.44 -30.96 13.75
N GLN D 358 26.77 -29.67 13.71
CA GLN D 358 26.95 -28.84 14.90
C GLN D 358 26.19 -27.52 14.77
N LEU D 359 25.57 -27.13 15.89
CA LEU D 359 24.90 -25.86 16.00
C LEU D 359 25.65 -25.03 17.03
N ALA D 360 25.93 -23.78 16.70
CA ALA D 360 26.56 -22.89 17.66
C ALA D 360 25.95 -21.49 17.61
N VAL D 361 25.98 -20.79 18.75
CA VAL D 361 25.65 -19.36 18.77
C VAL D 361 26.94 -18.57 18.68
N VAL D 362 27.00 -17.64 17.71
CA VAL D 362 28.18 -16.82 17.50
C VAL D 362 27.88 -15.30 17.63
N GLU D 363 28.65 -14.48 16.91
CA GLU D 363 28.53 -13.01 16.99
C GLU D 363 27.08 -12.52 16.99
N GLU D 364 26.72 -11.67 17.95
CA GLU D 364 25.39 -11.04 17.98
C GLU D 364 24.21 -12.05 17.95
N GLY D 365 24.49 -13.31 18.30
CA GLY D 365 23.45 -14.31 18.44
C GLY D 365 23.06 -14.92 17.11
N ILE D 366 23.98 -14.82 16.16
CA ILE D 366 23.81 -15.45 14.88
C ILE D 366 23.92 -16.94 15.10
N VAL D 367 23.08 -17.71 14.42
CA VAL D 367 23.18 -19.17 14.54
C VAL D 367 24.13 -19.68 13.47
N LYS D 368 25.11 -20.48 13.87
CA LYS D 368 26.05 -21.07 12.94
C LYS D 368 25.80 -22.57 12.84
N ILE D 369 25.58 -23.04 11.60
CA ILE D 369 25.41 -24.47 11.31
C ILE D 369 26.61 -24.99 10.50
N THR D 370 27.16 -26.13 10.92
CA THR D 370 28.27 -26.77 10.21
C THR D 370 28.05 -28.27 10.06
N TYR D 371 28.24 -28.77 8.84
CA TYR D 371 28.23 -30.20 8.50
C TYR D 371 29.64 -30.55 8.06
N ARG D 372 30.18 -31.63 8.57
CA ARG D 372 31.51 -32.04 8.15
C ARG D 372 31.48 -33.49 7.72
N ALA D 373 32.06 -33.77 6.56
CA ALA D 373 32.32 -35.14 6.15
C ALA D 373 33.23 -35.23 4.95
N ALA D 374 34.06 -36.29 4.91
CA ALA D 374 34.80 -36.65 3.71
C ALA D 374 35.68 -35.51 3.18
N GLY D 375 36.41 -34.88 4.08
CA GLY D 375 37.29 -33.79 3.73
C GLY D 375 36.63 -32.51 3.24
N GLU D 376 35.33 -32.34 3.50
CA GLU D 376 34.63 -31.10 3.19
C GLU D 376 33.73 -30.72 4.32
N ALA D 377 33.38 -29.42 4.33
CA ALA D 377 32.44 -28.84 5.29
C ALA D 377 31.52 -27.81 4.62
N LEU D 378 30.34 -27.65 5.21
CA LEU D 378 29.41 -26.60 4.83
C LEU D 378 29.14 -25.81 6.09
N THR D 379 29.47 -24.52 6.07
CA THR D 379 29.08 -23.64 7.17
C THR D 379 28.01 -22.65 6.69
N ALA D 380 26.97 -22.50 7.50
CA ALA D 380 25.90 -21.57 7.21
C ALA D 380 25.76 -20.68 8.42
N TRP D 381 25.95 -19.38 8.21
CA TRP D 381 25.63 -18.38 9.23
C TRP D 381 24.24 -17.80 8.93
N ILE D 382 23.33 -17.95 9.88
CA ILE D 382 21.94 -17.56 9.71
C ILE D 382 21.64 -16.52 10.78
N PRO D 383 21.54 -15.25 10.36
CA PRO D 383 21.21 -14.20 11.27
C PRO D 383 19.71 -14.14 11.35
N LEU D 384 19.11 -14.91 12.26
CA LEU D 384 17.65 -15.00 12.28
C LEU D 384 16.97 -13.68 12.64
N LYS D 385 17.67 -12.82 13.38
CA LYS D 385 17.19 -11.52 13.79
C LYS D 385 17.65 -10.35 12.92
N GLY D 386 18.38 -10.64 11.85
CA GLY D 386 18.70 -9.64 10.83
C GLY D 386 20.03 -8.98 11.16
N GLN D 387 20.87 -9.69 11.90
CA GLN D 387 22.10 -9.15 12.42
C GLN D 387 23.10 -8.83 11.29
N VAL D 388 23.67 -7.62 11.36
CA VAL D 388 24.66 -7.19 10.38
C VAL D 388 25.97 -7.09 11.14
N THR D 389 26.89 -8.01 10.89
CA THR D 389 28.09 -8.07 11.70
C THR D 389 29.17 -8.89 11.01
N ALA D 390 30.42 -8.62 11.36
CA ALA D 390 31.53 -9.46 10.98
C ALA D 390 31.49 -10.65 11.92
N VAL D 391 31.72 -11.84 11.37
CA VAL D 391 31.81 -13.04 12.17
C VAL D 391 33.16 -13.70 11.96
N ALA D 392 33.63 -14.41 12.98
CA ALA D 392 34.90 -15.11 12.90
C ALA D 392 34.81 -16.39 12.09
N THR D 393 35.83 -16.60 11.28
CA THR D 393 36.00 -17.84 10.56
C THR D 393 37.47 -18.27 10.57
N LYS D 394 37.73 -19.56 10.43
CA LYS D 394 39.11 -20.06 10.26
C LYS D 394 39.50 -20.20 8.80
N LEU D 395 38.67 -19.69 7.89
CA LEU D 395 38.99 -19.75 6.45
C LEU D 395 40.15 -18.82 6.08
N ALA D 396 41.04 -19.31 5.21
CA ALA D 396 42.12 -18.50 4.67
C ALA D 396 41.48 -17.33 3.94
N ALA D 397 42.15 -16.18 3.93
CA ALA D 397 41.60 -15.00 3.25
C ALA D 397 41.35 -15.29 1.78
N GLY D 398 40.44 -14.52 1.17
CA GLY D 398 40.06 -14.77 -0.20
C GLY D 398 38.56 -14.70 -0.41
N SER D 399 38.15 -14.83 -1.68
CA SER D 399 36.78 -14.68 -2.08
C SER D 399 36.09 -16.05 -2.19
N TYR D 400 35.02 -16.24 -1.44
CA TYR D 400 34.30 -17.50 -1.42
C TYR D 400 32.95 -17.28 -2.07
N GLN D 401 32.32 -18.34 -2.57
CA GLN D 401 30.97 -18.22 -3.09
C GLN D 401 29.98 -18.46 -1.96
N ASN D 402 29.13 -17.47 -1.73
CA ASN D 402 27.93 -17.66 -0.91
C ASN D 402 26.95 -18.51 -1.73
N LEU D 403 26.79 -19.76 -1.35
CA LEU D 403 25.95 -20.67 -2.12
C LEU D 403 24.52 -20.15 -2.28
N LEU D 404 24.09 -19.32 -1.34
CA LEU D 404 22.72 -18.83 -1.37
C LEU D 404 22.49 -17.81 -2.46
N THR D 405 23.52 -17.04 -2.78
CA THR D 405 23.35 -15.92 -3.70
C THR D 405 24.14 -16.10 -4.98
N ASP D 406 25.03 -17.10 -4.99
CA ASP D 406 26.14 -17.20 -5.94
C ASP D 406 27.01 -15.92 -6.03
N GLY D 407 26.92 -15.08 -5.00
CA GLY D 407 27.80 -13.92 -4.88
C GLY D 407 29.08 -14.17 -4.09
N PRO D 408 30.14 -13.38 -4.38
CA PRO D 408 31.39 -13.40 -3.63
C PRO D 408 31.25 -12.94 -2.20
N THR D 409 31.86 -13.69 -1.29
CA THR D 409 31.99 -13.33 0.11
C THR D 409 33.49 -13.29 0.46
N GLU D 410 33.99 -12.11 0.80
CA GLU D 410 35.40 -11.95 1.19
C GLU D 410 35.68 -12.27 2.66
N VAL D 411 36.64 -13.16 2.88
CA VAL D 411 37.22 -13.37 4.20
C VAL D 411 38.46 -12.47 4.31
N VAL D 412 38.48 -11.66 5.36
CA VAL D 412 39.54 -10.67 5.62
C VAL D 412 39.94 -10.82 7.09
N ASP D 413 41.22 -11.11 7.35
CA ASP D 413 41.75 -11.22 8.73
C ASP D 413 40.89 -12.12 9.60
N GLY D 414 40.61 -13.32 9.08
CA GLY D 414 39.77 -14.31 9.75
C GLY D 414 38.36 -13.85 10.11
N LYS D 415 37.84 -12.89 9.36
CA LYS D 415 36.46 -12.38 9.51
C LYS D 415 35.76 -12.33 8.16
N LEU D 416 34.44 -12.46 8.21
CA LEU D 416 33.57 -12.43 7.06
C LEU D 416 32.31 -11.64 7.47
N THR D 417 31.72 -10.89 6.56
CA THR D 417 30.55 -10.06 6.87
C THR D 417 29.25 -10.86 6.67
N VAL D 418 28.40 -10.89 7.68
CA VAL D 418 27.03 -11.38 7.50
C VAL D 418 26.11 -10.15 7.52
N ASP D 419 25.44 -9.87 6.41
CA ASP D 419 24.73 -8.62 6.27
C ASP D 419 23.21 -8.84 6.46
N GLY D 420 22.85 -9.43 7.59
CA GLY D 420 21.43 -9.63 7.94
C GLY D 420 20.69 -10.69 7.12
N GLN D 421 21.43 -11.38 6.27
CA GLN D 421 20.92 -12.47 5.46
C GLN D 421 21.99 -13.57 5.53
N PRO D 422 21.63 -14.83 5.17
CA PRO D 422 22.55 -15.93 5.43
C PRO D 422 23.78 -16.01 4.53
N VAL D 423 24.83 -16.59 5.08
CA VAL D 423 26.06 -16.89 4.36
C VAL D 423 26.34 -18.40 4.46
N LEU D 424 26.34 -19.05 3.31
CA LEU D 424 26.56 -20.49 3.23
C LEU D 424 27.83 -20.68 2.44
N ILE D 425 28.83 -21.34 3.04
CA ILE D 425 30.11 -21.58 2.35
C ILE D 425 30.51 -23.04 2.46
N LYS D 426 30.79 -23.66 1.32
CA LYS D 426 31.28 -25.03 1.27
C LYS D 426 32.77 -24.99 0.98
N TYR D 427 33.56 -25.74 1.74
CA TYR D 427 35.02 -25.67 1.66
C TYR D 427 35.71 -26.98 2.04
N VAL D 428 36.98 -27.12 1.67
CA VAL D 428 37.75 -28.35 1.95
C VAL D 428 38.21 -28.47 3.41
#